data_7X11
#
_entry.id   7X11
#
_cell.length_a   142.697
_cell.length_b   181.685
_cell.length_c   117.625
_cell.angle_alpha   90.000
_cell.angle_beta   90.000
_cell.angle_gamma   90.000
#
_symmetry.space_group_name_H-M   'P 21 21 21'
#
loop_
_entity.id
_entity.type
_entity.pdbx_description
1 polymer 'NADP-dependent malic enzyme'
2 non-polymer 'MANGANESE (II) ION'
3 non-polymer 'NADPH DIHYDRO-NICOTINAMIDE-ADENINE-DINUCLEOTIDE PHOSPHATE'
4 non-polymer 6-[(7-methyl-2-propyl-imidazo[4,5-b]pyridin-4-yl)methyl]-2-[2-(1H-1,2,3,4-tetrazol-5-yl)phenyl]-1,3-benzothiazole
5 water water
#
_entity_poly.entity_id   1
_entity_poly.type   'polypeptide(L)'
_entity_poly.pdbx_seq_one_letter_code
;MEPEAPRRRHTHQRGYLLTRNPHLNKDLAFTLEERQQLNIHGLLPPSFNSQEIQVLRVVKNFEHLNSDFDRYLLLMDLQD
RNEKLFYRVLTSDIEKFMPIVYTPTVGLACQQYSLVFRKPRGLFITIHDRGHIASVLNAWPEDVIKAIVVTDGERILGLG
DLGCNGMGIPVGKLALYTACGGMNPQECLPVILDVGTENEELLKDPLYIGLRQRRVRGSEYDDFLDEFMEAVSSKYGMNC
LIQFEDFANVNAFRLLNKYRNQYCTFNDDIQGTASVAVAGLLAALRITKNKLSDQTILFQGAGEAALGIAHLIVMALEKE
GLPKEKAIKKIWLVDSKGLIVKGRASLTQEKEKFAHEHEEMKNLEAIVQEIKPTALIGVAAIGGAFSEQILKDMAAFNER
PIIFALSNPTSKAECSAEQCYKITKGRAIFASGSPFDPVTLPNGQTLYPGQGNNSYVFPGVALGVVACGLRQITDNIFLT
TAEVIAQQVSDKHLEEGRLYPPLNTIRDVSLKIAEKIVKDAYQEKTATVYPEPQNKEAFVRSQMYSTDYDQILPDCYSWP
EEVQKIQTKVDQ
;
_entity_poly.pdbx_strand_id   A,B,C,D
#
# COMPACT_ATOMS: atom_id res chain seq x y z
N PRO A 6 -8.30 6.67 25.69
CA PRO A 6 -7.91 5.59 24.76
C PRO A 6 -6.55 5.83 24.11
N ARG A 7 -5.84 4.73 23.83
CA ARG A 7 -4.58 4.74 23.11
C ARG A 7 -4.80 5.33 21.71
N ARG A 8 -3.89 6.21 21.29
CA ARG A 8 -3.91 6.71 19.92
C ARG A 8 -2.93 5.89 19.08
N ARG A 9 -3.38 5.44 17.91
CA ARG A 9 -2.47 4.80 16.95
C ARG A 9 -2.89 5.20 15.54
N HIS A 10 -2.27 6.24 14.97
CA HIS A 10 -2.80 6.85 13.75
C HIS A 10 -2.37 6.05 12.53
N THR A 11 -3.31 5.25 11.99
CA THR A 11 -3.02 4.37 10.87
C THR A 11 -2.99 5.13 9.56
N HIS A 12 -2.10 4.70 8.66
CA HIS A 12 -2.05 5.20 7.29
C HIS A 12 -2.93 4.35 6.37
N GLN A 13 -3.49 3.24 6.87
CA GLN A 13 -4.32 2.34 6.07
C GLN A 13 -5.71 2.96 5.87
N ARG A 14 -6.33 2.65 4.73
CA ARG A 14 -7.61 3.22 4.34
C ARG A 14 -8.30 2.21 3.45
N GLY A 15 -9.64 2.22 3.45
CA GLY A 15 -10.36 1.45 2.45
C GLY A 15 -10.51 -0.01 2.86
N TYR A 16 -10.90 -0.86 1.89
CA TYR A 16 -11.17 -2.27 2.11
C TYR A 16 -10.07 -2.97 2.90
N LEU A 17 -8.80 -2.70 2.59
CA LEU A 17 -7.72 -3.49 3.16
C LEU A 17 -7.55 -3.21 4.67
N LEU A 18 -7.96 -2.02 5.15
CA LEU A 18 -7.94 -1.77 6.58
C LEU A 18 -8.86 -2.77 7.29
N THR A 19 -10.03 -3.07 6.68
CA THR A 19 -10.97 -3.97 7.33
C THR A 19 -10.38 -5.37 7.45
N ARG A 20 -9.33 -5.66 6.66
CA ARG A 20 -8.78 -7.02 6.59
C ARG A 20 -7.64 -7.19 7.61
N ASN A 21 -7.25 -6.13 8.31
CA ASN A 21 -6.25 -6.20 9.37
C ASN A 21 -6.93 -6.35 10.74
N PRO A 22 -6.77 -7.49 11.44
CA PRO A 22 -7.54 -7.72 12.66
C PRO A 22 -7.16 -6.81 13.83
N HIS A 23 -5.99 -6.13 13.73
CA HIS A 23 -5.64 -5.08 14.66
C HIS A 23 -6.25 -3.72 14.33
N LEU A 24 -6.73 -3.51 13.10
CA LEU A 24 -7.36 -2.24 12.79
C LEU A 24 -8.89 -2.33 12.84
N ASN A 25 -9.42 -3.51 12.47
CA ASN A 25 -10.84 -3.71 12.25
C ASN A 25 -11.66 -3.69 13.55
N LYS A 26 -12.73 -2.89 13.55
CA LYS A 26 -13.65 -2.79 14.67
C LYS A 26 -15.05 -3.35 14.32
N ASP A 27 -15.24 -3.77 13.06
CA ASP A 27 -16.58 -4.15 12.58
C ASP A 27 -17.51 -2.98 12.82
N LEU A 28 -18.68 -3.29 13.39
CA LEU A 28 -19.76 -2.33 13.49
C LEU A 28 -19.50 -1.26 14.57
N ALA A 29 -18.42 -1.41 15.35
CA ALA A 29 -18.05 -0.42 16.36
C ALA A 29 -17.45 0.84 15.73
N PHE A 30 -17.00 0.76 14.46
CA PHE A 30 -16.62 1.95 13.73
C PHE A 30 -17.80 2.93 13.64
N THR A 31 -17.58 4.16 14.11
CA THR A 31 -18.60 5.18 14.02
C THR A 31 -18.75 5.63 12.58
N LEU A 32 -19.80 6.42 12.31
CA LEU A 32 -20.02 6.95 10.98
C LEU A 32 -18.82 7.80 10.58
N GLU A 33 -18.36 8.61 11.53
CA GLU A 33 -17.26 9.52 11.29
C GLU A 33 -15.99 8.74 10.96
N GLU A 34 -15.73 7.66 11.70
CA GLU A 34 -14.60 6.79 11.43
C GLU A 34 -14.72 6.14 10.05
N ARG A 35 -15.89 5.58 9.73
CA ARG A 35 -16.05 4.92 8.44
C ARG A 35 -15.76 5.87 7.28
N GLN A 36 -16.32 7.09 7.33
CA GLN A 36 -16.14 8.01 6.22
C GLN A 36 -14.67 8.43 6.14
N GLN A 37 -14.03 8.60 7.30
CA GLN A 37 -12.66 9.09 7.31
C GLN A 37 -11.70 7.98 6.88
N LEU A 38 -12.06 6.72 7.18
CA LEU A 38 -11.22 5.60 6.82
C LEU A 38 -11.54 5.09 5.40
N ASN A 39 -12.50 5.75 4.75
CA ASN A 39 -12.92 5.41 3.40
C ASN A 39 -13.50 3.98 3.40
N ILE A 40 -14.26 3.59 4.43
CA ILE A 40 -14.97 2.31 4.38
C ILE A 40 -16.48 2.51 4.51
N HIS A 41 -16.97 3.75 4.46
CA HIS A 41 -18.41 3.91 4.60
C HIS A 41 -19.12 3.25 3.41
N GLY A 42 -19.96 2.26 3.74
CA GLY A 42 -20.65 1.46 2.75
C GLY A 42 -20.25 -0.03 2.75
N LEU A 43 -19.12 -0.35 3.39
CA LEU A 43 -18.67 -1.74 3.42
C LEU A 43 -19.28 -2.47 4.61
N LEU A 44 -20.01 -1.71 5.44
CA LEU A 44 -20.60 -2.22 6.66
C LEU A 44 -22.06 -1.82 6.67
N PRO A 45 -22.96 -2.66 7.23
CA PRO A 45 -24.36 -2.31 7.32
C PRO A 45 -24.51 -1.11 8.24
N PRO A 46 -25.62 -0.35 8.14
CA PRO A 46 -25.74 0.97 8.77
C PRO A 46 -26.20 1.04 10.22
N SER A 47 -25.49 0.35 11.12
CA SER A 47 -25.76 0.36 12.54
C SER A 47 -24.42 0.41 13.25
N PHE A 48 -24.45 0.95 14.46
CA PHE A 48 -23.26 1.26 15.22
C PHE A 48 -23.37 0.56 16.57
N ASN A 49 -22.40 -0.31 16.84
CA ASN A 49 -22.48 -1.19 17.99
C ASN A 49 -21.45 -0.69 18.99
N SER A 50 -21.85 -0.68 20.27
CA SER A 50 -20.91 -0.71 21.39
C SER A 50 -20.26 -2.09 21.46
N GLN A 51 -19.10 -2.16 22.12
CA GLN A 51 -18.38 -3.41 22.28
C GLN A 51 -19.26 -4.44 23.00
N GLU A 52 -20.10 -3.97 23.92
CA GLU A 52 -21.03 -4.82 24.65
C GLU A 52 -22.06 -5.42 23.70
N ILE A 53 -22.54 -4.64 22.72
CA ILE A 53 -23.42 -5.20 21.71
C ILE A 53 -22.69 -6.27 20.89
N GLN A 54 -21.40 -6.05 20.57
CA GLN A 54 -20.62 -7.00 19.76
C GLN A 54 -20.41 -8.28 20.54
N VAL A 55 -20.14 -8.14 21.85
CA VAL A 55 -19.98 -9.31 22.70
C VAL A 55 -21.29 -10.09 22.77
N LEU A 56 -22.42 -9.40 22.86
CA LEU A 56 -23.71 -10.10 22.94
C LEU A 56 -23.93 -10.96 21.70
N ARG A 57 -23.59 -10.44 20.52
CA ARG A 57 -23.78 -11.15 19.27
C ARG A 57 -22.95 -12.43 19.30
N VAL A 58 -21.68 -12.31 19.69
CA VAL A 58 -20.79 -13.46 19.67
C VAL A 58 -21.28 -14.53 20.66
N VAL A 59 -21.74 -14.12 21.84
CA VAL A 59 -22.12 -15.09 22.87
C VAL A 59 -23.38 -15.85 22.43
N LYS A 60 -24.37 -15.12 21.89
CA LYS A 60 -25.58 -15.74 21.36
C LYS A 60 -25.20 -16.84 20.37
N ASN A 61 -24.29 -16.53 19.43
CA ASN A 61 -23.79 -17.54 18.50
C ASN A 61 -23.12 -18.68 19.27
N PHE A 62 -22.31 -18.31 20.27
CA PHE A 62 -21.50 -19.25 21.02
C PHE A 62 -22.41 -20.28 21.69
N GLU A 63 -23.51 -19.78 22.26
CA GLU A 63 -24.41 -20.65 22.98
C GLU A 63 -25.22 -21.57 22.05
N HIS A 64 -25.44 -21.17 20.79
CA HIS A 64 -26.19 -21.97 19.83
C HIS A 64 -25.38 -23.16 19.32
N LEU A 65 -24.07 -23.19 19.63
CA LEU A 65 -23.17 -24.25 19.17
C LEU A 65 -23.26 -25.44 20.11
N ASN A 66 -22.86 -26.61 19.62
CA ASN A 66 -23.17 -27.88 20.27
C ASN A 66 -21.91 -28.60 20.75
N SER A 67 -20.71 -28.18 20.32
CA SER A 67 -19.53 -28.86 20.81
C SER A 67 -18.46 -27.84 21.21
N ASP A 68 -17.46 -28.29 21.98
CA ASP A 68 -16.34 -27.46 22.38
C ASP A 68 -15.51 -27.11 21.15
N PHE A 69 -15.39 -28.09 20.24
CA PHE A 69 -14.68 -27.86 18.99
C PHE A 69 -15.35 -26.76 18.17
N ASP A 70 -16.67 -26.85 17.96
CA ASP A 70 -17.37 -25.79 17.24
C ASP A 70 -17.15 -24.43 17.92
N ARG A 71 -17.12 -24.43 19.26
CA ARG A 71 -16.89 -23.22 20.03
C ARG A 71 -15.49 -22.66 19.76
N TYR A 72 -14.49 -23.55 19.67
CA TYR A 72 -13.13 -23.15 19.40
C TYR A 72 -13.02 -22.51 18.00
N LEU A 73 -13.63 -23.16 17.00
CA LEU A 73 -13.60 -22.66 15.62
C LEU A 73 -14.23 -21.27 15.54
N LEU A 74 -15.30 -21.07 16.31
CA LEU A 74 -15.98 -19.78 16.26
C LEU A 74 -15.06 -18.67 16.80
N LEU A 75 -14.44 -18.93 17.95
CA LEU A 75 -13.61 -17.92 18.59
C LEU A 75 -12.36 -17.64 17.75
N MET A 76 -11.85 -18.67 17.05
CA MET A 76 -10.64 -18.52 16.24
C MET A 76 -10.96 -17.67 15.02
N ASP A 77 -12.17 -17.85 14.47
CA ASP A 77 -12.64 -17.00 13.38
C ASP A 77 -12.70 -15.55 13.88
N LEU A 78 -13.16 -15.37 15.13
CA LEU A 78 -13.22 -14.05 15.74
C LEU A 78 -11.81 -13.48 15.87
N GLN A 79 -10.85 -14.29 16.37
CA GLN A 79 -9.50 -13.80 16.57
C GLN A 79 -8.95 -13.21 15.27
N ASP A 80 -9.34 -13.80 14.14
CA ASP A 80 -8.71 -13.48 12.86
C ASP A 80 -9.46 -12.38 12.11
N ARG A 81 -10.52 -11.84 12.72
CA ARG A 81 -11.35 -10.77 12.15
C ARG A 81 -11.14 -9.48 12.96
N ASN A 82 -11.14 -9.60 14.29
CA ASN A 82 -11.19 -8.46 15.19
C ASN A 82 -10.49 -8.83 16.50
N GLU A 83 -9.22 -8.44 16.62
CA GLU A 83 -8.41 -8.94 17.73
C GLU A 83 -8.96 -8.46 19.07
N LYS A 84 -9.33 -7.19 19.17
CA LYS A 84 -9.79 -6.57 20.40
C LYS A 84 -11.11 -7.20 20.85
N LEU A 85 -12.04 -7.43 19.90
CA LEU A 85 -13.29 -8.07 20.28
C LEU A 85 -13.00 -9.49 20.78
N PHE A 86 -12.16 -10.23 20.04
CA PHE A 86 -11.70 -11.54 20.49
C PHE A 86 -11.27 -11.52 21.97
N TYR A 87 -10.39 -10.58 22.36
CA TYR A 87 -9.92 -10.50 23.74
C TYR A 87 -10.98 -9.92 24.68
N ARG A 88 -11.90 -9.10 24.14
CA ARG A 88 -12.97 -8.63 25.01
C ARG A 88 -13.81 -9.83 25.45
N VAL A 89 -14.06 -10.75 24.51
CA VAL A 89 -14.88 -11.93 24.73
C VAL A 89 -14.18 -12.84 25.72
N LEU A 90 -12.88 -13.09 25.47
CA LEU A 90 -12.10 -14.02 26.29
C LEU A 90 -12.09 -13.53 27.73
N THR A 91 -11.88 -12.22 27.92
CA THR A 91 -11.71 -11.68 29.27
C THR A 91 -13.06 -11.43 29.95
N SER A 92 -14.16 -11.52 29.21
CA SER A 92 -15.46 -11.32 29.81
C SER A 92 -15.81 -12.50 30.72
N ASP A 93 -15.06 -13.60 30.61
CA ASP A 93 -15.29 -14.77 31.44
C ASP A 93 -14.15 -15.75 31.20
N ILE A 94 -13.00 -15.40 31.77
CA ILE A 94 -11.73 -16.06 31.48
C ILE A 94 -11.84 -17.54 31.80
N GLU A 95 -12.59 -17.85 32.85
CA GLU A 95 -12.73 -19.23 33.33
C GLU A 95 -13.51 -20.04 32.31
N LYS A 96 -14.54 -19.43 31.72
CA LYS A 96 -15.27 -20.11 30.67
C LYS A 96 -14.41 -20.34 29.42
N PHE A 97 -13.62 -19.34 28.99
CA PHE A 97 -13.08 -19.34 27.62
C PHE A 97 -11.69 -19.95 27.53
N MET A 98 -10.87 -19.81 28.59
CA MET A 98 -9.59 -20.48 28.64
C MET A 98 -9.70 -21.91 28.13
N PRO A 99 -10.55 -22.81 28.70
CA PRO A 99 -10.57 -24.21 28.29
C PRO A 99 -11.07 -24.47 26.85
N ILE A 100 -11.57 -23.41 26.21
CA ILE A 100 -12.04 -23.47 24.82
C ILE A 100 -10.89 -23.09 23.86
N VAL A 101 -10.17 -21.99 24.14
CA VAL A 101 -9.12 -21.57 23.21
C VAL A 101 -7.80 -22.30 23.52
N TYR A 102 -7.63 -22.76 24.75
CA TYR A 102 -6.46 -23.53 25.13
C TYR A 102 -6.91 -24.92 25.62
N THR A 103 -6.13 -25.53 26.51
CA THR A 103 -6.43 -26.91 26.88
C THR A 103 -7.75 -26.95 27.65
N PRO A 104 -8.52 -28.05 27.59
CA PRO A 104 -8.18 -29.22 26.78
C PRO A 104 -8.55 -29.17 25.29
N THR A 105 -9.49 -28.30 24.90
CA THR A 105 -10.02 -28.29 23.55
C THR A 105 -8.95 -28.13 22.45
N VAL A 106 -7.91 -27.33 22.70
CA VAL A 106 -6.90 -27.05 21.67
C VAL A 106 -6.22 -28.37 21.25
N GLY A 107 -6.22 -29.35 22.15
CA GLY A 107 -5.84 -30.72 21.88
C GLY A 107 -6.59 -31.27 20.66
N LEU A 108 -7.92 -31.25 20.71
CA LEU A 108 -8.71 -31.75 19.58
C LEU A 108 -8.45 -30.90 18.34
N ALA A 109 -8.16 -29.62 18.56
CA ALA A 109 -7.96 -28.76 17.40
C ALA A 109 -6.67 -29.16 16.70
N CYS A 110 -5.65 -29.56 17.47
CA CYS A 110 -4.38 -29.95 16.87
C CYS A 110 -4.54 -31.29 16.16
N GLN A 111 -5.33 -32.20 16.74
CA GLN A 111 -5.56 -33.45 16.04
C GLN A 111 -6.24 -33.16 14.71
N GLN A 112 -7.10 -32.13 14.69
CA GLN A 112 -7.95 -31.88 13.55
C GLN A 112 -7.44 -30.72 12.68
N TYR A 113 -6.21 -30.26 12.94
CA TYR A 113 -5.67 -29.04 12.36
C TYR A 113 -5.64 -29.08 10.83
N SER A 114 -5.13 -30.19 10.28
CA SER A 114 -5.01 -30.36 8.84
C SER A 114 -6.38 -30.44 8.17
N LEU A 115 -7.39 -30.97 8.89
CA LEU A 115 -8.73 -31.10 8.32
C LEU A 115 -9.41 -29.73 8.28
N VAL A 116 -9.30 -28.95 9.35
CA VAL A 116 -10.11 -27.77 9.52
C VAL A 116 -9.33 -26.51 9.12
N PHE A 117 -8.07 -26.67 8.68
CA PHE A 117 -7.21 -25.56 8.34
C PHE A 117 -7.93 -24.57 7.42
N ARG A 118 -8.11 -23.34 7.92
CA ARG A 118 -8.88 -22.33 7.21
C ARG A 118 -8.01 -21.09 7.07
N LYS A 119 -8.09 -20.20 8.06
CA LYS A 119 -7.21 -19.04 8.01
C LYS A 119 -5.98 -19.29 8.88
N PRO A 120 -4.78 -19.20 8.27
CA PRO A 120 -3.53 -19.48 8.97
C PRO A 120 -3.25 -18.45 10.05
N ARG A 121 -2.48 -18.88 11.05
CA ARG A 121 -2.05 -18.04 12.16
C ARG A 121 -0.61 -18.43 12.48
N GLY A 122 0.27 -17.46 12.69
CA GLY A 122 1.64 -17.81 13.03
C GLY A 122 2.57 -18.02 11.82
N LEU A 123 3.84 -18.25 12.14
CA LEU A 123 4.93 -18.41 11.19
C LEU A 123 5.37 -19.87 11.21
N PHE A 124 5.42 -20.47 10.01
CA PHE A 124 5.94 -21.80 9.78
C PHE A 124 7.35 -21.70 9.20
N ILE A 125 8.32 -22.25 9.94
CA ILE A 125 9.71 -22.34 9.56
C ILE A 125 10.06 -23.82 9.50
N THR A 126 10.62 -24.25 8.37
CA THR A 126 10.91 -25.66 8.17
C THR A 126 12.40 -25.86 7.98
N ILE A 127 12.84 -27.11 8.15
CA ILE A 127 14.24 -27.48 8.08
C ILE A 127 14.78 -27.15 6.69
N HIS A 128 13.93 -27.12 5.66
CA HIS A 128 14.38 -26.80 4.32
C HIS A 128 14.58 -25.29 4.08
N ASP A 129 14.35 -24.48 5.12
CA ASP A 129 14.59 -23.05 5.13
C ASP A 129 15.87 -22.74 5.89
N ARG A 130 16.59 -23.83 6.24
CA ARG A 130 17.91 -23.75 6.86
C ARG A 130 18.77 -22.79 6.04
N GLY A 131 19.43 -21.86 6.72
CA GLY A 131 20.24 -20.88 6.03
C GLY A 131 19.45 -19.66 5.55
N HIS A 132 18.12 -19.66 5.72
CA HIS A 132 17.27 -18.61 5.17
C HIS A 132 16.19 -18.17 6.17
N ILE A 133 16.40 -18.45 7.47
CA ILE A 133 15.38 -18.16 8.48
C ILE A 133 15.11 -16.65 8.55
N ALA A 134 16.16 -15.84 8.38
CA ALA A 134 16.03 -14.39 8.41
C ALA A 134 14.96 -13.92 7.43
N SER A 135 14.98 -14.45 6.20
CA SER A 135 14.00 -14.00 5.21
C SER A 135 12.62 -14.60 5.45
N VAL A 136 12.52 -15.74 6.15
CA VAL A 136 11.21 -16.24 6.57
C VAL A 136 10.58 -15.25 7.55
N LEU A 137 11.39 -14.74 8.49
CA LEU A 137 10.91 -13.76 9.46
C LEU A 137 10.33 -12.52 8.76
N ASN A 138 10.85 -12.19 7.57
CA ASN A 138 10.57 -10.95 6.87
C ASN A 138 9.12 -10.96 6.44
N ALA A 139 8.51 -12.15 6.36
CA ALA A 139 7.14 -12.24 5.88
C ALA A 139 6.16 -11.83 6.98
N TRP A 140 6.60 -11.82 8.24
CA TRP A 140 5.69 -11.50 9.34
C TRP A 140 5.38 -10.01 9.30
N PRO A 141 4.09 -9.58 9.34
CA PRO A 141 3.78 -8.16 9.13
C PRO A 141 3.98 -7.26 10.34
N GLU A 142 4.44 -7.81 11.48
CA GLU A 142 4.67 -6.95 12.64
C GLU A 142 6.15 -6.94 12.92
N ASP A 143 6.74 -5.74 13.00
CA ASP A 143 8.18 -5.60 13.11
C ASP A 143 8.61 -5.67 14.58
N VAL A 144 7.72 -5.21 15.49
CA VAL A 144 8.08 -5.12 16.90
C VAL A 144 7.52 -6.36 17.59
N ILE A 145 8.37 -7.34 17.94
CA ILE A 145 7.92 -8.56 18.58
C ILE A 145 8.64 -8.68 19.92
N LYS A 146 7.88 -9.00 20.99
CA LYS A 146 8.40 -9.06 22.35
C LYS A 146 8.31 -10.46 22.94
N ALA A 147 7.39 -11.30 22.42
CA ALA A 147 7.23 -12.68 22.87
C ALA A 147 6.94 -13.64 21.71
N ILE A 148 7.72 -14.74 21.69
CA ILE A 148 7.59 -15.86 20.77
C ILE A 148 7.24 -17.10 21.61
N VAL A 149 6.29 -17.90 21.10
CA VAL A 149 6.14 -19.27 21.53
C VAL A 149 6.41 -20.17 20.33
N VAL A 150 7.31 -21.16 20.53
CA VAL A 150 7.76 -22.02 19.46
C VAL A 150 7.62 -23.48 19.90
N THR A 151 7.14 -24.33 18.98
CA THR A 151 7.08 -25.78 19.19
C THR A 151 7.64 -26.46 17.95
N ASP A 152 8.05 -27.73 18.07
CA ASP A 152 8.38 -28.54 16.90
C ASP A 152 7.34 -29.64 16.73
N GLY A 153 6.33 -29.58 17.61
CA GLY A 153 5.16 -30.45 17.60
C GLY A 153 5.48 -31.88 18.02
N GLU A 154 6.68 -32.09 18.59
CA GLU A 154 7.05 -33.48 18.81
C GLU A 154 6.32 -34.06 20.02
N ARG A 155 5.85 -33.19 20.94
CA ARG A 155 5.19 -33.71 22.13
C ARG A 155 4.10 -32.75 22.58
N ILE A 156 2.96 -32.80 21.87
CA ILE A 156 1.84 -31.90 22.09
C ILE A 156 0.96 -32.52 23.18
N LEU A 157 0.87 -31.80 24.30
CA LEU A 157 0.06 -32.25 25.43
C LEU A 157 0.36 -33.71 25.70
N GLY A 158 -0.70 -34.53 25.80
CA GLY A 158 -0.57 -35.97 25.96
C GLY A 158 -0.82 -36.69 24.63
N LEU A 159 -0.64 -35.98 23.50
CA LEU A 159 -1.10 -36.52 22.24
C LEU A 159 0.06 -36.99 21.37
N GLY A 160 1.28 -36.73 21.82
CA GLY A 160 2.48 -37.12 21.12
C GLY A 160 2.80 -36.19 19.94
N ASP A 161 3.37 -36.81 18.91
CA ASP A 161 3.91 -36.14 17.73
C ASP A 161 2.75 -35.79 16.83
N LEU A 162 2.45 -34.49 16.71
CA LEU A 162 1.43 -34.09 15.75
C LEU A 162 2.06 -33.23 14.66
N GLY A 163 3.39 -33.17 14.68
CA GLY A 163 4.14 -32.42 13.67
C GLY A 163 3.56 -31.02 13.50
N CYS A 164 3.21 -30.67 12.24
CA CYS A 164 2.83 -29.30 11.91
C CYS A 164 1.46 -28.96 12.48
N ASN A 165 0.67 -29.99 12.80
CA ASN A 165 -0.63 -29.82 13.42
C ASN A 165 -0.47 -29.21 14.80
N GLY A 166 0.76 -29.19 15.34
CA GLY A 166 1.01 -28.63 16.67
C GLY A 166 1.01 -27.09 16.75
N MET A 167 0.67 -26.43 15.62
CA MET A 167 0.62 -24.98 15.54
C MET A 167 -0.51 -24.46 16.43
N GLY A 168 -1.53 -25.28 16.72
CA GLY A 168 -2.58 -24.86 17.63
C GLY A 168 -2.04 -24.45 19.01
N ILE A 169 -0.93 -25.07 19.42
CA ILE A 169 -0.43 -24.82 20.76
C ILE A 169 0.18 -23.41 20.90
N PRO A 170 1.19 -23.00 20.10
CA PRO A 170 1.70 -21.63 20.20
C PRO A 170 0.59 -20.59 20.06
N VAL A 171 -0.35 -20.82 19.13
CA VAL A 171 -1.44 -19.88 18.89
C VAL A 171 -2.30 -19.74 20.16
N GLY A 172 -2.79 -20.85 20.70
CA GLY A 172 -3.64 -20.79 21.89
C GLY A 172 -2.88 -20.35 23.15
N LYS A 173 -1.60 -20.70 23.22
CA LYS A 173 -0.80 -20.26 24.36
C LYS A 173 -0.67 -18.74 24.40
N LEU A 174 -0.38 -18.14 23.24
CA LEU A 174 -0.19 -16.70 23.18
C LEU A 174 -1.51 -16.00 23.39
N ALA A 175 -2.62 -16.63 22.99
CA ALA A 175 -3.94 -16.15 23.38
C ALA A 175 -4.03 -15.90 24.90
N LEU A 176 -3.41 -16.79 25.69
CA LEU A 176 -3.54 -16.73 27.14
C LEU A 176 -2.54 -15.72 27.70
N TYR A 177 -1.37 -15.61 27.03
CA TYR A 177 -0.40 -14.55 27.30
C TYR A 177 -1.08 -13.20 27.34
N THR A 178 -2.00 -12.98 26.38
CA THR A 178 -2.76 -11.74 26.23
C THR A 178 -3.93 -11.72 27.21
N ALA A 179 -4.80 -12.72 27.14
CA ALA A 179 -6.00 -12.77 27.96
C ALA A 179 -5.67 -12.75 29.45
N CYS A 180 -4.60 -13.47 29.85
CA CYS A 180 -4.32 -13.71 31.26
C CYS A 180 -3.29 -12.74 31.81
N GLY A 181 -2.36 -12.32 30.96
CA GLY A 181 -1.18 -11.58 31.38
C GLY A 181 -1.09 -10.19 30.74
N GLY A 182 -1.95 -9.90 29.76
CA GLY A 182 -2.01 -8.57 29.15
C GLY A 182 -0.82 -8.30 28.23
N MET A 183 -0.15 -9.34 27.70
CA MET A 183 0.79 -9.15 26.60
C MET A 183 0.08 -8.62 25.36
N ASN A 184 0.72 -7.65 24.67
CA ASN A 184 0.12 -7.06 23.49
C ASN A 184 0.20 -8.09 22.36
N PRO A 185 -0.96 -8.58 21.84
CA PRO A 185 -0.95 -9.67 20.86
C PRO A 185 -0.19 -9.30 19.59
N GLN A 186 -0.14 -8.01 19.28
CA GLN A 186 0.54 -7.51 18.09
C GLN A 186 2.06 -7.69 18.23
N GLU A 187 2.54 -7.91 19.45
CA GLU A 187 3.97 -8.11 19.73
C GLU A 187 4.25 -9.58 20.01
N CYS A 188 3.26 -10.43 19.71
CA CYS A 188 3.40 -11.86 19.96
C CYS A 188 3.49 -12.63 18.66
N LEU A 189 4.38 -13.63 18.64
CA LEU A 189 4.66 -14.36 17.41
C LEU A 189 4.65 -15.85 17.68
N PRO A 190 3.63 -16.61 17.21
CA PRO A 190 3.62 -18.06 17.35
C PRO A 190 4.38 -18.70 16.17
N VAL A 191 5.25 -19.65 16.51
CA VAL A 191 6.11 -20.32 15.54
C VAL A 191 5.97 -21.83 15.69
N ILE A 192 5.92 -22.52 14.55
CA ILE A 192 6.19 -23.95 14.48
C ILE A 192 7.41 -24.18 13.60
N LEU A 193 8.33 -24.99 14.13
CA LEU A 193 9.48 -25.51 13.40
C LEU A 193 9.09 -26.91 12.91
N ASP A 194 9.01 -27.06 11.59
CA ASP A 194 8.62 -28.34 11.00
C ASP A 194 9.87 -28.97 10.43
N VAL A 195 10.27 -30.08 11.05
CA VAL A 195 11.44 -30.82 10.65
C VAL A 195 11.00 -32.19 10.16
N GLY A 196 9.67 -32.35 10.03
CA GLY A 196 9.08 -33.64 9.74
C GLY A 196 8.26 -34.16 10.91
N THR A 197 7.71 -35.36 10.77
CA THR A 197 6.95 -35.97 11.85
C THR A 197 7.19 -37.48 11.84
N GLU A 198 7.00 -38.11 13.00
CA GLU A 198 7.03 -39.56 13.14
C GLU A 198 5.60 -40.09 13.19
N ASN A 199 4.60 -39.19 13.02
CA ASN A 199 3.20 -39.58 13.14
C ASN A 199 2.73 -40.22 11.84
N GLU A 200 2.39 -41.52 11.94
CA GLU A 200 2.21 -42.35 10.76
C GLU A 200 0.89 -42.03 10.06
N GLU A 201 -0.16 -41.77 10.84
CA GLU A 201 -1.43 -41.36 10.26
C GLU A 201 -1.22 -40.12 9.41
N LEU A 202 -0.40 -39.18 9.93
CA LEU A 202 -0.29 -37.89 9.28
C LEU A 202 0.54 -38.06 8.01
N LEU A 203 1.52 -38.98 8.04
CA LEU A 203 2.31 -39.26 6.85
C LEU A 203 1.44 -39.85 5.75
N LYS A 204 0.38 -40.56 6.14
CA LYS A 204 -0.56 -41.18 5.21
C LYS A 204 -1.65 -40.18 4.80
N ASP A 205 -1.84 -39.11 5.58
CA ASP A 205 -3.05 -38.30 5.41
C ASP A 205 -2.91 -37.37 4.20
N PRO A 206 -3.80 -37.48 3.18
CA PRO A 206 -3.67 -36.63 1.98
C PRO A 206 -3.78 -35.14 2.32
N LEU A 207 -4.42 -34.83 3.46
CA LEU A 207 -4.77 -33.48 3.89
C LEU A 207 -3.71 -32.87 4.81
N TYR A 208 -2.67 -33.62 5.20
CA TYR A 208 -1.70 -33.12 6.17
C TYR A 208 -1.00 -31.86 5.65
N ILE A 209 -0.89 -30.83 6.50
CA ILE A 209 -0.38 -29.53 6.07
C ILE A 209 1.14 -29.41 6.26
N GLY A 210 1.76 -30.44 6.86
CA GLY A 210 3.18 -30.38 7.19
C GLY A 210 4.08 -31.07 6.16
N LEU A 211 5.39 -31.04 6.42
CA LEU A 211 6.36 -31.77 5.60
C LEU A 211 6.06 -33.25 5.75
N ARG A 212 5.71 -33.88 4.63
CA ARG A 212 5.45 -35.31 4.56
C ARG A 212 6.77 -36.05 4.53
N GLN A 213 7.50 -36.05 5.65
CA GLN A 213 8.73 -36.81 5.81
C GLN A 213 8.94 -37.07 7.31
N ARG A 214 9.92 -37.94 7.63
CA ARG A 214 10.29 -38.26 9.01
C ARG A 214 11.08 -37.09 9.61
N ARG A 215 11.11 -37.01 10.94
CA ARG A 215 11.83 -35.95 11.63
C ARG A 215 13.32 -35.99 11.28
N VAL A 216 13.89 -34.83 10.94
CA VAL A 216 15.33 -34.67 10.84
C VAL A 216 15.88 -34.60 12.27
N ARG A 217 16.92 -35.40 12.56
CA ARG A 217 17.51 -35.54 13.88
C ARG A 217 18.96 -35.06 13.85
N GLY A 218 19.69 -35.30 14.95
CA GLY A 218 21.12 -35.08 15.04
C GLY A 218 21.53 -33.62 14.87
N SER A 219 22.74 -33.41 14.35
CA SER A 219 23.40 -32.13 14.45
C SER A 219 22.86 -31.14 13.42
N GLU A 220 22.12 -31.66 12.42
CA GLU A 220 21.41 -30.83 11.47
C GLU A 220 20.20 -30.19 12.14
N TYR A 221 19.46 -31.00 12.92
CA TYR A 221 18.44 -30.44 13.78
C TYR A 221 19.05 -29.34 14.65
N ASP A 222 20.15 -29.65 15.34
CA ASP A 222 20.78 -28.73 16.28
C ASP A 222 21.20 -27.43 15.62
N ASP A 223 21.71 -27.51 14.38
CA ASP A 223 22.20 -26.31 13.72
C ASP A 223 21.01 -25.44 13.24
N PHE A 224 19.92 -26.08 12.84
CA PHE A 224 18.67 -25.40 12.52
C PHE A 224 18.12 -24.66 13.74
N LEU A 225 18.09 -25.30 14.92
CA LEU A 225 17.65 -24.63 16.12
C LEU A 225 18.60 -23.48 16.44
N ASP A 226 19.90 -23.68 16.20
CA ASP A 226 20.84 -22.61 16.46
C ASP A 226 20.45 -21.40 15.60
N GLU A 227 20.26 -21.62 14.29
CA GLU A 227 19.97 -20.52 13.39
C GLU A 227 18.66 -19.86 13.83
N PHE A 228 17.66 -20.68 14.22
CA PHE A 228 16.41 -20.09 14.63
C PHE A 228 16.67 -19.06 15.74
N MET A 229 17.45 -19.45 16.75
CA MET A 229 17.73 -18.56 17.86
C MET A 229 18.48 -17.31 17.44
N GLU A 230 19.50 -17.42 16.57
CA GLU A 230 20.23 -16.20 16.18
C GLU A 230 19.33 -15.26 15.38
N ALA A 231 18.55 -15.82 14.44
CA ALA A 231 17.77 -15.02 13.52
C ALA A 231 16.73 -14.20 14.29
N VAL A 232 16.04 -14.86 15.20
CA VAL A 232 14.94 -14.24 15.92
C VAL A 232 15.49 -13.14 16.83
N SER A 233 16.52 -13.43 17.61
CA SER A 233 17.08 -12.48 18.56
C SER A 233 17.78 -11.35 17.79
N SER A 234 18.34 -11.70 16.63
CA SER A 234 18.95 -10.71 15.77
C SER A 234 17.91 -9.69 15.28
N LYS A 235 16.78 -10.18 14.78
CA LYS A 235 15.78 -9.32 14.16
C LYS A 235 14.96 -8.56 15.22
N TYR A 236 14.58 -9.23 16.33
CA TYR A 236 13.64 -8.66 17.28
C TYR A 236 14.33 -8.09 18.52
N GLY A 237 15.66 -8.27 18.61
CA GLY A 237 16.47 -7.82 19.74
C GLY A 237 16.66 -8.94 20.77
N MET A 238 17.66 -8.78 21.63
CA MET A 238 18.02 -9.82 22.59
C MET A 238 17.03 -9.85 23.76
N ASN A 239 16.16 -8.84 23.86
CA ASN A 239 15.17 -8.76 24.93
C ASN A 239 13.87 -9.46 24.53
N CYS A 240 13.85 -10.04 23.33
CA CYS A 240 12.65 -10.70 22.88
C CYS A 240 12.53 -12.04 23.59
N LEU A 241 11.38 -12.28 24.25
CA LEU A 241 11.20 -13.53 24.99
C LEU A 241 10.93 -14.69 24.03
N ILE A 242 11.61 -15.82 24.26
CA ILE A 242 11.53 -17.01 23.43
C ILE A 242 11.13 -18.18 24.33
N GLN A 243 9.86 -18.61 24.23
CA GLN A 243 9.38 -19.65 25.11
C GLN A 243 9.17 -20.92 24.30
N PHE A 244 9.86 -21.99 24.69
CA PHE A 244 9.72 -23.30 24.06
C PHE A 244 8.55 -24.07 24.68
N GLU A 245 7.85 -24.86 23.86
CA GLU A 245 6.71 -25.62 24.32
C GLU A 245 6.60 -26.92 23.51
N ASP A 246 6.35 -28.01 24.20
CA ASP A 246 5.91 -29.23 23.57
C ASP A 246 6.98 -29.78 22.63
N PHE A 247 8.26 -29.57 22.97
CA PHE A 247 9.35 -30.37 22.43
C PHE A 247 9.37 -31.76 23.07
N ALA A 248 10.03 -32.72 22.41
CA ALA A 248 10.27 -34.04 22.97
C ALA A 248 11.12 -33.91 24.23
N ASN A 249 10.99 -34.88 25.14
CA ASN A 249 11.70 -34.92 26.41
C ASN A 249 13.20 -34.62 26.29
N VAL A 250 13.85 -35.27 25.33
CA VAL A 250 15.28 -35.22 25.10
C VAL A 250 15.72 -33.84 24.60
N ASN A 251 14.86 -33.14 23.86
CA ASN A 251 15.21 -31.83 23.34
C ASN A 251 14.90 -30.74 24.36
N ALA A 252 13.78 -30.88 25.07
CA ALA A 252 13.28 -29.80 25.93
C ALA A 252 14.36 -29.36 26.93
N PHE A 253 14.82 -30.28 27.78
CA PHE A 253 15.84 -29.96 28.76
C PHE A 253 17.15 -29.55 28.08
N ARG A 254 17.53 -30.30 27.04
CA ARG A 254 18.81 -30.10 26.35
C ARG A 254 18.84 -28.65 25.83
N LEU A 255 17.80 -28.25 25.09
CA LEU A 255 17.78 -26.93 24.47
C LEU A 255 17.67 -25.82 25.52
N LEU A 256 16.87 -26.02 26.59
CA LEU A 256 16.82 -25.01 27.65
C LEU A 256 18.22 -24.76 28.21
N ASN A 257 18.93 -25.85 28.55
CA ASN A 257 20.31 -25.81 28.99
C ASN A 257 21.22 -25.12 27.99
N LYS A 258 21.05 -25.42 26.70
CA LYS A 258 21.91 -24.84 25.67
C LYS A 258 21.78 -23.31 25.62
N TYR A 259 20.55 -22.79 25.73
CA TYR A 259 20.33 -21.42 25.32
C TYR A 259 20.14 -20.48 26.50
N ARG A 260 19.75 -21.04 27.65
CA ARG A 260 19.18 -20.24 28.73
C ARG A 260 20.14 -19.14 29.19
N ASN A 261 21.45 -19.35 29.04
CA ASN A 261 22.42 -18.38 29.54
C ASN A 261 22.69 -17.29 28.49
N GLN A 262 22.42 -17.54 27.21
CA GLN A 262 22.68 -16.48 26.24
C GLN A 262 21.39 -15.80 25.76
N TYR A 263 20.24 -16.47 25.87
CA TYR A 263 19.04 -15.87 25.30
C TYR A 263 17.99 -15.68 26.38
N CYS A 264 17.05 -14.77 26.09
CA CYS A 264 15.93 -14.56 26.97
C CYS A 264 14.90 -15.66 26.71
N THR A 265 15.11 -16.83 27.32
CA THR A 265 14.28 -17.98 26.99
C THR A 265 13.93 -18.76 28.25
N PHE A 266 12.82 -19.50 28.16
CA PHE A 266 12.43 -20.44 29.19
C PHE A 266 11.55 -21.50 28.51
N ASN A 267 11.25 -22.56 29.27
CA ASN A 267 10.47 -23.66 28.77
C ASN A 267 9.36 -23.94 29.78
N ASP A 268 8.11 -23.79 29.30
CA ASP A 268 6.98 -23.81 30.20
C ASP A 268 6.64 -25.22 30.67
N ASP A 269 6.95 -26.22 29.86
CA ASP A 269 6.61 -27.60 30.21
C ASP A 269 7.48 -28.04 31.38
N ILE A 270 8.66 -27.43 31.53
CA ILE A 270 9.58 -27.74 32.63
C ILE A 270 9.40 -26.73 33.76
N GLN A 271 9.69 -25.46 33.46
CA GLN A 271 9.86 -24.45 34.49
C GLN A 271 8.50 -23.93 34.99
N GLY A 272 7.50 -23.82 34.10
CA GLY A 272 6.18 -23.37 34.50
C GLY A 272 5.51 -24.40 35.40
N THR A 273 5.60 -25.69 34.98
CA THR A 273 5.11 -26.83 35.72
C THR A 273 5.73 -26.85 37.13
N ALA A 274 7.01 -26.53 37.22
CA ALA A 274 7.74 -26.55 38.48
C ALA A 274 7.16 -25.48 39.39
N SER A 275 7.10 -24.26 38.84
CA SER A 275 6.61 -23.11 39.57
C SER A 275 5.25 -23.43 40.19
N VAL A 276 4.29 -23.88 39.38
CA VAL A 276 2.91 -23.99 39.83
C VAL A 276 2.77 -25.10 40.87
N ALA A 277 3.53 -26.19 40.68
CA ALA A 277 3.54 -27.30 41.63
C ALA A 277 4.06 -26.82 42.98
N VAL A 278 5.16 -26.05 42.96
CA VAL A 278 5.78 -25.57 44.18
C VAL A 278 4.88 -24.54 44.85
N ALA A 279 4.19 -23.75 44.02
CA ALA A 279 3.20 -22.81 44.56
C ALA A 279 2.15 -23.56 45.38
N GLY A 280 1.72 -24.73 44.93
CA GLY A 280 0.69 -25.49 45.62
C GLY A 280 1.21 -26.10 46.92
N LEU A 281 2.49 -26.48 46.92
CA LEU A 281 3.17 -27.01 48.09
C LEU A 281 3.25 -25.93 49.16
N LEU A 282 3.80 -24.77 48.78
CA LEU A 282 3.92 -23.62 49.67
C LEU A 282 2.58 -23.29 50.31
N ALA A 283 1.49 -23.24 49.52
CA ALA A 283 0.18 -23.01 50.09
C ALA A 283 -0.21 -24.11 51.09
N ALA A 284 0.10 -25.37 50.76
CA ALA A 284 -0.28 -26.49 51.60
C ALA A 284 0.46 -26.44 52.94
N LEU A 285 1.62 -25.78 52.98
CA LEU A 285 2.45 -25.71 54.18
C LEU A 285 1.71 -24.87 55.22
N ARG A 286 0.83 -23.99 54.73
CA ARG A 286 0.07 -23.12 55.61
C ARG A 286 -1.10 -23.91 56.20
N ILE A 287 -1.27 -25.16 55.75
CA ILE A 287 -2.27 -26.00 56.37
C ILE A 287 -1.55 -26.97 57.32
N THR A 288 -0.48 -27.61 56.84
CA THR A 288 0.30 -28.51 57.67
C THR A 288 1.05 -27.73 58.77
N LYS A 289 1.22 -26.42 58.59
CA LYS A 289 1.85 -25.57 59.59
C LYS A 289 3.23 -26.10 59.95
N ASN A 290 3.98 -26.57 58.95
CA ASN A 290 5.36 -26.95 59.18
C ASN A 290 6.20 -26.48 58.01
N LYS A 291 7.50 -26.77 58.04
CA LYS A 291 8.43 -26.24 57.05
C LYS A 291 8.56 -27.21 55.89
N LEU A 292 9.15 -26.72 54.80
CA LEU A 292 9.41 -27.57 53.64
C LEU A 292 10.43 -28.64 54.04
N SER A 293 11.46 -28.25 54.81
CA SER A 293 12.44 -29.16 55.37
C SER A 293 11.83 -30.26 56.25
N ASP A 294 10.55 -30.16 56.63
CA ASP A 294 9.94 -31.27 57.35
C ASP A 294 9.40 -32.35 56.39
N GLN A 295 9.32 -32.04 55.09
CA GLN A 295 8.56 -32.89 54.18
C GLN A 295 9.41 -34.06 53.68
N THR A 296 8.74 -35.15 53.30
CA THR A 296 9.30 -36.21 52.48
C THR A 296 8.45 -36.31 51.22
N ILE A 297 9.04 -36.07 50.04
CA ILE A 297 8.30 -35.99 48.78
C ILE A 297 8.50 -37.28 47.99
N LEU A 298 7.40 -37.88 47.52
CA LEU A 298 7.50 -39.00 46.59
C LEU A 298 6.81 -38.64 45.28
N PHE A 299 7.53 -38.77 44.17
CA PHE A 299 7.01 -38.55 42.83
C PHE A 299 6.76 -39.90 42.20
N GLN A 300 5.51 -40.09 41.73
CA GLN A 300 5.23 -41.11 40.74
C GLN A 300 5.43 -40.43 39.41
N GLY A 301 6.51 -40.80 38.71
CA GLY A 301 6.97 -40.11 37.52
C GLY A 301 8.34 -39.47 37.75
N ALA A 302 9.16 -39.44 36.71
CA ALA A 302 10.52 -38.95 36.88
C ALA A 302 10.95 -38.30 35.57
N GLY A 303 9.94 -37.76 34.85
CA GLY A 303 10.08 -37.10 33.58
C GLY A 303 10.24 -35.59 33.75
N GLU A 304 9.85 -34.83 32.72
CA GLU A 304 10.04 -33.37 32.67
C GLU A 304 9.38 -32.70 33.87
N ALA A 305 8.13 -33.09 34.18
CA ALA A 305 7.39 -32.56 35.31
C ALA A 305 8.11 -32.85 36.63
N ALA A 306 8.24 -34.14 36.98
CA ALA A 306 8.88 -34.55 38.23
C ALA A 306 10.26 -33.93 38.44
N LEU A 307 11.13 -33.98 37.42
CA LEU A 307 12.48 -33.45 37.60
C LEU A 307 12.48 -31.92 37.68
N GLY A 308 11.63 -31.26 36.90
CA GLY A 308 11.54 -29.81 37.07
C GLY A 308 11.04 -29.45 38.47
N ILE A 309 9.96 -30.11 38.91
CA ILE A 309 9.39 -29.84 40.21
C ILE A 309 10.45 -30.09 41.29
N ALA A 310 11.13 -31.23 41.22
CA ALA A 310 12.13 -31.63 42.20
C ALA A 310 13.26 -30.61 42.24
N HIS A 311 13.76 -30.21 41.07
CA HIS A 311 14.78 -29.17 41.05
C HIS A 311 14.27 -27.93 41.81
N LEU A 312 13.00 -27.52 41.62
CA LEU A 312 12.64 -26.26 42.24
C LEU A 312 12.43 -26.42 43.76
N ILE A 313 11.98 -27.61 44.22
CA ILE A 313 11.82 -27.89 45.64
C ILE A 313 13.18 -27.78 46.34
N VAL A 314 14.21 -28.39 45.74
CA VAL A 314 15.56 -28.36 46.25
C VAL A 314 16.00 -26.91 46.43
N MET A 315 15.76 -26.09 45.40
CA MET A 315 16.05 -24.67 45.49
C MET A 315 15.26 -24.01 46.62
N ALA A 316 13.99 -24.34 46.81
CA ALA A 316 13.29 -23.71 47.92
C ALA A 316 13.90 -24.17 49.25
N LEU A 317 14.40 -25.40 49.29
CA LEU A 317 14.93 -25.96 50.52
C LEU A 317 16.26 -25.30 50.85
N GLU A 318 17.06 -25.04 49.81
CA GLU A 318 18.32 -24.34 49.94
C GLU A 318 18.06 -22.92 50.42
N LYS A 319 16.97 -22.32 49.94
CA LYS A 319 16.64 -20.96 50.33
C LYS A 319 16.32 -20.94 51.83
N GLU A 320 15.76 -22.03 52.34
CA GLU A 320 15.37 -22.12 53.72
C GLU A 320 16.58 -22.43 54.62
N GLY A 321 17.75 -22.72 54.03
CA GLY A 321 18.97 -22.89 54.81
C GLY A 321 19.59 -24.28 54.68
N LEU A 322 18.84 -25.26 54.18
CA LEU A 322 19.27 -26.65 54.13
C LEU A 322 20.30 -26.86 53.02
N PRO A 323 21.48 -27.46 53.28
CA PRO A 323 22.47 -27.69 52.22
C PRO A 323 21.88 -28.62 51.15
N LYS A 324 22.35 -28.45 49.91
CA LYS A 324 21.89 -29.14 48.71
C LYS A 324 21.78 -30.65 48.93
N GLU A 325 22.88 -31.27 49.38
CA GLU A 325 22.92 -32.73 49.41
C GLU A 325 22.00 -33.28 50.51
N LYS A 326 21.62 -32.45 51.49
CA LYS A 326 20.55 -32.83 52.41
C LYS A 326 19.18 -32.65 51.76
N ALA A 327 19.00 -31.55 51.03
CA ALA A 327 17.73 -31.26 50.38
C ALA A 327 17.32 -32.43 49.48
N ILE A 328 18.27 -32.92 48.69
CA ILE A 328 18.04 -33.97 47.70
C ILE A 328 17.51 -35.23 48.39
N LYS A 329 18.00 -35.50 49.60
CA LYS A 329 17.63 -36.71 50.30
C LYS A 329 16.14 -36.71 50.66
N LYS A 330 15.49 -35.54 50.61
CA LYS A 330 14.10 -35.44 50.99
C LYS A 330 13.13 -35.77 49.84
N ILE A 331 13.67 -36.20 48.68
CA ILE A 331 12.88 -36.38 47.48
C ILE A 331 13.18 -37.75 46.88
N TRP A 332 12.12 -38.52 46.66
CA TRP A 332 12.21 -39.83 46.04
C TRP A 332 11.45 -39.82 44.72
N LEU A 333 12.00 -40.58 43.75
CA LEU A 333 11.41 -40.68 42.42
C LEU A 333 11.08 -42.13 42.11
N VAL A 334 9.96 -42.34 41.40
CA VAL A 334 9.59 -43.62 40.80
C VAL A 334 9.46 -43.41 39.29
N ASP A 335 10.08 -44.28 38.48
CA ASP A 335 9.85 -44.26 37.04
C ASP A 335 9.19 -45.58 36.61
N SER A 336 9.20 -45.87 35.31
CA SER A 336 8.48 -47.02 34.78
C SER A 336 9.18 -48.32 35.19
N LYS A 337 10.43 -48.20 35.67
CA LYS A 337 11.21 -49.37 36.07
C LYS A 337 11.17 -49.53 37.59
N GLY A 338 10.57 -48.55 38.29
CA GLY A 338 10.37 -48.63 39.73
C GLY A 338 11.08 -47.48 40.47
N LEU A 339 11.23 -47.66 41.77
CA LEU A 339 11.86 -46.63 42.58
C LEU A 339 13.29 -46.40 42.09
N ILE A 340 13.70 -45.13 42.11
CA ILE A 340 15.03 -44.75 41.68
C ILE A 340 15.95 -44.82 42.89
N VAL A 341 16.93 -45.75 42.85
CA VAL A 341 17.86 -45.97 43.95
C VAL A 341 19.27 -46.17 43.42
N LYS A 342 20.28 -45.98 44.28
CA LYS A 342 21.64 -46.01 43.80
C LYS A 342 21.96 -47.40 43.25
N GLY A 343 22.61 -47.41 42.09
CA GLY A 343 23.06 -48.63 41.44
C GLY A 343 21.97 -49.37 40.66
N ARG A 344 20.80 -48.76 40.46
CA ARG A 344 19.79 -49.44 39.65
C ARG A 344 20.21 -49.41 38.19
N ALA A 345 19.76 -50.41 37.41
CA ALA A 345 19.81 -50.39 35.96
C ALA A 345 18.91 -49.26 35.42
N SER A 346 19.23 -48.80 34.20
CA SER A 346 18.44 -47.86 33.41
C SER A 346 18.19 -46.55 34.16
N LEU A 347 19.25 -46.02 34.78
CA LEU A 347 19.22 -44.66 35.30
C LEU A 347 19.85 -43.74 34.28
N THR A 348 19.39 -42.49 34.27
CA THR A 348 20.04 -41.43 33.54
C THR A 348 20.77 -40.55 34.55
N GLN A 349 21.65 -39.68 34.04
CA GLN A 349 22.46 -38.79 34.86
C GLN A 349 21.55 -37.87 35.68
N GLU A 350 20.41 -37.43 35.11
CA GLU A 350 19.50 -36.54 35.83
C GLU A 350 18.70 -37.30 36.90
N LYS A 351 18.25 -38.54 36.60
CA LYS A 351 17.62 -39.41 37.58
C LYS A 351 18.60 -39.75 38.71
N GLU A 352 19.88 -39.87 38.36
CA GLU A 352 20.89 -40.34 39.29
C GLU A 352 21.07 -39.38 40.46
N LYS A 353 20.71 -38.09 40.30
CA LYS A 353 20.90 -37.17 41.41
C LYS A 353 20.02 -37.54 42.60
N PHE A 354 18.97 -38.34 42.36
CA PHE A 354 18.03 -38.66 43.43
C PHE A 354 18.09 -40.15 43.77
N ALA A 355 19.11 -40.83 43.24
CA ALA A 355 19.30 -42.26 43.45
C ALA A 355 19.94 -42.51 44.81
N HIS A 356 19.15 -42.46 45.90
CA HIS A 356 19.67 -42.72 47.24
C HIS A 356 19.82 -44.21 47.48
N GLU A 357 20.72 -44.58 48.41
CA GLU A 357 20.94 -45.96 48.81
C GLU A 357 19.67 -46.54 49.38
N HIS A 358 19.24 -47.68 48.83
CA HIS A 358 17.97 -48.28 49.20
C HIS A 358 17.74 -49.53 48.36
N GLU A 359 16.98 -50.46 48.93
CA GLU A 359 16.49 -51.64 48.24
C GLU A 359 15.64 -51.23 47.03
N GLU A 360 15.78 -51.97 45.93
CA GLU A 360 14.97 -51.75 44.75
C GLU A 360 13.51 -52.15 45.03
N MET A 361 12.59 -51.42 44.40
CA MET A 361 11.16 -51.61 44.61
C MET A 361 10.44 -51.27 43.31
N LYS A 362 9.45 -52.10 42.95
CA LYS A 362 8.75 -51.99 41.67
C LYS A 362 7.34 -51.44 41.88
N ASN A 363 6.78 -51.71 43.07
CA ASN A 363 5.35 -51.57 43.31
C ASN A 363 5.08 -50.31 44.14
N LEU A 364 4.16 -49.47 43.66
CA LEU A 364 3.98 -48.15 44.23
C LEU A 364 3.40 -48.24 45.64
N GLU A 365 2.42 -49.14 45.84
CA GLU A 365 1.78 -49.26 47.14
C GLU A 365 2.81 -49.58 48.21
N ALA A 366 3.75 -50.50 47.90
CA ALA A 366 4.81 -50.85 48.85
C ALA A 366 5.82 -49.72 48.98
N ILE A 367 6.18 -49.06 47.88
CA ILE A 367 7.00 -47.86 47.94
C ILE A 367 6.42 -46.83 48.92
N VAL A 368 5.12 -46.54 48.82
CA VAL A 368 4.47 -45.61 49.73
C VAL A 368 4.64 -46.07 51.18
N GLN A 369 4.35 -47.34 51.47
CA GLN A 369 4.42 -47.88 52.82
C GLN A 369 5.84 -47.79 53.38
N GLU A 370 6.84 -47.91 52.50
CA GLU A 370 8.23 -47.94 52.90
C GLU A 370 8.78 -46.51 53.07
N ILE A 371 8.50 -45.62 52.10
CA ILE A 371 9.04 -44.27 52.11
C ILE A 371 8.24 -43.41 53.07
N LYS A 372 6.92 -43.68 53.18
CA LYS A 372 6.07 -42.89 54.05
C LYS A 372 6.21 -41.40 53.70
N PRO A 373 5.87 -40.95 52.47
CA PRO A 373 6.06 -39.52 52.14
C PRO A 373 5.06 -38.70 52.96
N THR A 374 5.36 -37.42 53.16
CA THR A 374 4.36 -36.46 53.60
C THR A 374 3.62 -35.91 52.37
N ALA A 375 4.25 -35.95 51.19
CA ALA A 375 3.68 -35.37 49.98
C ALA A 375 3.90 -36.30 48.80
N LEU A 376 2.82 -36.60 48.10
CA LEU A 376 2.81 -37.60 47.04
C LEU A 376 2.32 -36.96 45.76
N ILE A 377 3.23 -36.85 44.77
CA ILE A 377 2.95 -36.11 43.55
C ILE A 377 2.89 -37.06 42.36
N GLY A 378 1.70 -37.15 41.74
CA GLY A 378 1.50 -37.95 40.55
C GLY A 378 1.79 -37.14 39.29
N VAL A 379 2.75 -37.60 38.48
CA VAL A 379 3.13 -36.97 37.22
C VAL A 379 3.63 -38.09 36.30
N ALA A 380 2.84 -39.17 36.17
CA ALA A 380 3.26 -40.33 35.40
C ALA A 380 2.22 -40.64 34.32
N ALA A 381 1.07 -39.97 34.40
CA ALA A 381 -0.04 -40.18 33.48
C ALA A 381 -0.66 -41.56 33.71
N ILE A 382 -0.52 -42.13 34.91
CA ILE A 382 -1.13 -43.43 35.13
C ILE A 382 -2.40 -43.25 35.95
N GLY A 383 -3.55 -43.32 35.26
CA GLY A 383 -4.83 -43.10 35.92
C GLY A 383 -5.08 -44.19 36.94
N GLY A 384 -5.60 -43.81 38.13
CA GLY A 384 -5.95 -44.74 39.19
C GLY A 384 -4.76 -45.16 40.04
N ALA A 385 -3.58 -44.55 39.80
CA ALA A 385 -2.39 -45.04 40.48
C ALA A 385 -2.52 -44.85 41.99
N PHE A 386 -3.17 -43.74 42.40
CA PHE A 386 -3.36 -43.50 43.83
C PHE A 386 -4.55 -44.33 44.32
N SER A 387 -4.30 -45.63 44.53
CA SER A 387 -5.34 -46.57 44.90
C SER A 387 -5.75 -46.41 46.36
N GLU A 388 -6.84 -47.10 46.72
CA GLU A 388 -7.40 -47.05 48.06
C GLU A 388 -6.32 -47.30 49.11
N GLN A 389 -5.46 -48.30 48.87
CA GLN A 389 -4.41 -48.69 49.80
C GLN A 389 -3.41 -47.54 49.98
N ILE A 390 -3.03 -46.91 48.86
CA ILE A 390 -2.12 -45.77 48.83
C ILE A 390 -2.70 -44.65 49.70
N LEU A 391 -3.98 -44.35 49.45
CA LEU A 391 -4.62 -43.23 50.09
C LEU A 391 -4.80 -43.54 51.58
N LYS A 392 -5.23 -44.77 51.89
CA LYS A 392 -5.33 -45.26 53.27
C LYS A 392 -4.01 -45.07 54.01
N ASP A 393 -2.91 -45.49 53.36
CA ASP A 393 -1.55 -45.44 53.91
C ASP A 393 -1.14 -43.98 54.16
N MET A 394 -1.38 -43.09 53.19
CA MET A 394 -1.00 -41.68 53.30
C MET A 394 -1.69 -41.00 54.49
N ALA A 395 -2.96 -41.37 54.72
CA ALA A 395 -3.79 -40.87 55.82
C ALA A 395 -3.39 -41.53 57.14
N ALA A 396 -2.78 -42.72 57.06
CA ALA A 396 -2.27 -43.39 58.25
C ALA A 396 -0.98 -42.70 58.69
N PHE A 397 -0.14 -42.31 57.72
CA PHE A 397 1.20 -41.84 58.06
C PHE A 397 1.20 -40.36 58.37
N ASN A 398 0.15 -39.65 57.94
CA ASN A 398 0.16 -38.20 57.99
C ASN A 398 -1.17 -37.69 58.55
N GLU A 399 -1.08 -36.66 59.38
CA GLU A 399 -2.23 -35.90 59.84
C GLU A 399 -3.03 -35.41 58.63
N ARG A 400 -2.38 -34.54 57.83
CA ARG A 400 -2.92 -33.94 56.61
C ARG A 400 -2.02 -34.30 55.44
N PRO A 401 -2.20 -35.48 54.82
CA PRO A 401 -1.37 -35.87 53.69
C PRO A 401 -1.59 -34.94 52.49
N ILE A 402 -0.50 -34.44 51.92
CA ILE A 402 -0.54 -33.71 50.65
C ILE A 402 -0.49 -34.71 49.50
N ILE A 403 -1.50 -34.61 48.63
CA ILE A 403 -1.68 -35.50 47.50
C ILE A 403 -2.00 -34.65 46.25
N PHE A 404 -1.10 -34.73 45.27
CA PHE A 404 -1.23 -34.01 44.01
C PHE A 404 -1.35 -35.03 42.89
N ALA A 405 -2.54 -35.09 42.31
CA ALA A 405 -2.84 -35.92 41.15
C ALA A 405 -2.81 -35.05 39.89
N LEU A 406 -1.61 -34.88 39.34
CA LEU A 406 -1.42 -33.81 38.36
C LEU A 406 -1.66 -34.32 36.93
N SER A 407 -1.96 -35.61 36.79
CA SER A 407 -2.02 -36.16 35.44
C SER A 407 -3.33 -35.77 34.74
N ASN A 408 -3.27 -35.59 33.40
CA ASN A 408 -4.31 -34.93 32.62
C ASN A 408 -4.70 -35.78 31.39
N PRO A 409 -6.00 -35.85 30.99
CA PRO A 409 -7.10 -35.21 31.69
C PRO A 409 -7.62 -36.13 32.80
N THR A 410 -8.85 -35.88 33.26
CA THR A 410 -9.41 -36.55 34.41
C THR A 410 -9.17 -38.05 34.29
N SER A 411 -9.30 -38.56 33.06
CA SER A 411 -9.22 -39.99 32.80
C SER A 411 -7.85 -40.56 33.21
N LYS A 412 -6.81 -39.74 33.13
CA LYS A 412 -5.46 -40.16 33.47
C LYS A 412 -5.11 -39.85 34.93
N ALA A 413 -6.04 -39.25 35.68
CA ALA A 413 -5.76 -38.70 37.01
C ALA A 413 -5.50 -39.83 38.00
N GLU A 414 -4.53 -39.63 38.91
CA GLU A 414 -4.06 -40.68 39.80
C GLU A 414 -5.14 -41.08 40.81
N CYS A 415 -6.03 -40.14 41.14
CA CYS A 415 -7.28 -40.42 41.83
C CYS A 415 -8.20 -39.22 41.64
N SER A 416 -9.51 -39.42 41.84
CA SER A 416 -10.45 -38.31 41.88
C SER A 416 -10.42 -37.59 43.24
N ALA A 417 -10.99 -36.39 43.26
CA ALA A 417 -11.17 -35.66 44.49
C ALA A 417 -12.07 -36.46 45.44
N GLU A 418 -13.08 -37.12 44.87
CA GLU A 418 -14.07 -37.87 45.63
C GLU A 418 -13.38 -39.01 46.39
N GLN A 419 -12.56 -39.79 45.67
CA GLN A 419 -11.84 -40.93 46.22
C GLN A 419 -10.82 -40.46 47.25
N CYS A 420 -10.12 -39.37 46.94
CA CYS A 420 -9.07 -38.87 47.82
C CYS A 420 -9.68 -38.48 49.18
N TYR A 421 -10.75 -37.67 49.14
CA TYR A 421 -11.36 -37.14 50.35
C TYR A 421 -12.05 -38.25 51.13
N LYS A 422 -12.69 -39.18 50.41
CA LYS A 422 -13.39 -40.29 51.04
C LYS A 422 -12.39 -41.13 51.83
N ILE A 423 -11.35 -41.61 51.14
CA ILE A 423 -10.49 -42.62 51.74
C ILE A 423 -9.62 -42.00 52.84
N THR A 424 -9.32 -40.70 52.74
CA THR A 424 -8.50 -40.07 53.76
C THR A 424 -9.36 -39.42 54.84
N LYS A 425 -10.67 -39.70 54.78
CA LYS A 425 -11.66 -39.23 55.74
C LYS A 425 -11.61 -37.71 55.85
N GLY A 426 -11.29 -37.05 54.73
CA GLY A 426 -11.39 -35.61 54.61
C GLY A 426 -10.14 -34.86 55.05
N ARG A 427 -9.06 -35.59 55.34
CA ARG A 427 -7.89 -34.96 55.90
C ARG A 427 -6.85 -34.61 54.82
N ALA A 428 -6.96 -35.20 53.62
CA ALA A 428 -5.95 -34.96 52.59
C ALA A 428 -6.03 -33.51 52.12
N ILE A 429 -4.86 -32.89 51.92
CA ILE A 429 -4.79 -31.63 51.17
C ILE A 429 -4.57 -31.97 49.70
N PHE A 430 -5.51 -31.58 48.82
CA PHE A 430 -5.56 -32.13 47.49
C PHE A 430 -5.55 -31.05 46.41
N ALA A 431 -4.79 -31.31 45.33
CA ALA A 431 -4.79 -30.54 44.11
C ALA A 431 -4.60 -31.51 42.94
N SER A 432 -5.00 -31.04 41.75
CA SER A 432 -4.98 -31.93 40.60
C SER A 432 -4.61 -31.14 39.34
N GLY A 433 -4.30 -31.86 38.26
CA GLY A 433 -4.08 -31.21 36.97
C GLY A 433 -5.39 -30.76 36.32
N SER A 434 -6.43 -31.60 36.42
CA SER A 434 -7.70 -31.35 35.77
C SER A 434 -8.76 -30.93 36.79
N PRO A 435 -9.84 -30.21 36.40
CA PRO A 435 -10.82 -29.70 37.37
C PRO A 435 -11.63 -30.87 37.89
N PHE A 436 -11.94 -30.83 39.19
CA PHE A 436 -12.90 -31.73 39.83
C PHE A 436 -13.92 -30.85 40.51
N ASP A 437 -15.19 -31.32 40.52
CA ASP A 437 -16.29 -30.61 41.16
C ASP A 437 -16.03 -30.50 42.66
N PRO A 438 -16.60 -29.47 43.35
CA PRO A 438 -16.64 -29.42 44.81
C PRO A 438 -17.03 -30.77 45.43
N VAL A 439 -16.41 -31.09 46.57
CA VAL A 439 -16.75 -32.31 47.29
C VAL A 439 -17.21 -31.90 48.67
N THR A 440 -18.34 -32.48 49.08
CA THR A 440 -18.87 -32.23 50.40
C THR A 440 -18.64 -33.49 51.24
N LEU A 441 -17.99 -33.33 52.39
CA LEU A 441 -17.68 -34.45 53.26
C LEU A 441 -18.86 -34.74 54.18
N PRO A 442 -18.93 -35.96 54.78
CA PRO A 442 -19.97 -36.25 55.78
C PRO A 442 -20.21 -35.19 56.86
N ASN A 443 -19.14 -34.57 57.38
CA ASN A 443 -19.23 -33.62 58.47
C ASN A 443 -19.86 -32.30 58.01
N GLY A 444 -20.10 -32.18 56.70
CA GLY A 444 -20.87 -31.10 56.12
C GLY A 444 -20.02 -29.91 55.69
N GLN A 445 -18.70 -30.14 55.58
CA GLN A 445 -17.81 -29.18 54.94
C GLN A 445 -17.82 -29.49 53.44
N THR A 446 -17.74 -28.43 52.62
CA THR A 446 -17.53 -28.60 51.20
C THR A 446 -16.11 -28.15 50.88
N LEU A 447 -15.34 -29.04 50.24
CA LEU A 447 -13.99 -28.76 49.77
C LEU A 447 -14.01 -28.45 48.28
N TYR A 448 -13.16 -27.48 47.90
CA TYR A 448 -13.06 -26.92 46.56
C TYR A 448 -11.62 -27.16 46.06
N PRO A 449 -11.25 -28.40 45.69
CA PRO A 449 -9.88 -28.71 45.31
C PRO A 449 -9.59 -27.92 44.04
N GLY A 450 -8.41 -27.28 43.97
CA GLY A 450 -8.04 -26.44 42.85
C GLY A 450 -7.18 -27.20 41.83
N GLN A 451 -6.79 -26.53 40.75
CA GLN A 451 -5.95 -27.12 39.72
C GLN A 451 -4.64 -26.33 39.65
N GLY A 452 -3.52 -27.06 39.67
CA GLY A 452 -2.20 -26.48 39.37
C GLY A 452 -2.01 -26.16 37.88
N ASN A 453 -2.74 -25.15 37.42
CA ASN A 453 -2.75 -24.76 36.01
C ASN A 453 -1.48 -23.95 35.69
N ASN A 454 -0.77 -24.36 34.62
CA ASN A 454 0.41 -23.64 34.17
C ASN A 454 0.07 -22.19 33.85
N SER A 455 -1.23 -21.93 33.65
CA SER A 455 -1.71 -20.57 33.35
C SER A 455 -1.56 -19.58 34.49
N TYR A 456 -1.45 -20.07 35.75
CA TYR A 456 -1.09 -19.15 36.85
C TYR A 456 0.30 -18.56 36.68
N VAL A 457 1.17 -19.23 35.90
CA VAL A 457 2.58 -18.90 35.92
C VAL A 457 3.00 -18.14 34.66
N PHE A 458 2.86 -18.77 33.46
CA PHE A 458 3.56 -18.23 32.30
C PHE A 458 3.16 -16.77 31.96
N PRO A 459 1.86 -16.35 32.03
CA PRO A 459 1.47 -15.03 31.56
C PRO A 459 2.17 -13.89 32.31
N GLY A 460 2.25 -14.03 33.64
CA GLY A 460 2.82 -12.99 34.49
C GLY A 460 4.34 -13.00 34.41
N VAL A 461 4.93 -14.18 34.19
CA VAL A 461 6.38 -14.29 34.05
C VAL A 461 6.82 -13.53 32.80
N ALA A 462 6.12 -13.80 31.69
CA ALA A 462 6.39 -13.13 30.41
C ALA A 462 6.22 -11.61 30.57
N LEU A 463 5.07 -11.19 31.12
CA LEU A 463 4.81 -9.77 31.32
C LEU A 463 5.95 -9.12 32.10
N GLY A 464 6.29 -9.76 33.24
CA GLY A 464 7.37 -9.29 34.10
C GLY A 464 8.69 -9.15 33.34
N VAL A 465 9.12 -10.27 32.73
CA VAL A 465 10.37 -10.32 31.99
C VAL A 465 10.42 -9.23 30.92
N VAL A 466 9.39 -9.15 30.08
CA VAL A 466 9.38 -8.20 28.97
C VAL A 466 9.33 -6.76 29.48
N ALA A 467 8.54 -6.51 30.53
CA ALA A 467 8.29 -5.18 31.06
C ALA A 467 9.57 -4.50 31.55
N CYS A 468 10.47 -5.26 32.21
CA CYS A 468 11.71 -4.64 32.68
C CYS A 468 12.91 -5.01 31.81
N GLY A 469 12.68 -5.83 30.78
CA GLY A 469 13.72 -6.20 29.81
C GLY A 469 14.81 -7.10 30.42
N LEU A 470 14.41 -8.15 31.14
CA LEU A 470 15.31 -9.15 31.70
C LEU A 470 15.94 -9.89 30.53
N ARG A 471 17.24 -10.17 30.60
CA ARG A 471 17.89 -10.76 29.44
C ARG A 471 17.94 -12.29 29.54
N GLN A 472 17.92 -12.81 30.77
CA GLN A 472 17.87 -14.23 31.07
C GLN A 472 16.79 -14.45 32.13
N ILE A 473 16.25 -15.66 32.18
CA ILE A 473 15.18 -16.00 33.09
C ILE A 473 15.73 -17.10 33.98
N THR A 474 16.18 -16.69 35.19
CA THR A 474 16.76 -17.60 36.17
C THR A 474 15.66 -18.47 36.78
N ASP A 475 16.06 -19.59 37.38
CA ASP A 475 15.12 -20.49 38.03
C ASP A 475 14.57 -19.81 39.28
N ASN A 476 15.27 -18.77 39.71
CA ASN A 476 14.85 -17.95 40.82
C ASN A 476 13.60 -17.14 40.50
N ILE A 477 13.38 -16.78 39.23
CA ILE A 477 12.15 -16.12 38.83
C ILE A 477 10.99 -17.06 39.12
N PHE A 478 11.19 -18.35 38.87
CA PHE A 478 10.10 -19.31 39.03
C PHE A 478 9.85 -19.63 40.50
N LEU A 479 10.93 -19.67 41.32
CA LEU A 479 10.73 -19.84 42.75
C LEU A 479 9.98 -18.63 43.30
N THR A 480 10.37 -17.42 42.88
CA THR A 480 9.79 -16.19 43.40
C THR A 480 8.32 -16.15 43.02
N THR A 481 8.02 -16.59 41.79
CA THR A 481 6.66 -16.62 41.26
C THR A 481 5.79 -17.57 42.09
N ALA A 482 6.35 -18.75 42.43
CA ALA A 482 5.61 -19.72 43.20
C ALA A 482 5.16 -19.10 44.52
N GLU A 483 6.06 -18.31 45.14
CA GLU A 483 5.81 -17.63 46.40
C GLU A 483 4.68 -16.63 46.24
N VAL A 484 4.77 -15.80 45.18
CA VAL A 484 3.72 -14.84 44.87
C VAL A 484 2.37 -15.55 44.72
N ILE A 485 2.32 -16.64 43.93
CA ILE A 485 1.04 -17.33 43.77
C ILE A 485 0.51 -17.79 45.14
N ALA A 486 1.35 -18.50 45.92
CA ALA A 486 0.93 -19.00 47.22
C ALA A 486 0.39 -17.85 48.09
N GLN A 487 1.04 -16.69 47.97
CA GLN A 487 0.67 -15.51 48.73
C GLN A 487 -0.76 -15.05 48.43
N GLN A 488 -1.30 -15.36 47.24
CA GLN A 488 -2.60 -14.87 46.82
C GLN A 488 -3.73 -15.76 47.33
N VAL A 489 -3.37 -16.90 47.94
CA VAL A 489 -4.36 -17.80 48.52
C VAL A 489 -4.66 -17.31 49.93
N SER A 490 -5.94 -17.10 50.26
CA SER A 490 -6.33 -16.61 51.58
C SER A 490 -6.49 -17.78 52.55
N ASP A 491 -6.42 -17.49 53.85
CA ASP A 491 -6.66 -18.51 54.85
C ASP A 491 -8.02 -19.13 54.61
N LYS A 492 -9.01 -18.30 54.25
CA LYS A 492 -10.34 -18.82 54.01
C LYS A 492 -10.30 -19.82 52.86
N HIS A 493 -9.55 -19.50 51.80
CA HIS A 493 -9.36 -20.43 50.69
C HIS A 493 -8.81 -21.76 51.20
N LEU A 494 -7.75 -21.68 52.02
CA LEU A 494 -7.10 -22.89 52.53
C LEU A 494 -8.11 -23.74 53.29
N GLU A 495 -8.93 -23.09 54.12
CA GLU A 495 -9.83 -23.85 54.99
C GLU A 495 -10.92 -24.43 54.10
N GLU A 496 -11.05 -23.87 52.90
CA GLU A 496 -11.97 -24.36 51.87
C GLU A 496 -11.33 -25.51 51.11
N GLY A 497 -10.01 -25.67 51.26
CA GLY A 497 -9.27 -26.74 50.59
C GLY A 497 -8.69 -26.31 49.25
N ARG A 498 -8.59 -25.00 48.99
CA ARG A 498 -7.97 -24.55 47.74
C ARG A 498 -6.52 -24.19 48.02
N LEU A 499 -5.63 -24.62 47.13
CA LEU A 499 -4.21 -24.31 47.22
C LEU A 499 -3.83 -23.27 46.19
N TYR A 500 -4.81 -22.86 45.37
CA TYR A 500 -4.56 -21.86 44.36
C TYR A 500 -5.63 -20.77 44.42
N PRO A 501 -5.28 -19.53 44.01
CA PRO A 501 -6.27 -18.45 43.89
C PRO A 501 -7.35 -18.86 42.89
N PRO A 502 -8.58 -18.31 42.97
CA PRO A 502 -9.64 -18.68 42.02
C PRO A 502 -9.25 -18.30 40.60
N LEU A 503 -9.70 -19.11 39.64
CA LEU A 503 -9.23 -18.98 38.27
C LEU A 503 -9.57 -17.60 37.72
N ASN A 504 -10.69 -17.04 38.18
CA ASN A 504 -11.23 -15.82 37.62
C ASN A 504 -10.38 -14.61 38.00
N THR A 505 -9.35 -14.83 38.83
CA THR A 505 -8.56 -13.70 39.27
C THR A 505 -7.21 -13.67 38.54
N ILE A 506 -7.07 -14.53 37.52
CA ILE A 506 -5.78 -14.83 36.90
C ILE A 506 -5.09 -13.55 36.43
N ARG A 507 -5.89 -12.60 35.94
CA ARG A 507 -5.37 -11.31 35.50
C ARG A 507 -4.70 -10.60 36.67
N ASP A 508 -5.29 -10.74 37.86
CA ASP A 508 -4.68 -10.08 39.01
C ASP A 508 -3.40 -10.80 39.43
N VAL A 509 -3.45 -12.14 39.45
CA VAL A 509 -2.29 -12.95 39.78
C VAL A 509 -1.11 -12.56 38.88
N SER A 510 -1.38 -12.47 37.57
CA SER A 510 -0.32 -12.21 36.60
C SER A 510 0.35 -10.87 36.89
N LEU A 511 -0.47 -9.88 37.24
CA LEU A 511 0.04 -8.54 37.56
C LEU A 511 0.99 -8.61 38.76
N LYS A 512 0.56 -9.26 39.85
CA LYS A 512 1.38 -9.38 41.07
C LYS A 512 2.66 -10.13 40.74
N ILE A 513 2.57 -11.17 39.89
CA ILE A 513 3.76 -11.90 39.49
C ILE A 513 4.70 -10.98 38.73
N ALA A 514 4.15 -10.20 37.79
CA ALA A 514 4.97 -9.27 37.00
C ALA A 514 5.58 -8.20 37.91
N GLU A 515 4.77 -7.64 38.82
CA GLU A 515 5.19 -6.61 39.76
C GLU A 515 6.42 -7.07 40.54
N LYS A 516 6.38 -8.30 41.05
CA LYS A 516 7.47 -8.79 41.88
C LYS A 516 8.74 -8.95 41.08
N ILE A 517 8.62 -9.52 39.87
CA ILE A 517 9.75 -9.68 38.96
C ILE A 517 10.41 -8.31 38.69
N VAL A 518 9.61 -7.29 38.36
CA VAL A 518 10.10 -5.97 38.01
C VAL A 518 10.78 -5.32 39.23
N LYS A 519 10.11 -5.30 40.40
CA LYS A 519 10.74 -4.77 41.61
C LYS A 519 12.13 -5.40 41.81
N ASP A 520 12.18 -6.73 41.72
CA ASP A 520 13.41 -7.49 41.95
C ASP A 520 14.49 -7.11 40.93
N ALA A 521 14.12 -6.95 39.66
CA ALA A 521 15.08 -6.65 38.62
C ALA A 521 15.71 -5.28 38.85
N TYR A 522 14.92 -4.30 39.30
CA TYR A 522 15.45 -2.97 39.57
C TYR A 522 16.29 -2.98 40.85
N GLN A 523 15.81 -3.70 41.87
CA GLN A 523 16.57 -3.94 43.09
C GLN A 523 17.98 -4.40 42.73
N GLU A 524 18.08 -5.53 42.02
CA GLU A 524 19.38 -6.19 41.91
C GLU A 524 20.05 -5.87 40.59
N LYS A 525 19.60 -4.80 39.92
CA LYS A 525 20.21 -4.24 38.73
C LYS A 525 20.23 -5.26 37.59
N THR A 526 19.16 -6.06 37.48
CA THR A 526 19.09 -6.97 36.34
C THR A 526 18.16 -6.40 35.26
N ALA A 527 17.47 -5.29 35.56
CA ALA A 527 16.58 -4.67 34.59
C ALA A 527 17.39 -3.96 33.51
N THR A 528 16.87 -3.90 32.27
CA THR A 528 17.56 -3.17 31.20
C THR A 528 16.75 -1.94 30.76
N VAL A 529 15.50 -1.81 31.20
CA VAL A 529 14.67 -0.71 30.76
C VAL A 529 14.88 0.46 31.73
N TYR A 530 15.42 1.56 31.20
CA TYR A 530 15.71 2.75 31.97
C TYR A 530 15.07 3.98 31.32
N PRO A 531 14.68 5.06 32.06
CA PRO A 531 14.95 5.22 33.49
C PRO A 531 14.07 4.32 34.34
N GLU A 532 14.53 4.03 35.57
CA GLU A 532 13.78 3.17 36.47
C GLU A 532 12.50 3.88 36.88
N PRO A 533 11.32 3.24 36.74
CA PRO A 533 10.05 3.87 37.13
C PRO A 533 9.90 4.05 38.64
N GLN A 534 9.31 5.18 39.04
CA GLN A 534 9.08 5.48 40.44
C GLN A 534 8.11 4.49 41.06
N ASN A 535 7.09 4.08 40.28
CA ASN A 535 5.95 3.31 40.75
C ASN A 535 5.83 2.03 39.91
N LYS A 536 6.29 0.91 40.45
CA LYS A 536 6.46 -0.31 39.67
C LYS A 536 5.10 -0.87 39.27
N GLU A 537 4.12 -0.73 40.16
CA GLU A 537 2.74 -1.14 39.95
C GLU A 537 2.17 -0.49 38.69
N ALA A 538 2.18 0.85 38.68
CA ALA A 538 1.58 1.61 37.60
C ALA A 538 2.42 1.45 36.34
N PHE A 539 3.69 1.08 36.50
CA PHE A 539 4.54 0.91 35.33
C PHE A 539 4.13 -0.36 34.58
N VAL A 540 3.82 -1.42 35.33
CA VAL A 540 3.48 -2.68 34.71
C VAL A 540 2.10 -2.58 34.08
N ARG A 541 1.14 -2.01 34.82
CA ARG A 541 -0.20 -1.74 34.30
C ARG A 541 -0.12 -1.01 32.98
N SER A 542 0.77 -0.01 32.90
CA SER A 542 0.90 0.77 31.70
C SER A 542 1.38 -0.08 30.51
N GLN A 543 1.89 -1.28 30.79
CA GLN A 543 2.43 -2.13 29.74
C GLN A 543 1.43 -3.22 29.38
N MET A 544 0.25 -3.17 29.98
CA MET A 544 -0.75 -4.19 29.70
C MET A 544 -1.66 -3.75 28.56
N TYR A 545 -2.06 -4.73 27.75
CA TYR A 545 -2.94 -4.49 26.63
C TYR A 545 -4.37 -4.39 27.15
N SER A 546 -5.10 -3.37 26.70
CA SER A 546 -6.49 -3.18 27.08
C SER A 546 -7.37 -3.75 25.97
N THR A 547 -8.58 -4.22 26.32
CA THR A 547 -9.52 -4.71 25.32
C THR A 547 -10.35 -3.59 24.69
N ASP A 548 -10.17 -2.33 25.13
CA ASP A 548 -10.91 -1.20 24.56
C ASP A 548 -10.26 -0.79 23.24
N TYR A 549 -11.08 -0.42 22.26
CA TYR A 549 -10.60 -0.08 20.94
C TYR A 549 -9.67 1.12 21.03
N ASP A 550 -8.55 1.07 20.31
CA ASP A 550 -7.73 2.26 20.13
C ASP A 550 -8.44 3.25 19.23
N GLN A 551 -8.13 4.53 19.36
CA GLN A 551 -8.56 5.46 18.32
C GLN A 551 -7.49 5.45 17.24
N ILE A 552 -7.91 5.46 15.98
CA ILE A 552 -6.98 5.24 14.88
C ILE A 552 -7.07 6.39 13.87
N LEU A 553 -8.13 7.22 14.00
CA LEU A 553 -8.31 8.42 13.19
C LEU A 553 -7.10 9.34 13.32
N PRO A 554 -6.85 10.24 12.35
CA PRO A 554 -5.81 11.26 12.47
C PRO A 554 -6.16 12.22 13.61
N ASP A 555 -5.11 12.67 14.31
CA ASP A 555 -5.19 13.76 15.27
C ASP A 555 -5.55 15.04 14.53
N CYS A 556 -6.73 15.61 14.81
CA CYS A 556 -7.20 16.81 14.14
C CYS A 556 -7.38 17.91 15.17
N TYR A 557 -6.92 19.13 14.85
CA TYR A 557 -6.83 20.25 15.76
C TYR A 557 -6.46 21.46 14.92
N SER A 558 -6.90 22.61 15.39
CA SER A 558 -6.72 23.80 14.59
C SER A 558 -5.47 24.54 15.07
N TRP A 559 -5.03 25.50 14.24
CA TRP A 559 -4.06 26.51 14.62
C TRP A 559 -4.78 27.85 14.72
N PRO A 560 -4.21 28.88 15.40
CA PRO A 560 -4.79 30.23 15.37
C PRO A 560 -5.06 30.68 13.93
N GLU A 561 -6.08 31.53 13.78
CA GLU A 561 -6.61 31.93 12.49
C GLU A 561 -5.51 32.52 11.60
N GLU A 562 -4.67 33.36 12.21
CA GLU A 562 -3.68 34.15 11.50
C GLU A 562 -2.71 33.28 10.70
N VAL A 563 -2.36 32.09 11.22
CA VAL A 563 -1.26 31.31 10.65
C VAL A 563 -1.79 30.05 9.96
N GLN A 564 -3.09 29.82 10.06
CA GLN A 564 -3.73 28.64 9.49
C GLN A 564 -4.29 28.97 8.12
N LYS A 565 -4.40 30.26 7.78
CA LYS A 565 -5.15 30.62 6.59
C LYS A 565 -4.29 30.55 5.34
N ILE A 566 -4.94 30.25 4.20
CA ILE A 566 -4.30 30.20 2.90
C ILE A 566 -3.82 31.61 2.53
N GLN A 567 -2.55 31.74 2.15
CA GLN A 567 -1.98 33.03 1.81
C GLN A 567 -2.20 33.29 0.32
N THR A 568 -2.65 34.51 0.00
CA THR A 568 -2.92 34.96 -1.36
C THR A 568 -2.28 36.34 -1.59
N LYS A 569 -3.12 37.37 -1.80
CA LYS A 569 -2.72 38.76 -1.60
C LYS A 569 -3.88 39.56 -0.98
N PRO B 6 -3.16 -20.48 -19.22
CA PRO B 6 -3.63 -19.89 -17.96
C PRO B 6 -3.58 -18.36 -18.00
N ARG B 7 -4.56 -17.72 -17.35
CA ARG B 7 -4.75 -16.27 -17.41
C ARG B 7 -3.70 -15.55 -16.55
N ARG B 8 -3.38 -14.31 -16.94
CA ARG B 8 -2.46 -13.46 -16.18
C ARG B 8 -3.22 -12.47 -15.28
N ARG B 9 -2.45 -11.80 -14.43
CA ARG B 9 -2.91 -10.96 -13.35
C ARG B 9 -1.66 -10.57 -12.57
N HIS B 10 -0.90 -9.57 -13.05
CA HIS B 10 0.35 -9.23 -12.39
C HIS B 10 0.08 -8.20 -11.29
N THR B 11 -0.13 -8.70 -10.07
CA THR B 11 -0.47 -7.87 -8.91
C THR B 11 0.77 -7.14 -8.36
N HIS B 12 0.54 -5.97 -7.77
CA HIS B 12 1.57 -5.23 -7.06
C HIS B 12 1.57 -5.59 -5.58
N GLN B 13 0.52 -6.28 -5.13
CA GLN B 13 0.34 -6.64 -3.73
C GLN B 13 1.41 -7.65 -3.32
N ARG B 14 1.88 -7.57 -2.07
CA ARG B 14 2.85 -8.51 -1.52
C ARG B 14 2.61 -8.64 -0.01
N GLY B 15 3.17 -9.71 0.57
CA GLY B 15 3.18 -9.85 2.02
C GLY B 15 1.80 -10.21 2.54
N TYR B 16 1.58 -9.95 3.82
CA TYR B 16 0.40 -10.41 4.54
C TYR B 16 -0.91 -9.95 3.88
N LEU B 17 -0.96 -8.71 3.42
CA LEU B 17 -2.21 -8.16 2.89
C LEU B 17 -2.65 -8.83 1.59
N LEU B 18 -1.70 -9.41 0.83
CA LEU B 18 -2.09 -10.16 -0.34
C LEU B 18 -3.00 -11.33 0.05
N THR B 19 -2.67 -12.00 1.16
CA THR B 19 -3.41 -13.18 1.59
C THR B 19 -4.78 -12.79 2.12
N ARG B 20 -5.02 -11.48 2.34
CA ARG B 20 -6.29 -11.03 2.86
C ARG B 20 -7.24 -10.65 1.71
N ASN B 21 -6.75 -10.72 0.47
CA ASN B 21 -7.53 -10.43 -0.74
C ASN B 21 -8.04 -11.74 -1.34
N PRO B 22 -9.36 -12.05 -1.24
CA PRO B 22 -9.86 -13.36 -1.69
C PRO B 22 -9.74 -13.56 -3.20
N HIS B 23 -9.32 -12.51 -3.91
CA HIS B 23 -9.11 -12.59 -5.35
C HIS B 23 -7.67 -12.97 -5.66
N LEU B 24 -6.75 -12.76 -4.70
CA LEU B 24 -5.34 -13.06 -4.91
C LEU B 24 -4.97 -14.37 -4.20
N ASN B 25 -5.63 -14.60 -3.05
CA ASN B 25 -5.28 -15.66 -2.13
C ASN B 25 -5.65 -17.04 -2.68
N LYS B 26 -4.64 -17.92 -2.75
CA LYS B 26 -4.71 -19.33 -3.14
C LYS B 26 -4.51 -20.26 -1.93
N ASP B 27 -4.14 -19.70 -0.77
CA ASP B 27 -3.81 -20.54 0.39
C ASP B 27 -2.71 -21.53 0.00
N LEU B 28 -2.99 -22.81 0.21
CA LEU B 28 -2.00 -23.87 0.08
C LEU B 28 -1.64 -24.15 -1.37
N ALA B 29 -2.45 -23.69 -2.33
CA ALA B 29 -2.12 -23.89 -3.74
C ALA B 29 -1.02 -22.94 -4.22
N PHE B 30 -0.61 -21.97 -3.38
CA PHE B 30 0.56 -21.18 -3.73
C PHE B 30 1.79 -22.08 -3.73
N THR B 31 2.50 -22.11 -4.86
CA THR B 31 3.74 -22.87 -4.93
C THR B 31 4.80 -22.17 -4.07
N LEU B 32 5.90 -22.88 -3.81
CA LEU B 32 7.01 -22.33 -3.04
C LEU B 32 7.58 -21.10 -3.74
N GLU B 33 7.65 -21.18 -5.06
CA GLU B 33 8.17 -20.06 -5.83
C GLU B 33 7.22 -18.87 -5.72
N GLU B 34 5.92 -19.13 -5.85
CA GLU B 34 4.90 -18.12 -5.66
C GLU B 34 5.02 -17.47 -4.26
N ARG B 35 5.13 -18.27 -3.21
CA ARG B 35 5.20 -17.74 -1.85
C ARG B 35 6.40 -16.83 -1.64
N GLN B 36 7.58 -17.28 -2.11
CA GLN B 36 8.82 -16.55 -1.91
C GLN B 36 8.78 -15.24 -2.69
N GLN B 37 8.30 -15.33 -3.93
CA GLN B 37 8.15 -14.19 -4.83
C GLN B 37 7.16 -13.14 -4.31
N LEU B 38 6.10 -13.59 -3.62
CA LEU B 38 5.05 -12.69 -3.18
C LEU B 38 5.26 -12.27 -1.72
N ASN B 39 6.43 -12.61 -1.16
CA ASN B 39 6.83 -12.24 0.19
C ASN B 39 5.85 -12.81 1.23
N ILE B 40 5.32 -14.01 0.99
CA ILE B 40 4.42 -14.64 1.95
C ILE B 40 4.98 -15.98 2.45
N HIS B 41 6.22 -16.31 2.07
CA HIS B 41 6.75 -17.60 2.49
C HIS B 41 6.96 -17.65 4.01
N GLY B 42 6.27 -18.61 4.65
CA GLY B 42 6.23 -18.73 6.10
C GLY B 42 4.86 -18.40 6.71
N LEU B 43 4.00 -17.70 5.96
CA LEU B 43 2.66 -17.42 6.45
C LEU B 43 1.75 -18.62 6.24
N LEU B 44 2.25 -19.67 5.58
CA LEU B 44 1.44 -20.85 5.34
C LEU B 44 2.24 -22.09 5.74
N PRO B 45 1.55 -23.18 6.15
CA PRO B 45 2.20 -24.43 6.50
C PRO B 45 2.85 -25.01 5.25
N PRO B 46 3.93 -25.80 5.42
CA PRO B 46 4.77 -26.22 4.30
C PRO B 46 4.29 -27.34 3.37
N SER B 47 3.03 -27.31 2.98
CA SER B 47 2.56 -28.25 1.96
C SER B 47 1.92 -27.49 0.80
N PHE B 48 2.08 -28.07 -0.39
CA PHE B 48 1.60 -27.45 -1.60
C PHE B 48 0.45 -28.32 -2.11
N ASN B 49 -0.76 -27.74 -2.22
CA ASN B 49 -1.94 -28.50 -2.56
C ASN B 49 -2.41 -28.11 -3.96
N SER B 50 -2.83 -29.10 -4.74
CA SER B 50 -3.58 -28.83 -5.94
C SER B 50 -4.98 -28.37 -5.56
N GLN B 51 -5.67 -27.79 -6.53
CA GLN B 51 -7.02 -27.31 -6.34
C GLN B 51 -7.94 -28.45 -5.90
N GLU B 52 -7.69 -29.67 -6.40
CA GLU B 52 -8.57 -30.79 -6.07
C GLU B 52 -8.39 -31.17 -4.60
N ILE B 53 -7.14 -31.18 -4.12
CA ILE B 53 -6.83 -31.50 -2.74
C ILE B 53 -7.47 -30.46 -1.80
N GLN B 54 -7.47 -29.18 -2.22
CA GLN B 54 -8.17 -28.15 -1.46
C GLN B 54 -9.66 -28.44 -1.47
N VAL B 55 -10.19 -28.90 -2.62
CA VAL B 55 -11.62 -29.18 -2.72
C VAL B 55 -12.01 -30.30 -1.74
N LEU B 56 -11.20 -31.36 -1.68
CA LEU B 56 -11.47 -32.49 -0.82
C LEU B 56 -11.52 -32.04 0.65
N ARG B 57 -10.68 -31.05 0.98
CA ARG B 57 -10.60 -30.61 2.37
C ARG B 57 -11.90 -29.91 2.70
N VAL B 58 -12.35 -29.04 1.77
CA VAL B 58 -13.56 -28.26 2.00
C VAL B 58 -14.74 -29.22 2.10
N VAL B 59 -14.76 -30.22 1.21
CA VAL B 59 -15.92 -31.10 1.16
C VAL B 59 -15.96 -31.99 2.40
N LYS B 60 -14.80 -32.43 2.90
CA LYS B 60 -14.84 -33.22 4.13
C LYS B 60 -15.43 -32.42 5.27
N ASN B 61 -14.99 -31.14 5.38
CA ASN B 61 -15.55 -30.24 6.38
C ASN B 61 -17.06 -30.14 6.22
N PHE B 62 -17.50 -29.79 5.01
CA PHE B 62 -18.88 -29.57 4.64
C PHE B 62 -19.73 -30.75 5.10
N GLU B 63 -19.19 -31.96 4.93
CA GLU B 63 -19.93 -33.18 5.19
C GLU B 63 -20.21 -33.36 6.68
N HIS B 64 -19.23 -33.08 7.56
CA HIS B 64 -19.41 -33.33 8.98
C HIS B 64 -20.37 -32.34 9.65
N LEU B 65 -20.71 -31.25 8.96
CA LEU B 65 -21.69 -30.29 9.48
C LEU B 65 -23.07 -30.94 9.59
N ASN B 66 -23.96 -30.33 10.39
CA ASN B 66 -25.21 -30.95 10.85
C ASN B 66 -26.43 -30.23 10.31
N SER B 67 -26.23 -29.15 9.55
CA SER B 67 -27.36 -28.44 8.96
C SER B 67 -26.91 -27.70 7.70
N ASP B 68 -27.91 -27.42 6.84
CA ASP B 68 -27.67 -26.65 5.64
C ASP B 68 -27.21 -25.24 6.00
N PHE B 69 -27.73 -24.71 7.12
CA PHE B 69 -27.31 -23.39 7.57
C PHE B 69 -25.80 -23.38 7.87
N ASP B 70 -25.33 -24.36 8.65
CA ASP B 70 -23.93 -24.45 9.00
C ASP B 70 -23.09 -24.62 7.74
N ARG B 71 -23.64 -25.35 6.76
CA ARG B 71 -22.97 -25.59 5.49
C ARG B 71 -22.83 -24.27 4.71
N TYR B 72 -23.87 -23.42 4.81
CA TYR B 72 -23.92 -22.11 4.21
C TYR B 72 -22.80 -21.25 4.78
N LEU B 73 -22.66 -21.28 6.13
CA LEU B 73 -21.66 -20.50 6.84
C LEU B 73 -20.23 -20.87 6.41
N LEU B 74 -19.99 -22.18 6.23
CA LEU B 74 -18.69 -22.69 5.79
C LEU B 74 -18.31 -22.18 4.40
N LEU B 75 -19.23 -22.32 3.43
CA LEU B 75 -19.07 -21.84 2.08
C LEU B 75 -18.96 -20.32 2.06
N MET B 76 -19.69 -19.59 2.91
CA MET B 76 -19.58 -18.13 2.88
C MET B 76 -18.23 -17.65 3.42
N ASP B 77 -17.77 -18.32 4.48
CA ASP B 77 -16.41 -18.12 4.97
C ASP B 77 -15.38 -18.37 3.85
N LEU B 78 -15.55 -19.47 3.09
CA LEU B 78 -14.68 -19.81 1.97
C LEU B 78 -14.70 -18.70 0.90
N GLN B 79 -15.90 -18.25 0.51
CA GLN B 79 -16.02 -17.16 -0.44
C GLN B 79 -15.12 -15.98 -0.06
N ASP B 80 -15.03 -15.68 1.24
CA ASP B 80 -14.36 -14.49 1.74
C ASP B 80 -12.89 -14.73 2.08
N ARG B 81 -12.32 -15.84 1.60
CA ARG B 81 -10.91 -16.13 1.84
C ARG B 81 -10.25 -16.52 0.52
N ASN B 82 -10.93 -17.31 -0.31
CA ASN B 82 -10.35 -17.83 -1.54
C ASN B 82 -11.44 -17.95 -2.59
N GLU B 83 -11.57 -16.91 -3.39
CA GLU B 83 -12.72 -16.76 -4.27
C GLU B 83 -12.72 -17.89 -5.33
N LYS B 84 -11.56 -18.18 -5.94
CA LYS B 84 -11.47 -19.25 -6.93
C LYS B 84 -11.87 -20.62 -6.33
N LEU B 85 -11.31 -20.96 -5.16
CA LEU B 85 -11.61 -22.27 -4.57
C LEU B 85 -13.11 -22.37 -4.34
N PHE B 86 -13.69 -21.32 -3.76
CA PHE B 86 -15.12 -21.25 -3.54
C PHE B 86 -15.85 -21.58 -4.84
N TYR B 87 -15.45 -20.95 -5.94
CA TYR B 87 -16.20 -21.21 -7.16
C TYR B 87 -15.92 -22.61 -7.69
N ARG B 88 -14.72 -23.14 -7.42
CA ARG B 88 -14.41 -24.50 -7.84
C ARG B 88 -15.28 -25.50 -7.07
N VAL B 89 -15.52 -25.19 -5.78
CA VAL B 89 -16.35 -26.03 -4.94
C VAL B 89 -17.77 -26.03 -5.51
N LEU B 90 -18.32 -24.84 -5.76
CA LEU B 90 -19.67 -24.68 -6.26
C LEU B 90 -19.87 -25.50 -7.55
N THR B 91 -18.97 -25.28 -8.51
CA THR B 91 -19.14 -25.88 -9.83
C THR B 91 -18.78 -27.36 -9.83
N SER B 92 -18.25 -27.90 -8.72
CA SER B 92 -17.93 -29.33 -8.70
C SER B 92 -19.21 -30.17 -8.57
N ASP B 93 -20.30 -29.56 -8.07
CA ASP B 93 -21.60 -30.21 -8.03
C ASP B 93 -22.68 -29.15 -7.85
N ILE B 94 -23.01 -28.47 -8.96
CA ILE B 94 -23.82 -27.26 -8.96
C ILE B 94 -25.20 -27.57 -8.40
N GLU B 95 -25.69 -28.79 -8.64
CA GLU B 95 -27.02 -29.14 -8.17
C GLU B 95 -27.00 -29.30 -6.65
N LYS B 96 -25.90 -29.79 -6.11
CA LYS B 96 -25.78 -29.92 -4.66
C LYS B 96 -25.57 -28.57 -3.95
N PHE B 97 -24.80 -27.65 -4.57
CA PHE B 97 -24.35 -26.46 -3.83
C PHE B 97 -25.31 -25.27 -3.97
N MET B 98 -26.00 -25.18 -5.11
CA MET B 98 -26.90 -24.08 -5.38
C MET B 98 -27.96 -23.89 -4.30
N PRO B 99 -28.64 -24.97 -3.81
CA PRO B 99 -29.60 -24.84 -2.70
C PRO B 99 -28.99 -24.41 -1.36
N ILE B 100 -27.66 -24.51 -1.24
CA ILE B 100 -27.01 -24.13 0.01
C ILE B 100 -26.64 -22.64 -0.03
N VAL B 101 -26.08 -22.16 -1.14
CA VAL B 101 -25.67 -20.76 -1.23
C VAL B 101 -26.83 -19.85 -1.64
N TYR B 102 -27.84 -20.40 -2.34
CA TYR B 102 -29.03 -19.66 -2.71
C TYR B 102 -30.28 -20.37 -2.15
N THR B 103 -31.44 -20.22 -2.80
CA THR B 103 -32.71 -20.74 -2.30
C THR B 103 -32.62 -22.25 -2.20
N PRO B 104 -33.17 -22.90 -1.15
CA PRO B 104 -33.82 -22.19 -0.05
C PRO B 104 -32.99 -21.78 1.17
N THR B 105 -31.76 -22.28 1.30
CA THR B 105 -30.97 -22.07 2.51
C THR B 105 -30.69 -20.59 2.73
N VAL B 106 -30.47 -19.82 1.67
CA VAL B 106 -30.14 -18.41 1.81
C VAL B 106 -31.30 -17.69 2.49
N GLY B 107 -32.51 -18.24 2.38
CA GLY B 107 -33.70 -17.74 3.07
C GLY B 107 -33.55 -17.75 4.60
N LEU B 108 -33.09 -18.86 5.15
CA LEU B 108 -32.77 -18.92 6.57
C LEU B 108 -31.61 -17.97 6.85
N ALA B 109 -30.61 -17.95 5.96
CA ALA B 109 -29.48 -17.06 6.18
C ALA B 109 -29.95 -15.63 6.39
N CYS B 110 -30.87 -15.14 5.55
CA CYS B 110 -31.35 -13.78 5.63
C CYS B 110 -32.13 -13.53 6.92
N GLN B 111 -32.98 -14.49 7.30
CA GLN B 111 -33.70 -14.41 8.55
C GLN B 111 -32.69 -14.20 9.69
N GLN B 112 -31.57 -14.89 9.61
CA GLN B 112 -30.65 -14.97 10.72
C GLN B 112 -29.47 -14.01 10.52
N TYR B 113 -29.49 -13.19 9.47
CA TYR B 113 -28.29 -12.46 9.07
C TYR B 113 -27.72 -11.64 10.23
N SER B 114 -28.59 -10.99 11.01
CA SER B 114 -28.15 -10.07 12.04
C SER B 114 -27.52 -10.81 13.22
N LEU B 115 -27.95 -12.06 13.47
CA LEU B 115 -27.32 -12.87 14.51
C LEU B 115 -25.95 -13.35 14.05
N VAL B 116 -25.82 -13.86 12.82
CA VAL B 116 -24.63 -14.61 12.43
C VAL B 116 -23.64 -13.70 11.70
N PHE B 117 -23.94 -12.42 11.60
CA PHE B 117 -23.12 -11.50 10.83
C PHE B 117 -21.66 -11.55 11.29
N ARG B 118 -20.77 -11.90 10.34
CA ARG B 118 -19.35 -11.97 10.60
C ARG B 118 -18.62 -10.94 9.75
N LYS B 119 -18.01 -11.35 8.62
CA LYS B 119 -17.41 -10.36 7.74
C LYS B 119 -18.41 -9.90 6.69
N PRO B 120 -18.42 -8.59 6.36
CA PRO B 120 -19.40 -8.05 5.42
C PRO B 120 -19.12 -8.49 3.98
N ARG B 121 -20.18 -8.59 3.21
CA ARG B 121 -20.04 -8.71 1.77
C ARG B 121 -20.99 -7.67 1.17
N GLY B 122 -20.59 -7.08 0.03
CA GLY B 122 -21.46 -6.17 -0.70
C GLY B 122 -21.41 -4.74 -0.16
N LEU B 123 -22.17 -3.86 -0.85
CA LEU B 123 -22.23 -2.45 -0.54
C LEU B 123 -23.59 -2.13 0.08
N PHE B 124 -23.54 -1.42 1.20
CA PHE B 124 -24.72 -0.90 1.89
C PHE B 124 -24.86 0.60 1.61
N ILE B 125 -26.01 0.96 1.03
CA ILE B 125 -26.37 2.32 0.68
C ILE B 125 -27.72 2.63 1.33
N THR B 126 -27.78 3.68 2.13
CA THR B 126 -28.96 3.93 2.94
C THR B 126 -29.64 5.21 2.50
N ILE B 127 -30.89 5.39 2.93
CA ILE B 127 -31.63 6.61 2.61
C ILE B 127 -30.83 7.84 3.06
N HIS B 128 -30.08 7.70 4.16
CA HIS B 128 -29.36 8.84 4.75
C HIS B 128 -28.09 9.17 3.98
N ASP B 129 -27.76 8.37 2.96
CA ASP B 129 -26.64 8.70 2.08
C ASP B 129 -27.17 9.47 0.89
N ARG B 130 -28.46 9.82 0.94
CA ARG B 130 -29.07 10.65 -0.08
C ARG B 130 -28.15 11.85 -0.40
N GLY B 131 -27.84 12.02 -1.69
CA GLY B 131 -26.93 13.06 -2.15
C GLY B 131 -25.45 12.64 -2.07
N HIS B 132 -25.16 11.45 -1.52
CA HIS B 132 -23.77 11.05 -1.36
C HIS B 132 -23.47 9.71 -2.04
N ILE B 133 -24.42 9.17 -2.82
CA ILE B 133 -24.26 7.81 -3.29
C ILE B 133 -22.92 7.67 -4.02
N ALA B 134 -22.54 8.66 -4.82
CA ALA B 134 -21.26 8.61 -5.53
C ALA B 134 -20.11 8.28 -4.57
N SER B 135 -20.09 8.93 -3.40
CA SER B 135 -18.98 8.74 -2.49
C SER B 135 -19.09 7.39 -1.77
N VAL B 136 -20.32 6.88 -1.63
CA VAL B 136 -20.47 5.56 -1.04
C VAL B 136 -19.82 4.54 -2.00
N LEU B 137 -20.06 4.71 -3.29
CA LEU B 137 -19.49 3.87 -4.35
C LEU B 137 -17.96 3.83 -4.26
N ASN B 138 -17.31 4.95 -3.89
CA ASN B 138 -15.85 5.06 -3.75
C ASN B 138 -15.29 4.01 -2.77
N ALA B 139 -16.12 3.51 -1.84
CA ALA B 139 -15.54 2.57 -0.87
C ALA B 139 -15.33 1.18 -1.48
N TRP B 140 -16.01 0.89 -2.60
CA TRP B 140 -15.91 -0.42 -3.22
C TRP B 140 -14.55 -0.61 -3.89
N PRO B 141 -13.76 -1.62 -3.49
CA PRO B 141 -12.36 -1.71 -3.92
C PRO B 141 -12.09 -2.19 -5.35
N GLU B 142 -13.15 -2.50 -6.11
CA GLU B 142 -12.97 -2.92 -7.50
C GLU B 142 -13.54 -1.83 -8.39
N ASP B 143 -12.72 -1.33 -9.32
CA ASP B 143 -13.12 -0.22 -10.17
C ASP B 143 -13.98 -0.69 -11.34
N VAL B 144 -13.74 -1.91 -11.83
CA VAL B 144 -14.35 -2.38 -13.06
C VAL B 144 -15.53 -3.28 -12.71
N ILE B 145 -16.73 -2.71 -12.77
CA ILE B 145 -17.93 -3.43 -12.42
C ILE B 145 -18.82 -3.52 -13.65
N LYS B 146 -19.34 -4.73 -13.93
CA LYS B 146 -20.14 -4.98 -15.12
C LYS B 146 -21.53 -5.49 -14.75
N ALA B 147 -21.69 -6.07 -13.55
CA ALA B 147 -22.99 -6.55 -13.09
C ALA B 147 -23.25 -6.16 -11.64
N ILE B 148 -24.44 -5.59 -11.41
CA ILE B 148 -24.93 -5.22 -10.09
C ILE B 148 -26.20 -6.00 -9.82
N VAL B 149 -26.30 -6.65 -8.66
CA VAL B 149 -27.60 -7.09 -8.18
C VAL B 149 -28.01 -6.26 -6.97
N VAL B 150 -29.21 -5.68 -6.99
CA VAL B 150 -29.61 -4.76 -5.94
C VAL B 150 -30.99 -5.15 -5.42
N THR B 151 -31.18 -4.99 -4.10
CA THR B 151 -32.44 -5.27 -3.38
C THR B 151 -32.69 -4.16 -2.35
N ASP B 152 -33.95 -3.96 -1.96
CA ASP B 152 -34.28 -3.13 -0.82
C ASP B 152 -34.82 -4.01 0.31
N GLY B 153 -34.69 -5.33 0.12
CA GLY B 153 -35.06 -6.31 1.16
C GLY B 153 -36.56 -6.36 1.51
N GLU B 154 -37.40 -5.70 0.72
CA GLU B 154 -38.82 -5.64 1.08
C GLU B 154 -39.54 -6.97 0.85
N ARG B 155 -39.06 -7.81 -0.08
CA ARG B 155 -39.78 -9.01 -0.46
C ARG B 155 -38.78 -10.11 -0.76
N ILE B 156 -38.17 -10.65 0.30
CA ILE B 156 -37.14 -11.65 0.17
C ILE B 156 -37.83 -13.00 -0.01
N LEU B 157 -37.48 -13.69 -1.11
CA LEU B 157 -38.08 -14.96 -1.45
C LEU B 157 -39.57 -14.91 -1.10
N GLY B 158 -40.01 -15.91 -0.34
CA GLY B 158 -41.36 -15.95 0.17
C GLY B 158 -41.40 -15.58 1.66
N LEU B 159 -40.40 -14.84 2.13
CA LEU B 159 -40.30 -14.53 3.56
C LEU B 159 -40.74 -13.11 3.91
N GLY B 160 -41.10 -12.30 2.89
CA GLY B 160 -41.49 -10.92 3.11
C GLY B 160 -40.30 -10.01 3.44
N ASP B 161 -40.57 -8.95 4.23
CA ASP B 161 -39.66 -7.81 4.44
C ASP B 161 -38.62 -8.16 5.50
N LEU B 162 -37.34 -8.24 5.10
CA LEU B 162 -36.31 -8.58 6.07
C LEU B 162 -35.27 -7.47 6.13
N GLY B 163 -35.63 -6.29 5.59
CA GLY B 163 -34.81 -5.11 5.64
C GLY B 163 -33.36 -5.40 5.26
N CYS B 164 -32.43 -4.93 6.10
CA CYS B 164 -31.00 -4.98 5.80
C CYS B 164 -30.47 -6.41 5.76
N ASN B 165 -31.18 -7.32 6.43
CA ASN B 165 -30.92 -8.75 6.38
C ASN B 165 -31.09 -9.27 4.96
N GLY B 166 -31.77 -8.50 4.10
CA GLY B 166 -31.95 -8.86 2.70
C GLY B 166 -30.64 -9.06 1.93
N MET B 167 -29.51 -8.66 2.52
CA MET B 167 -28.25 -8.58 1.78
C MET B 167 -27.80 -9.99 1.36
N GLY B 168 -28.24 -11.01 2.11
CA GLY B 168 -27.95 -12.38 1.72
C GLY B 168 -28.36 -12.69 0.27
N ILE B 169 -29.37 -11.97 -0.24
CA ILE B 169 -29.94 -12.32 -1.53
C ILE B 169 -29.01 -11.86 -2.66
N PRO B 170 -28.63 -10.57 -2.75
CA PRO B 170 -27.68 -10.15 -3.78
C PRO B 170 -26.39 -10.96 -3.76
N VAL B 171 -25.89 -11.33 -2.56
CA VAL B 171 -24.65 -12.08 -2.45
C VAL B 171 -24.82 -13.49 -3.07
N GLY B 172 -25.90 -14.16 -2.68
CA GLY B 172 -26.14 -15.50 -3.20
C GLY B 172 -26.44 -15.48 -4.70
N LYS B 173 -27.18 -14.44 -5.13
CA LYS B 173 -27.60 -14.29 -6.52
C LYS B 173 -26.36 -14.14 -7.38
N LEU B 174 -25.47 -13.24 -6.96
CA LEU B 174 -24.24 -13.03 -7.73
C LEU B 174 -23.37 -14.27 -7.73
N ALA B 175 -23.41 -15.10 -6.67
CA ALA B 175 -22.60 -16.31 -6.68
C ALA B 175 -23.05 -17.26 -7.79
N LEU B 176 -24.34 -17.19 -8.14
CA LEU B 176 -24.91 -18.06 -9.17
C LEU B 176 -24.61 -17.47 -10.55
N TYR B 177 -24.59 -16.12 -10.63
CA TYR B 177 -24.12 -15.50 -11.85
C TYR B 177 -22.77 -16.09 -12.27
N THR B 178 -21.90 -16.25 -11.26
CA THR B 178 -20.53 -16.64 -11.54
C THR B 178 -20.52 -18.14 -11.79
N ALA B 179 -21.06 -18.89 -10.83
CA ALA B 179 -20.99 -20.34 -10.83
C ALA B 179 -21.73 -20.91 -12.04
N CYS B 180 -22.89 -20.33 -12.39
CA CYS B 180 -23.77 -20.89 -13.42
C CYS B 180 -23.53 -20.24 -14.78
N GLY B 181 -23.07 -18.98 -14.80
CA GLY B 181 -23.02 -18.28 -16.07
C GLY B 181 -21.63 -17.72 -16.40
N GLY B 182 -20.66 -17.91 -15.50
CA GLY B 182 -19.30 -17.47 -15.78
C GLY B 182 -19.05 -15.96 -15.75
N MET B 183 -19.94 -15.19 -15.08
CA MET B 183 -19.64 -13.80 -14.76
C MET B 183 -18.44 -13.69 -13.80
N ASN B 184 -17.54 -12.75 -14.07
CA ASN B 184 -16.35 -12.57 -13.26
C ASN B 184 -16.80 -11.97 -11.94
N PRO B 185 -16.60 -12.66 -10.78
CA PRO B 185 -17.05 -12.15 -9.48
C PRO B 185 -16.39 -10.82 -9.11
N GLN B 186 -15.15 -10.63 -9.61
CA GLN B 186 -14.42 -9.39 -9.38
C GLN B 186 -15.14 -8.19 -9.98
N GLU B 187 -16.02 -8.45 -10.97
CA GLU B 187 -16.72 -7.41 -11.71
C GLU B 187 -18.19 -7.31 -11.31
N CYS B 188 -18.52 -7.91 -10.17
CA CYS B 188 -19.90 -7.98 -9.72
C CYS B 188 -19.99 -7.26 -8.38
N LEU B 189 -21.11 -6.56 -8.19
CA LEU B 189 -21.35 -5.69 -7.05
C LEU B 189 -22.71 -6.04 -6.47
N PRO B 190 -22.79 -6.71 -5.28
CA PRO B 190 -24.06 -6.92 -4.59
C PRO B 190 -24.41 -5.68 -3.76
N VAL B 191 -25.67 -5.22 -3.84
CA VAL B 191 -26.02 -3.94 -3.23
C VAL B 191 -27.31 -4.10 -2.43
N ILE B 192 -27.35 -3.51 -1.22
CA ILE B 192 -28.62 -3.30 -0.54
C ILE B 192 -28.86 -1.81 -0.33
N LEU B 193 -30.10 -1.40 -0.61
CA LEU B 193 -30.56 -0.06 -0.33
C LEU B 193 -31.40 -0.22 0.93
N ASP B 194 -30.96 0.45 2.01
CA ASP B 194 -31.67 0.40 3.27
C ASP B 194 -32.43 1.70 3.47
N VAL B 195 -33.76 1.58 3.38
CA VAL B 195 -34.62 2.74 3.52
C VAL B 195 -35.47 2.55 4.77
N GLY B 196 -35.11 1.55 5.57
CA GLY B 196 -35.89 1.13 6.72
C GLY B 196 -36.54 -0.23 6.50
N THR B 197 -37.35 -0.66 7.47
CA THR B 197 -38.05 -1.91 7.34
C THR B 197 -39.37 -1.83 8.10
N GLU B 198 -40.34 -2.65 7.67
CA GLU B 198 -41.61 -2.80 8.38
C GLU B 198 -41.54 -4.02 9.30
N ASN B 199 -40.42 -4.75 9.23
CA ASN B 199 -40.27 -5.98 10.00
C ASN B 199 -40.16 -5.65 11.48
N GLU B 200 -41.25 -5.96 12.20
CA GLU B 200 -41.44 -5.57 13.58
C GLU B 200 -40.45 -6.29 14.48
N GLU B 201 -40.16 -7.56 14.16
CA GLU B 201 -39.17 -8.31 14.92
C GLU B 201 -37.78 -7.68 14.82
N LEU B 202 -37.38 -7.29 13.60
CA LEU B 202 -36.06 -6.68 13.42
C LEU B 202 -35.99 -5.31 14.11
N LEU B 203 -37.07 -4.51 14.02
CA LEU B 203 -37.12 -3.20 14.66
C LEU B 203 -36.91 -3.30 16.18
N LYS B 204 -37.30 -4.42 16.80
CA LYS B 204 -37.18 -4.73 18.23
C LYS B 204 -35.82 -5.36 18.57
N ASP B 205 -35.12 -5.89 17.56
CA ASP B 205 -33.99 -6.79 17.76
C ASP B 205 -32.74 -5.97 18.07
N PRO B 206 -32.10 -6.12 19.26
CA PRO B 206 -30.92 -5.32 19.59
C PRO B 206 -29.77 -5.59 18.60
N LEU B 207 -29.77 -6.78 17.98
CA LEU B 207 -28.68 -7.16 17.08
C LEU B 207 -28.89 -6.69 15.64
N TYR B 208 -30.00 -6.00 15.33
CA TYR B 208 -30.35 -5.79 13.93
C TYR B 208 -29.33 -4.85 13.28
N ILE B 209 -28.83 -5.23 12.11
CA ILE B 209 -27.69 -4.53 11.50
C ILE B 209 -28.18 -3.35 10.67
N GLY B 210 -29.50 -3.29 10.42
CA GLY B 210 -30.08 -2.32 9.51
C GLY B 210 -30.51 -1.02 10.19
N LEU B 211 -31.06 -0.09 9.41
CA LEU B 211 -31.62 1.12 9.99
C LEU B 211 -32.84 0.76 10.81
N ARG B 212 -32.86 1.26 12.05
CA ARG B 212 -33.95 0.97 12.94
C ARG B 212 -35.04 2.02 12.75
N GLN B 213 -35.82 1.89 11.67
CA GLN B 213 -36.88 2.85 11.34
C GLN B 213 -37.80 2.22 10.30
N ARG B 214 -39.02 2.75 10.20
CA ARG B 214 -40.00 2.31 9.21
C ARG B 214 -39.48 2.63 7.80
N ARG B 215 -40.05 1.96 6.78
CA ARG B 215 -39.63 2.21 5.42
C ARG B 215 -40.04 3.62 4.99
N VAL B 216 -39.10 4.34 4.36
CA VAL B 216 -39.41 5.59 3.69
C VAL B 216 -40.17 5.27 2.40
N ARG B 217 -41.26 6.03 2.13
CA ARG B 217 -42.13 5.82 0.98
C ARG B 217 -42.13 7.05 0.05
N GLY B 218 -42.95 6.97 -1.00
CA GLY B 218 -43.28 8.12 -1.83
C GLY B 218 -42.07 8.69 -2.55
N SER B 219 -42.07 10.02 -2.75
CA SER B 219 -41.12 10.66 -3.64
C SER B 219 -39.69 10.60 -3.09
N GLU B 220 -39.58 10.65 -1.77
CA GLU B 220 -38.30 10.55 -1.08
C GLU B 220 -37.57 9.28 -1.52
N TYR B 221 -38.30 8.15 -1.58
CA TYR B 221 -37.79 6.87 -2.03
C TYR B 221 -37.45 6.92 -3.53
N ASP B 222 -38.36 7.46 -4.35
CA ASP B 222 -38.21 7.55 -5.79
C ASP B 222 -36.97 8.38 -6.16
N ASP B 223 -36.74 9.48 -5.43
CA ASP B 223 -35.58 10.34 -5.71
C ASP B 223 -34.30 9.58 -5.36
N PHE B 224 -34.37 8.73 -4.34
CA PHE B 224 -33.21 8.02 -3.84
C PHE B 224 -32.77 6.96 -4.86
N LEU B 225 -33.72 6.17 -5.37
CA LEU B 225 -33.50 5.19 -6.42
C LEU B 225 -33.03 5.89 -7.70
N ASP B 226 -33.59 7.07 -7.98
CA ASP B 226 -33.18 7.85 -9.14
C ASP B 226 -31.68 8.10 -9.03
N GLU B 227 -31.26 8.59 -7.86
CA GLU B 227 -29.84 8.89 -7.64
C GLU B 227 -29.02 7.61 -7.67
N PHE B 228 -29.59 6.50 -7.16
CA PHE B 228 -28.87 5.25 -7.23
C PHE B 228 -28.49 4.91 -8.68
N MET B 229 -29.50 4.93 -9.56
CA MET B 229 -29.30 4.55 -10.95
C MET B 229 -28.27 5.46 -11.62
N GLU B 230 -28.32 6.78 -11.33
CA GLU B 230 -27.41 7.75 -11.95
C GLU B 230 -25.99 7.48 -11.49
N ALA B 231 -25.81 7.38 -10.16
CA ALA B 231 -24.48 7.23 -9.58
C ALA B 231 -23.77 6.02 -10.17
N VAL B 232 -24.48 4.88 -10.17
CA VAL B 232 -23.92 3.60 -10.53
C VAL B 232 -23.54 3.58 -12.02
N SER B 233 -24.44 4.06 -12.88
CA SER B 233 -24.21 4.05 -14.32
C SER B 233 -23.18 5.11 -14.71
N SER B 234 -23.20 6.23 -13.99
CA SER B 234 -22.19 7.26 -14.19
C SER B 234 -20.81 6.72 -13.84
N LYS B 235 -20.71 5.94 -12.75
CA LYS B 235 -19.40 5.45 -12.32
C LYS B 235 -18.95 4.23 -13.13
N TYR B 236 -19.86 3.25 -13.29
CA TYR B 236 -19.47 2.02 -13.93
C TYR B 236 -19.76 2.04 -15.43
N GLY B 237 -20.49 3.07 -15.88
CA GLY B 237 -20.76 3.21 -17.30
C GLY B 237 -22.14 2.67 -17.65
N MET B 238 -22.66 3.09 -18.81
CA MET B 238 -23.99 2.73 -19.24
C MET B 238 -24.07 1.23 -19.59
N ASN B 239 -22.93 0.57 -19.80
CA ASN B 239 -22.91 -0.86 -20.13
C ASN B 239 -23.14 -1.73 -18.89
N CYS B 240 -23.01 -1.16 -17.68
CA CYS B 240 -23.12 -1.95 -16.46
C CYS B 240 -24.54 -2.45 -16.21
N LEU B 241 -24.70 -3.77 -16.06
CA LEU B 241 -25.99 -4.37 -15.81
C LEU B 241 -26.40 -4.12 -14.37
N ILE B 242 -27.69 -3.77 -14.20
CA ILE B 242 -28.30 -3.51 -12.91
C ILE B 242 -29.54 -4.38 -12.83
N GLN B 243 -29.52 -5.41 -11.96
CA GLN B 243 -30.63 -6.31 -11.82
C GLN B 243 -31.31 -6.16 -10.46
N PHE B 244 -32.57 -5.76 -10.48
CA PHE B 244 -33.41 -5.63 -9.30
C PHE B 244 -33.83 -7.01 -8.83
N GLU B 245 -33.96 -7.18 -7.51
CA GLU B 245 -34.39 -8.45 -6.95
C GLU B 245 -35.08 -8.18 -5.62
N ASP B 246 -36.17 -8.91 -5.37
CA ASP B 246 -36.82 -8.99 -4.07
C ASP B 246 -37.29 -7.62 -3.59
N PHE B 247 -37.68 -6.79 -4.56
CA PHE B 247 -38.48 -5.60 -4.30
C PHE B 247 -39.93 -6.05 -4.09
N ALA B 248 -40.72 -5.22 -3.38
CA ALA B 248 -42.16 -5.38 -3.29
C ALA B 248 -42.73 -5.33 -4.70
N ASN B 249 -43.76 -6.14 -4.97
CA ASN B 249 -44.24 -6.38 -6.32
C ASN B 249 -44.63 -5.08 -7.01
N VAL B 250 -45.29 -4.20 -6.24
CA VAL B 250 -45.77 -2.94 -6.77
C VAL B 250 -44.61 -2.12 -7.30
N ASN B 251 -43.60 -1.89 -6.44
CA ASN B 251 -42.36 -1.21 -6.80
C ASN B 251 -41.65 -1.89 -7.97
N ALA B 252 -41.54 -3.24 -7.90
CA ALA B 252 -40.72 -3.99 -8.86
C ALA B 252 -41.14 -3.63 -10.28
N PHE B 253 -42.47 -3.69 -10.52
CA PHE B 253 -43.00 -3.42 -11.83
C PHE B 253 -42.83 -1.93 -12.19
N ARG B 254 -43.18 -1.05 -11.25
CA ARG B 254 -43.06 0.40 -11.42
C ARG B 254 -41.61 0.79 -11.78
N LEU B 255 -40.65 0.22 -11.05
CA LEU B 255 -39.25 0.62 -11.22
C LEU B 255 -38.70 0.05 -12.53
N LEU B 256 -39.06 -1.20 -12.85
CA LEU B 256 -38.65 -1.72 -14.14
C LEU B 256 -39.23 -0.86 -15.26
N ASN B 257 -40.50 -0.49 -15.14
CA ASN B 257 -41.12 0.35 -16.18
C ASN B 257 -40.38 1.66 -16.29
N LYS B 258 -39.96 2.20 -15.14
CA LYS B 258 -39.36 3.51 -15.05
C LYS B 258 -37.98 3.56 -15.74
N TYR B 259 -37.18 2.48 -15.66
CA TYR B 259 -35.75 2.59 -15.96
C TYR B 259 -35.32 1.79 -17.19
N ARG B 260 -36.16 0.83 -17.60
CA ARG B 260 -35.73 -0.22 -18.53
C ARG B 260 -35.32 0.37 -19.88
N ASN B 261 -35.90 1.52 -20.24
CA ASN B 261 -35.67 2.12 -21.54
C ASN B 261 -34.46 3.04 -21.51
N GLN B 262 -33.97 3.38 -20.31
CA GLN B 262 -32.78 4.22 -20.33
C GLN B 262 -31.57 3.53 -19.72
N TYR B 263 -31.77 2.48 -18.93
CA TYR B 263 -30.62 1.83 -18.31
C TYR B 263 -30.58 0.36 -18.66
N CYS B 264 -29.40 -0.23 -18.47
CA CYS B 264 -29.20 -1.62 -18.75
C CYS B 264 -29.68 -2.43 -17.56
N THR B 265 -31.02 -2.62 -17.46
CA THR B 265 -31.64 -3.10 -16.24
C THR B 265 -32.74 -4.13 -16.51
N PHE B 266 -32.91 -5.04 -15.56
CA PHE B 266 -34.00 -6.00 -15.67
C PHE B 266 -34.39 -6.42 -14.27
N ASN B 267 -35.49 -7.16 -14.17
CA ASN B 267 -35.96 -7.60 -12.87
C ASN B 267 -36.22 -9.11 -12.95
N ASP B 268 -35.43 -9.89 -12.20
CA ASP B 268 -35.42 -11.33 -12.41
C ASP B 268 -36.70 -11.98 -11.87
N ASP B 269 -37.31 -11.38 -10.83
CA ASP B 269 -38.54 -11.93 -10.28
C ASP B 269 -39.66 -11.82 -11.33
N ILE B 270 -39.59 -10.79 -12.19
CA ILE B 270 -40.63 -10.56 -13.19
C ILE B 270 -40.26 -11.32 -14.45
N GLN B 271 -39.15 -10.92 -15.04
CA GLN B 271 -38.76 -11.31 -16.39
C GLN B 271 -38.12 -12.71 -16.42
N GLY B 272 -37.31 -13.05 -15.42
CA GLY B 272 -36.65 -14.35 -15.38
C GLY B 272 -37.66 -15.48 -15.17
N THR B 273 -38.62 -15.22 -14.28
CA THR B 273 -39.79 -16.05 -14.00
C THR B 273 -40.65 -16.26 -15.25
N ALA B 274 -40.90 -15.20 -16.02
CA ALA B 274 -41.70 -15.34 -17.24
C ALA B 274 -40.93 -16.23 -18.23
N SER B 275 -39.64 -15.98 -18.33
CA SER B 275 -38.77 -16.70 -19.25
C SER B 275 -38.75 -18.20 -18.99
N VAL B 276 -38.64 -18.61 -17.72
CA VAL B 276 -38.40 -20.01 -17.42
C VAL B 276 -39.73 -20.77 -17.48
N ALA B 277 -40.83 -20.11 -17.15
CA ALA B 277 -42.15 -20.73 -17.25
C ALA B 277 -42.48 -20.97 -18.72
N VAL B 278 -42.22 -19.97 -19.57
CA VAL B 278 -42.46 -20.11 -20.99
C VAL B 278 -41.56 -21.21 -21.55
N ALA B 279 -40.29 -21.27 -21.07
CA ALA B 279 -39.38 -22.30 -21.49
C ALA B 279 -39.99 -23.69 -21.28
N GLY B 280 -40.59 -23.92 -20.10
CA GLY B 280 -41.22 -25.19 -19.81
C GLY B 280 -42.40 -25.47 -20.77
N LEU B 281 -43.18 -24.43 -21.02
CA LEU B 281 -44.33 -24.54 -21.90
C LEU B 281 -43.88 -24.96 -23.30
N LEU B 282 -42.81 -24.31 -23.80
CA LEU B 282 -42.33 -24.57 -25.14
C LEU B 282 -41.82 -26.01 -25.23
N ALA B 283 -41.25 -26.50 -24.14
CA ALA B 283 -40.71 -27.86 -24.10
C ALA B 283 -41.86 -28.83 -24.14
N ALA B 284 -42.88 -28.56 -23.33
CA ALA B 284 -44.08 -29.36 -23.31
C ALA B 284 -44.74 -29.46 -24.68
N LEU B 285 -44.60 -28.44 -25.56
CA LEU B 285 -45.28 -28.46 -26.85
C LEU B 285 -44.74 -29.61 -27.71
N ARG B 286 -43.58 -30.14 -27.31
CA ARG B 286 -42.92 -31.20 -28.07
C ARG B 286 -43.41 -32.55 -27.57
N ILE B 287 -44.11 -32.58 -26.43
CA ILE B 287 -44.84 -33.80 -26.07
C ILE B 287 -46.26 -33.72 -26.61
N THR B 288 -46.98 -32.63 -26.33
CA THR B 288 -48.33 -32.49 -26.88
C THR B 288 -48.34 -32.49 -28.42
N LYS B 289 -47.22 -32.09 -29.04
CA LYS B 289 -47.00 -32.09 -30.49
C LYS B 289 -47.98 -31.17 -31.22
N ASN B 290 -48.27 -30.00 -30.63
CA ASN B 290 -49.09 -28.97 -31.27
C ASN B 290 -48.48 -27.60 -31.02
N LYS B 291 -49.23 -26.55 -31.38
CA LYS B 291 -48.73 -25.18 -31.32
C LYS B 291 -49.13 -24.52 -29.99
N LEU B 292 -48.37 -23.48 -29.59
CA LEU B 292 -48.80 -22.67 -28.47
C LEU B 292 -50.18 -22.08 -28.75
N SER B 293 -50.40 -21.74 -30.04
CA SER B 293 -51.68 -21.36 -30.65
C SER B 293 -52.84 -22.24 -30.22
N ASP B 294 -52.57 -23.54 -30.03
CA ASP B 294 -53.62 -24.53 -29.79
C ASP B 294 -54.03 -24.57 -28.32
N GLN B 295 -53.29 -23.88 -27.43
CA GLN B 295 -53.51 -24.06 -26.00
C GLN B 295 -54.63 -23.16 -25.50
N THR B 296 -55.28 -23.56 -24.41
CA THR B 296 -56.00 -22.64 -23.55
C THR B 296 -55.35 -22.70 -22.17
N ILE B 297 -54.80 -21.58 -21.70
CA ILE B 297 -54.03 -21.53 -20.45
C ILE B 297 -54.88 -20.94 -19.32
N LEU B 298 -55.00 -21.65 -18.19
CA LEU B 298 -55.63 -21.08 -17.01
C LEU B 298 -54.57 -20.86 -15.95
N PHE B 299 -54.48 -19.62 -15.44
CA PHE B 299 -53.53 -19.30 -14.38
C PHE B 299 -54.25 -19.29 -13.06
N GLN B 300 -53.72 -20.06 -12.12
CA GLN B 300 -54.10 -20.00 -10.72
C GLN B 300 -53.19 -18.96 -10.07
N GLY B 301 -53.78 -17.78 -9.81
CA GLY B 301 -53.02 -16.61 -9.39
C GLY B 301 -53.02 -15.58 -10.52
N ALA B 302 -52.84 -14.29 -10.17
CA ALA B 302 -52.87 -13.26 -11.20
C ALA B 302 -51.96 -12.12 -10.78
N GLY B 303 -50.84 -12.49 -10.15
CA GLY B 303 -49.90 -11.58 -9.54
C GLY B 303 -48.67 -11.41 -10.40
N GLU B 304 -47.51 -11.20 -9.77
CA GLU B 304 -46.29 -10.84 -10.47
C GLU B 304 -45.88 -11.96 -11.41
N ALA B 305 -45.95 -13.20 -10.91
CA ALA B 305 -45.57 -14.36 -11.72
C ALA B 305 -46.56 -14.50 -12.88
N ALA B 306 -47.85 -14.62 -12.54
CA ALA B 306 -48.89 -14.84 -13.54
C ALA B 306 -48.81 -13.83 -14.69
N LEU B 307 -48.78 -12.54 -14.34
CA LEU B 307 -48.93 -11.48 -15.33
C LEU B 307 -47.69 -11.40 -16.19
N GLY B 308 -46.52 -11.64 -15.56
CA GLY B 308 -45.26 -11.72 -16.29
C GLY B 308 -45.25 -12.84 -17.32
N ILE B 309 -45.64 -14.06 -16.90
CA ILE B 309 -45.67 -15.24 -17.77
C ILE B 309 -46.70 -15.05 -18.89
N ALA B 310 -47.89 -14.54 -18.55
CA ALA B 310 -48.92 -14.32 -19.55
C ALA B 310 -48.46 -13.30 -20.59
N HIS B 311 -47.81 -12.22 -20.14
CA HIS B 311 -47.28 -11.24 -21.08
C HIS B 311 -46.39 -11.92 -22.13
N LEU B 312 -45.46 -12.78 -21.65
CA LEU B 312 -44.48 -13.41 -22.53
C LEU B 312 -45.14 -14.47 -23.42
N ILE B 313 -46.17 -15.14 -22.90
CA ILE B 313 -46.91 -16.11 -23.70
C ILE B 313 -47.54 -15.40 -24.91
N VAL B 314 -48.12 -14.23 -24.64
CA VAL B 314 -48.75 -13.43 -25.68
C VAL B 314 -47.71 -13.06 -26.74
N MET B 315 -46.50 -12.69 -26.30
CA MET B 315 -45.43 -12.33 -27.21
C MET B 315 -45.01 -13.54 -28.06
N ALA B 316 -44.99 -14.73 -27.46
CA ALA B 316 -44.69 -15.95 -28.20
C ALA B 316 -45.82 -16.25 -29.19
N LEU B 317 -47.06 -15.97 -28.79
CA LEU B 317 -48.23 -16.17 -29.63
C LEU B 317 -48.17 -15.24 -30.84
N GLU B 318 -47.94 -13.94 -30.58
CA GLU B 318 -47.72 -12.95 -31.64
C GLU B 318 -46.65 -13.44 -32.61
N LYS B 319 -45.51 -13.89 -32.06
CA LYS B 319 -44.39 -14.33 -32.87
C LYS B 319 -44.79 -15.51 -33.77
N GLU B 320 -45.74 -16.34 -33.32
CA GLU B 320 -46.28 -17.48 -34.07
C GLU B 320 -47.15 -16.99 -35.24
N GLY B 321 -47.69 -15.77 -35.13
CA GLY B 321 -48.45 -15.15 -36.20
C GLY B 321 -49.87 -14.74 -35.76
N LEU B 322 -50.19 -14.95 -34.49
CA LEU B 322 -51.50 -14.59 -33.97
C LEU B 322 -51.48 -13.10 -33.67
N PRO B 323 -52.52 -12.32 -34.05
CA PRO B 323 -52.61 -10.93 -33.62
C PRO B 323 -52.87 -10.90 -32.10
N LYS B 324 -52.44 -9.79 -31.48
CA LYS B 324 -52.50 -9.59 -30.05
C LYS B 324 -53.88 -9.97 -29.52
N GLU B 325 -54.95 -9.48 -30.17
CA GLU B 325 -56.27 -9.61 -29.59
C GLU B 325 -56.77 -11.05 -29.65
N LYS B 326 -56.21 -11.84 -30.58
CA LYS B 326 -56.47 -13.28 -30.64
C LYS B 326 -55.66 -13.98 -29.54
N ALA B 327 -54.38 -13.64 -29.48
CA ALA B 327 -53.43 -14.15 -28.49
C ALA B 327 -54.06 -14.12 -27.10
N ILE B 328 -54.54 -12.92 -26.74
CA ILE B 328 -55.00 -12.53 -25.41
C ILE B 328 -56.15 -13.42 -24.95
N LYS B 329 -57.04 -13.83 -25.87
CA LYS B 329 -58.25 -14.57 -25.52
C LYS B 329 -57.92 -16.01 -25.12
N LYS B 330 -56.67 -16.42 -25.34
CA LYS B 330 -56.22 -17.77 -25.01
C LYS B 330 -55.84 -17.91 -23.51
N ILE B 331 -55.82 -16.82 -22.75
CA ILE B 331 -55.29 -16.86 -21.39
C ILE B 331 -56.37 -16.42 -20.40
N TRP B 332 -56.68 -17.27 -19.42
CA TRP B 332 -57.58 -16.89 -18.34
C TRP B 332 -56.81 -16.81 -17.02
N LEU B 333 -57.21 -15.91 -16.11
CA LEU B 333 -56.57 -15.75 -14.81
C LEU B 333 -57.61 -15.85 -13.70
N VAL B 334 -57.17 -16.38 -12.55
CA VAL B 334 -57.99 -16.41 -11.35
C VAL B 334 -57.19 -15.73 -10.24
N ASP B 335 -57.83 -14.77 -9.54
CA ASP B 335 -57.18 -14.15 -8.40
C ASP B 335 -57.87 -14.59 -7.10
N SER B 336 -57.63 -13.87 -6.00
CA SER B 336 -58.18 -14.26 -4.71
C SER B 336 -59.71 -14.15 -4.72
N LYS B 337 -60.24 -13.43 -5.72
CA LYS B 337 -61.67 -13.16 -5.74
C LYS B 337 -62.31 -14.06 -6.79
N GLY B 338 -61.48 -14.64 -7.66
CA GLY B 338 -61.98 -15.62 -8.62
C GLY B 338 -61.60 -15.26 -10.05
N LEU B 339 -62.41 -15.72 -11.01
CA LEU B 339 -62.05 -15.62 -12.42
C LEU B 339 -62.02 -14.14 -12.80
N ILE B 340 -61.06 -13.77 -13.64
CA ILE B 340 -60.97 -12.39 -14.10
C ILE B 340 -61.86 -12.28 -15.34
N VAL B 341 -62.94 -11.47 -15.23
CA VAL B 341 -63.97 -11.35 -16.27
C VAL B 341 -64.37 -9.88 -16.43
N LYS B 342 -64.82 -9.51 -17.64
CA LYS B 342 -65.17 -8.13 -17.97
C LYS B 342 -66.16 -7.55 -16.97
N GLY B 343 -65.77 -6.44 -16.34
CA GLY B 343 -66.66 -5.67 -15.49
C GLY B 343 -66.76 -6.18 -14.06
N ARG B 344 -65.99 -7.22 -13.71
CA ARG B 344 -65.94 -7.71 -12.35
C ARG B 344 -65.35 -6.62 -11.47
N ALA B 345 -65.64 -6.70 -10.16
CA ALA B 345 -65.12 -5.81 -9.15
C ALA B 345 -63.61 -6.06 -8.94
N SER B 346 -62.99 -5.20 -8.12
CA SER B 346 -61.59 -5.28 -7.70
C SER B 346 -60.70 -5.80 -8.83
N LEU B 347 -60.66 -5.09 -9.95
CA LEU B 347 -59.73 -5.38 -11.03
C LEU B 347 -58.75 -4.23 -11.17
N THR B 348 -57.54 -4.54 -11.65
CA THR B 348 -56.52 -3.52 -11.91
C THR B 348 -56.34 -3.40 -13.42
N GLN B 349 -55.61 -2.36 -13.84
CA GLN B 349 -55.34 -2.08 -15.23
C GLN B 349 -54.66 -3.29 -15.90
N GLU B 350 -53.75 -3.96 -15.16
CA GLU B 350 -52.99 -5.07 -15.71
C GLU B 350 -53.83 -6.34 -15.77
N LYS B 351 -54.72 -6.54 -14.78
CA LYS B 351 -55.56 -7.73 -14.81
C LYS B 351 -56.67 -7.56 -15.87
N GLU B 352 -57.02 -6.30 -16.15
CA GLU B 352 -58.02 -5.89 -17.14
C GLU B 352 -57.73 -6.45 -18.53
N LYS B 353 -56.44 -6.52 -18.91
CA LYS B 353 -56.08 -6.96 -20.26
C LYS B 353 -56.65 -8.35 -20.56
N PHE B 354 -56.98 -9.12 -19.52
CA PHE B 354 -57.44 -10.50 -19.71
C PHE B 354 -58.86 -10.70 -19.17
N ALA B 355 -59.59 -9.58 -18.98
CA ALA B 355 -60.96 -9.62 -18.48
C ALA B 355 -61.92 -9.89 -19.63
N HIS B 356 -62.12 -11.18 -19.95
CA HIS B 356 -62.99 -11.52 -21.07
C HIS B 356 -64.44 -11.53 -20.61
N GLU B 357 -65.36 -11.47 -21.57
CA GLU B 357 -66.78 -11.48 -21.24
C GLU B 357 -67.15 -12.87 -20.72
N HIS B 358 -67.76 -12.92 -19.54
CA HIS B 358 -68.06 -14.20 -18.91
C HIS B 358 -68.73 -13.97 -17.56
N GLU B 359 -69.69 -14.84 -17.24
CA GLU B 359 -70.19 -15.12 -15.91
C GLU B 359 -69.03 -15.11 -14.91
N GLU B 360 -69.22 -14.42 -13.77
CA GLU B 360 -68.30 -14.51 -12.65
C GLU B 360 -68.33 -15.93 -12.08
N MET B 361 -67.15 -16.42 -11.65
CA MET B 361 -67.00 -17.71 -11.00
C MET B 361 -65.95 -17.57 -9.91
N LYS B 362 -66.07 -18.36 -8.83
CA LYS B 362 -65.15 -18.28 -7.71
C LYS B 362 -64.46 -19.63 -7.49
N ASN B 363 -65.20 -20.73 -7.67
CA ASN B 363 -64.77 -22.09 -7.38
C ASN B 363 -63.84 -22.57 -8.51
N LEU B 364 -62.60 -22.98 -8.17
CA LEU B 364 -61.62 -23.27 -9.22
C LEU B 364 -61.99 -24.55 -9.98
N GLU B 365 -62.58 -25.53 -9.27
CA GLU B 365 -63.04 -26.76 -9.91
C GLU B 365 -64.01 -26.45 -11.04
N ALA B 366 -65.00 -25.59 -10.74
CA ALA B 366 -65.97 -25.16 -11.73
C ALA B 366 -65.29 -24.34 -12.82
N ILE B 367 -64.41 -23.40 -12.43
CA ILE B 367 -63.67 -22.64 -13.44
C ILE B 367 -62.99 -23.58 -14.43
N VAL B 368 -62.36 -24.64 -13.87
CA VAL B 368 -61.65 -25.67 -14.63
C VAL B 368 -62.64 -26.40 -15.54
N GLN B 369 -63.77 -26.87 -14.99
CA GLN B 369 -64.78 -27.53 -15.81
C GLN B 369 -65.29 -26.62 -16.91
N GLU B 370 -65.32 -25.30 -16.66
CA GLU B 370 -65.87 -24.38 -17.64
C GLU B 370 -64.83 -24.04 -18.71
N ILE B 371 -63.64 -23.61 -18.29
CA ILE B 371 -62.68 -23.10 -19.27
C ILE B 371 -62.10 -24.28 -20.06
N LYS B 372 -62.01 -25.44 -19.41
CA LYS B 372 -61.38 -26.62 -19.98
C LYS B 372 -60.00 -26.25 -20.53
N PRO B 373 -58.99 -25.87 -19.71
CA PRO B 373 -57.70 -25.49 -20.27
C PRO B 373 -56.90 -26.72 -20.75
N THR B 374 -55.93 -26.47 -21.64
CA THR B 374 -54.96 -27.46 -22.05
C THR B 374 -53.76 -27.40 -21.10
N ALA B 375 -53.64 -26.29 -20.36
CA ALA B 375 -52.48 -25.96 -19.54
C ALA B 375 -52.94 -25.19 -18.31
N LEU B 376 -52.58 -25.70 -17.13
CA LEU B 376 -52.95 -25.15 -15.84
C LEU B 376 -51.67 -24.73 -15.13
N ILE B 377 -51.55 -23.43 -14.79
CA ILE B 377 -50.30 -22.94 -14.23
C ILE B 377 -50.57 -22.38 -12.84
N GLY B 378 -50.02 -23.03 -11.82
CA GLY B 378 -50.23 -22.59 -10.45
C GLY B 378 -49.16 -21.60 -10.00
N VAL B 379 -49.59 -20.36 -9.67
CA VAL B 379 -48.72 -19.30 -9.19
C VAL B 379 -49.50 -18.46 -8.17
N ALA B 380 -50.21 -19.14 -7.27
CA ALA B 380 -51.05 -18.48 -6.29
C ALA B 380 -50.49 -18.59 -4.88
N ALA B 381 -49.57 -19.53 -4.63
CA ALA B 381 -49.00 -19.75 -3.30
C ALA B 381 -50.03 -20.34 -2.33
N ILE B 382 -51.04 -21.04 -2.88
CA ILE B 382 -52.00 -21.79 -2.09
C ILE B 382 -51.77 -23.29 -2.30
N GLY B 383 -51.18 -23.96 -1.31
CA GLY B 383 -50.91 -25.40 -1.36
C GLY B 383 -52.18 -26.21 -1.59
N GLY B 384 -52.13 -27.20 -2.50
CA GLY B 384 -53.21 -28.15 -2.60
C GLY B 384 -54.36 -27.65 -3.48
N ALA B 385 -54.18 -26.49 -4.12
CA ALA B 385 -55.24 -25.90 -4.92
C ALA B 385 -55.52 -26.72 -6.19
N PHE B 386 -54.55 -27.50 -6.69
CA PHE B 386 -54.94 -28.43 -7.74
C PHE B 386 -55.45 -29.74 -7.12
N SER B 387 -56.73 -29.76 -6.74
CA SER B 387 -57.32 -30.88 -6.02
C SER B 387 -57.42 -32.09 -6.94
N GLU B 388 -57.80 -33.22 -6.32
CA GLU B 388 -58.12 -34.45 -7.01
C GLU B 388 -59.03 -34.17 -8.22
N GLN B 389 -60.12 -33.43 -8.00
CA GLN B 389 -61.15 -33.25 -9.02
C GLN B 389 -60.59 -32.50 -10.22
N ILE B 390 -59.81 -31.45 -9.94
CA ILE B 390 -59.14 -30.62 -10.94
C ILE B 390 -58.27 -31.51 -11.81
N LEU B 391 -57.42 -32.32 -11.15
CA LEU B 391 -56.48 -33.20 -11.83
C LEU B 391 -57.27 -34.19 -12.70
N LYS B 392 -58.31 -34.79 -12.14
CA LYS B 392 -59.16 -35.73 -12.86
C LYS B 392 -59.73 -35.08 -14.13
N ASP B 393 -60.33 -33.89 -13.99
CA ASP B 393 -60.92 -33.19 -15.11
C ASP B 393 -59.88 -32.82 -16.16
N MET B 394 -58.71 -32.33 -15.71
CA MET B 394 -57.64 -31.95 -16.62
C MET B 394 -57.27 -33.15 -17.49
N ALA B 395 -57.31 -34.35 -16.90
CA ALA B 395 -56.89 -35.54 -17.63
C ALA B 395 -58.04 -36.14 -18.44
N ALA B 396 -59.30 -35.75 -18.15
CA ALA B 396 -60.44 -36.12 -18.97
C ALA B 396 -60.55 -35.19 -20.17
N PHE B 397 -60.22 -33.90 -20.00
CA PHE B 397 -60.33 -32.91 -21.06
C PHE B 397 -59.16 -33.01 -22.03
N ASN B 398 -58.00 -33.47 -21.55
CA ASN B 398 -56.79 -33.46 -22.35
C ASN B 398 -56.15 -34.83 -22.35
N GLU B 399 -55.63 -35.24 -23.52
CA GLU B 399 -54.77 -36.41 -23.65
C GLU B 399 -53.61 -36.26 -22.65
N ARG B 400 -52.85 -35.17 -22.85
CA ARG B 400 -51.66 -34.90 -22.06
C ARG B 400 -51.80 -33.52 -21.39
N PRO B 401 -52.54 -33.40 -20.26
CA PRO B 401 -52.76 -32.10 -19.60
C PRO B 401 -51.43 -31.52 -19.08
N ILE B 402 -51.13 -30.27 -19.44
CA ILE B 402 -49.95 -29.58 -18.92
C ILE B 402 -50.30 -28.97 -17.57
N ILE B 403 -49.53 -29.37 -16.54
CA ILE B 403 -49.77 -28.94 -15.17
C ILE B 403 -48.44 -28.49 -14.54
N PHE B 404 -48.36 -27.18 -14.27
CA PHE B 404 -47.21 -26.60 -13.59
C PHE B 404 -47.63 -26.16 -12.20
N ALA B 405 -47.00 -26.75 -11.17
CA ALA B 405 -47.23 -26.29 -9.80
C ALA B 405 -46.04 -25.45 -9.31
N LEU B 406 -46.11 -24.14 -9.55
CA LEU B 406 -44.90 -23.35 -9.45
C LEU B 406 -44.71 -22.80 -8.04
N SER B 407 -45.74 -22.86 -7.18
CA SER B 407 -45.61 -22.18 -5.90
C SER B 407 -44.59 -22.89 -5.00
N ASN B 408 -43.77 -22.10 -4.28
CA ASN B 408 -42.59 -22.54 -3.54
C ASN B 408 -42.78 -22.29 -2.05
N PRO B 409 -42.19 -23.08 -1.11
CA PRO B 409 -41.62 -24.41 -1.36
C PRO B 409 -42.71 -25.47 -1.57
N THR B 410 -42.34 -26.76 -1.62
CA THR B 410 -43.29 -27.79 -2.03
C THR B 410 -44.53 -27.75 -1.14
N SER B 411 -44.37 -27.26 0.10
CA SER B 411 -45.49 -27.30 1.04
C SER B 411 -46.61 -26.36 0.57
N LYS B 412 -46.29 -25.41 -0.31
CA LYS B 412 -47.25 -24.47 -0.87
C LYS B 412 -47.62 -24.81 -2.32
N ALA B 413 -47.06 -25.90 -2.86
CA ALA B 413 -47.20 -26.25 -4.26
C ALA B 413 -48.66 -26.64 -4.55
N GLU B 414 -49.15 -26.33 -5.75
CA GLU B 414 -50.56 -26.54 -6.05
C GLU B 414 -50.94 -28.02 -5.94
N CYS B 415 -50.01 -28.91 -6.29
CA CYS B 415 -50.15 -30.33 -5.99
C CYS B 415 -48.75 -30.94 -5.99
N SER B 416 -48.63 -32.15 -5.45
CA SER B 416 -47.37 -32.88 -5.58
C SER B 416 -47.28 -33.62 -6.92
N ALA B 417 -46.07 -34.06 -7.27
CA ALA B 417 -45.81 -34.82 -8.49
C ALA B 417 -46.51 -36.19 -8.40
N GLU B 418 -46.44 -36.81 -7.22
CA GLU B 418 -47.08 -38.09 -6.95
C GLU B 418 -48.58 -38.02 -7.24
N GLN B 419 -49.26 -37.00 -6.69
CA GLN B 419 -50.70 -36.84 -6.86
C GLN B 419 -50.98 -36.55 -8.33
N CYS B 420 -50.17 -35.68 -8.93
CA CYS B 420 -50.42 -35.29 -10.30
C CYS B 420 -50.38 -36.53 -11.20
N TYR B 421 -49.32 -37.35 -11.06
CA TYR B 421 -49.14 -38.54 -11.88
C TYR B 421 -50.21 -39.59 -11.59
N LYS B 422 -50.52 -39.82 -10.32
CA LYS B 422 -51.54 -40.79 -9.94
C LYS B 422 -52.89 -40.44 -10.57
N ILE B 423 -53.44 -39.25 -10.24
CA ILE B 423 -54.79 -38.89 -10.65
C ILE B 423 -54.86 -38.73 -12.17
N THR B 424 -53.79 -38.27 -12.83
CA THR B 424 -53.89 -38.21 -14.28
C THR B 424 -53.52 -39.56 -14.92
N LYS B 425 -53.38 -40.60 -14.10
CA LYS B 425 -53.02 -41.94 -14.58
C LYS B 425 -51.78 -41.85 -15.45
N GLY B 426 -50.75 -41.09 -15.00
CA GLY B 426 -49.50 -40.97 -15.73
C GLY B 426 -49.53 -40.09 -16.99
N ARG B 427 -50.66 -39.44 -17.28
CA ARG B 427 -50.74 -38.70 -18.54
C ARG B 427 -50.28 -37.23 -18.43
N ALA B 428 -50.20 -36.66 -17.22
CA ALA B 428 -49.89 -35.24 -17.09
C ALA B 428 -48.43 -34.95 -17.44
N ILE B 429 -48.23 -33.84 -18.17
CA ILE B 429 -46.92 -33.22 -18.34
C ILE B 429 -46.76 -32.24 -17.17
N PHE B 430 -45.75 -32.44 -16.33
CA PHE B 430 -45.65 -31.78 -15.03
C PHE B 430 -44.30 -31.11 -14.83
N ALA B 431 -44.34 -29.87 -14.32
CA ALA B 431 -43.17 -29.18 -13.79
C ALA B 431 -43.55 -28.45 -12.50
N SER B 432 -42.56 -28.19 -11.64
CA SER B 432 -42.85 -27.52 -10.37
C SER B 432 -41.86 -26.40 -10.11
N GLY B 433 -42.14 -25.63 -9.05
CA GLY B 433 -41.24 -24.59 -8.61
C GLY B 433 -40.11 -25.19 -7.76
N SER B 434 -40.47 -26.18 -6.98
CA SER B 434 -39.57 -26.73 -5.99
C SER B 434 -39.40 -28.21 -6.28
N PRO B 435 -38.22 -28.79 -5.98
CA PRO B 435 -37.89 -30.15 -6.42
C PRO B 435 -38.84 -31.17 -5.82
N PHE B 436 -39.31 -32.11 -6.66
CA PHE B 436 -40.03 -33.29 -6.20
C PHE B 436 -39.22 -34.51 -6.60
N ASP B 437 -39.41 -35.61 -5.86
CA ASP B 437 -38.73 -36.86 -6.14
C ASP B 437 -39.24 -37.47 -7.44
N PRO B 438 -38.42 -38.29 -8.15
CA PRO B 438 -38.92 -39.04 -9.31
C PRO B 438 -40.14 -39.85 -8.89
N VAL B 439 -41.06 -40.06 -9.83
CA VAL B 439 -42.24 -40.87 -9.54
C VAL B 439 -42.27 -42.04 -10.51
N THR B 440 -42.68 -43.20 -9.99
CA THR B 440 -42.67 -44.38 -10.82
C THR B 440 -44.10 -44.87 -11.04
N LEU B 441 -44.48 -45.01 -12.31
CA LEU B 441 -45.84 -45.37 -12.67
C LEU B 441 -46.01 -46.88 -12.51
N PRO B 442 -47.26 -47.39 -12.41
CA PRO B 442 -47.51 -48.83 -12.30
C PRO B 442 -46.94 -49.63 -13.46
N ASN B 443 -46.66 -48.96 -14.58
CA ASN B 443 -46.09 -49.61 -15.76
C ASN B 443 -44.57 -49.63 -15.70
N GLY B 444 -44.00 -49.29 -14.53
CA GLY B 444 -42.57 -49.40 -14.30
C GLY B 444 -41.73 -48.30 -14.93
N GLN B 445 -42.37 -47.33 -15.60
CA GLN B 445 -41.66 -46.15 -16.08
C GLN B 445 -41.52 -45.12 -14.96
N THR B 446 -40.32 -44.51 -14.84
CA THR B 446 -40.07 -43.44 -13.88
C THR B 446 -40.09 -42.10 -14.62
N LEU B 447 -40.88 -41.14 -14.10
CA LEU B 447 -40.91 -39.77 -14.60
C LEU B 447 -40.10 -38.90 -13.63
N TYR B 448 -39.37 -37.89 -14.17
CA TYR B 448 -38.49 -37.04 -13.39
C TYR B 448 -38.89 -35.57 -13.61
N PRO B 449 -39.96 -35.10 -12.93
CA PRO B 449 -40.46 -33.74 -13.13
C PRO B 449 -39.36 -32.74 -12.79
N GLY B 450 -39.12 -31.80 -13.70
CA GLY B 450 -38.09 -30.81 -13.47
C GLY B 450 -38.65 -29.61 -12.70
N GLN B 451 -37.77 -28.64 -12.41
CA GLN B 451 -38.16 -27.40 -11.78
C GLN B 451 -37.91 -26.22 -12.73
N GLY B 452 -38.86 -25.29 -12.75
CA GLY B 452 -38.67 -24.04 -13.47
C GLY B 452 -37.81 -23.09 -12.65
N ASN B 453 -36.53 -23.43 -12.51
CA ASN B 453 -35.60 -22.67 -11.70
C ASN B 453 -35.16 -21.43 -12.47
N ASN B 454 -35.34 -20.26 -11.85
CA ASN B 454 -34.91 -18.99 -12.39
C ASN B 454 -33.44 -19.04 -12.81
N SER B 455 -32.68 -19.92 -12.17
CA SER B 455 -31.27 -20.11 -12.47
C SER B 455 -31.02 -20.54 -13.91
N TYR B 456 -32.02 -21.10 -14.60
CA TYR B 456 -31.83 -21.40 -16.02
C TYR B 456 -31.73 -20.10 -16.83
N VAL B 457 -32.25 -18.98 -16.31
CA VAL B 457 -32.38 -17.77 -17.14
C VAL B 457 -31.33 -16.69 -16.84
N PHE B 458 -31.28 -16.19 -15.60
CA PHE B 458 -30.49 -14.98 -15.32
C PHE B 458 -29.00 -15.13 -15.64
N PRO B 459 -28.31 -16.26 -15.35
CA PRO B 459 -26.86 -16.34 -15.57
C PRO B 459 -26.50 -16.09 -17.03
N GLY B 460 -27.29 -16.70 -17.93
CA GLY B 460 -27.07 -16.66 -19.37
C GLY B 460 -27.40 -15.29 -19.97
N VAL B 461 -28.45 -14.66 -19.43
CA VAL B 461 -28.94 -13.38 -19.90
C VAL B 461 -27.89 -12.32 -19.56
N ALA B 462 -27.38 -12.39 -18.32
CA ALA B 462 -26.36 -11.43 -17.89
C ALA B 462 -25.13 -11.57 -18.77
N LEU B 463 -24.64 -12.80 -18.87
CA LEU B 463 -23.46 -13.11 -19.67
C LEU B 463 -23.63 -12.54 -21.09
N GLY B 464 -24.82 -12.71 -21.65
CA GLY B 464 -25.11 -12.28 -23.02
C GLY B 464 -25.10 -10.75 -23.14
N VAL B 465 -25.96 -10.11 -22.33
CA VAL B 465 -26.09 -8.67 -22.33
C VAL B 465 -24.73 -8.00 -22.16
N VAL B 466 -23.93 -8.51 -21.22
CA VAL B 466 -22.66 -7.90 -20.91
C VAL B 466 -21.65 -8.17 -22.04
N ALA B 467 -21.61 -9.40 -22.54
CA ALA B 467 -20.57 -9.80 -23.49
C ALA B 467 -20.60 -8.94 -24.75
N CYS B 468 -21.81 -8.51 -25.18
CA CYS B 468 -21.95 -7.79 -26.44
C CYS B 468 -22.27 -6.31 -26.23
N GLY B 469 -22.42 -5.88 -24.97
CA GLY B 469 -22.63 -4.47 -24.64
C GLY B 469 -24.03 -3.97 -25.00
N LEU B 470 -25.04 -4.82 -24.79
CA LEU B 470 -26.43 -4.45 -25.01
C LEU B 470 -26.78 -3.34 -24.02
N ARG B 471 -27.33 -2.23 -24.51
CA ARG B 471 -27.58 -1.06 -23.66
C ARG B 471 -28.88 -1.21 -22.87
N GLN B 472 -29.79 -2.04 -23.40
CA GLN B 472 -31.12 -2.22 -22.85
C GLN B 472 -31.40 -3.70 -22.91
N ILE B 473 -32.34 -4.18 -22.10
CA ILE B 473 -32.67 -5.59 -22.10
C ILE B 473 -34.15 -5.71 -22.49
N THR B 474 -34.44 -5.96 -23.79
CA THR B 474 -35.82 -6.00 -24.24
C THR B 474 -36.47 -7.30 -23.74
N ASP B 475 -37.81 -7.33 -23.82
CA ASP B 475 -38.57 -8.50 -23.43
C ASP B 475 -38.25 -9.65 -24.39
N ASN B 476 -37.84 -9.31 -25.62
CA ASN B 476 -37.50 -10.31 -26.61
C ASN B 476 -36.29 -11.13 -26.20
N ILE B 477 -35.47 -10.58 -25.31
CA ILE B 477 -34.32 -11.32 -24.80
C ILE B 477 -34.87 -12.52 -24.02
N PHE B 478 -35.97 -12.28 -23.33
CA PHE B 478 -36.54 -13.30 -22.47
C PHE B 478 -37.34 -14.33 -23.29
N LEU B 479 -37.93 -13.91 -24.42
CA LEU B 479 -38.53 -14.89 -25.33
C LEU B 479 -37.46 -15.78 -25.95
N THR B 480 -36.41 -15.16 -26.47
CA THR B 480 -35.29 -15.86 -27.08
C THR B 480 -34.71 -16.90 -26.12
N THR B 481 -34.52 -16.49 -24.86
CA THR B 481 -33.87 -17.30 -23.84
C THR B 481 -34.71 -18.55 -23.54
N ALA B 482 -36.03 -18.37 -23.43
CA ALA B 482 -37.00 -19.45 -23.28
C ALA B 482 -36.86 -20.47 -24.40
N GLU B 483 -36.87 -20.00 -25.66
CA GLU B 483 -36.63 -20.85 -26.82
C GLU B 483 -35.31 -21.64 -26.68
N VAL B 484 -34.24 -20.98 -26.23
CA VAL B 484 -32.94 -21.63 -26.14
C VAL B 484 -32.96 -22.76 -25.11
N ILE B 485 -33.59 -22.49 -23.95
CA ILE B 485 -33.67 -23.45 -22.87
C ILE B 485 -34.44 -24.70 -23.35
N ALA B 486 -35.65 -24.50 -23.87
CA ALA B 486 -36.46 -25.62 -24.34
C ALA B 486 -35.67 -26.43 -25.37
N GLN B 487 -34.82 -25.73 -26.14
CA GLN B 487 -34.14 -26.41 -27.23
C GLN B 487 -33.08 -27.36 -26.68
N GLN B 488 -32.59 -27.06 -25.46
CA GLN B 488 -31.59 -27.88 -24.80
C GLN B 488 -32.24 -29.14 -24.24
N VAL B 489 -33.57 -29.20 -24.21
CA VAL B 489 -34.17 -30.41 -23.67
C VAL B 489 -34.19 -31.45 -24.78
N SER B 490 -33.65 -32.64 -24.51
CA SER B 490 -33.59 -33.70 -25.50
C SER B 490 -34.91 -34.48 -25.52
N ASP B 491 -35.19 -35.11 -26.66
CA ASP B 491 -36.38 -35.96 -26.79
C ASP B 491 -36.35 -37.03 -25.69
N LYS B 492 -35.15 -37.51 -25.37
CA LYS B 492 -34.99 -38.50 -24.32
C LYS B 492 -35.50 -37.94 -22.98
N HIS B 493 -35.12 -36.69 -22.68
CA HIS B 493 -35.52 -36.02 -21.45
C HIS B 493 -37.04 -35.91 -21.39
N LEU B 494 -37.63 -35.46 -22.49
CA LEU B 494 -39.07 -35.28 -22.60
C LEU B 494 -39.78 -36.61 -22.35
N GLU B 495 -39.21 -37.70 -22.87
CA GLU B 495 -39.81 -39.01 -22.64
C GLU B 495 -39.69 -39.37 -21.17
N GLU B 496 -38.70 -38.79 -20.47
CA GLU B 496 -38.54 -39.03 -19.06
C GLU B 496 -39.37 -38.05 -18.22
N GLY B 497 -40.17 -37.20 -18.85
CA GLY B 497 -41.10 -36.34 -18.11
C GLY B 497 -40.47 -35.01 -17.68
N ARG B 498 -39.28 -34.73 -18.22
CA ARG B 498 -38.47 -33.59 -17.84
C ARG B 498 -38.72 -32.50 -18.87
N LEU B 499 -39.01 -31.27 -18.38
CA LEU B 499 -39.28 -30.13 -19.25
C LEU B 499 -38.13 -29.13 -19.25
N TYR B 500 -37.05 -29.46 -18.54
CA TYR B 500 -35.90 -28.57 -18.37
C TYR B 500 -34.60 -29.35 -18.54
N PRO B 501 -33.53 -28.70 -19.07
CA PRO B 501 -32.22 -29.34 -19.20
C PRO B 501 -31.69 -29.68 -17.81
N PRO B 502 -30.81 -30.69 -17.66
CA PRO B 502 -30.36 -31.13 -16.33
C PRO B 502 -29.64 -29.96 -15.67
N LEU B 503 -29.88 -29.78 -14.36
CA LEU B 503 -29.29 -28.69 -13.60
C LEU B 503 -27.76 -28.71 -13.62
N ASN B 504 -27.17 -29.92 -13.73
CA ASN B 504 -25.72 -30.10 -13.81
C ASN B 504 -25.15 -29.60 -15.16
N THR B 505 -26.00 -29.25 -16.14
CA THR B 505 -25.46 -28.74 -17.40
C THR B 505 -25.56 -27.21 -17.51
N ILE B 506 -25.91 -26.54 -16.40
CA ILE B 506 -26.35 -25.16 -16.49
C ILE B 506 -25.30 -24.23 -17.08
N ARG B 507 -24.00 -24.55 -16.89
CA ARG B 507 -22.91 -23.80 -17.50
C ARG B 507 -23.11 -23.75 -19.02
N ASP B 508 -23.41 -24.91 -19.59
CA ASP B 508 -23.65 -25.05 -21.02
C ASP B 508 -24.92 -24.31 -21.43
N VAL B 509 -25.98 -24.47 -20.64
CA VAL B 509 -27.22 -23.78 -20.96
C VAL B 509 -26.98 -22.27 -21.00
N SER B 510 -26.23 -21.76 -20.02
CA SER B 510 -25.91 -20.33 -19.92
C SER B 510 -25.12 -19.87 -21.15
N LEU B 511 -24.15 -20.67 -21.57
CA LEU B 511 -23.36 -20.36 -22.76
C LEU B 511 -24.27 -20.24 -23.99
N LYS B 512 -25.17 -21.22 -24.16
CA LYS B 512 -26.04 -21.21 -25.33
C LYS B 512 -26.98 -19.99 -25.30
N ILE B 513 -27.50 -19.63 -24.13
CA ILE B 513 -28.37 -18.46 -24.02
C ILE B 513 -27.60 -17.22 -24.48
N ALA B 514 -26.36 -17.10 -24.02
CA ALA B 514 -25.54 -15.93 -24.31
C ALA B 514 -25.10 -15.93 -25.78
N GLU B 515 -24.80 -17.12 -26.32
CA GLU B 515 -24.47 -17.27 -27.73
C GLU B 515 -25.56 -16.59 -28.56
N LYS B 516 -26.82 -16.90 -28.20
CA LYS B 516 -27.97 -16.47 -28.97
C LYS B 516 -28.17 -14.96 -28.83
N ILE B 517 -28.03 -14.45 -27.59
CA ILE B 517 -28.22 -13.03 -27.35
C ILE B 517 -27.21 -12.24 -28.17
N VAL B 518 -25.95 -12.71 -28.17
CA VAL B 518 -24.84 -12.08 -28.86
C VAL B 518 -25.04 -12.13 -30.39
N LYS B 519 -25.26 -13.34 -30.92
CA LYS B 519 -25.51 -13.50 -32.34
C LYS B 519 -26.60 -12.54 -32.81
N ASP B 520 -27.71 -12.49 -32.05
CA ASP B 520 -28.82 -11.59 -32.34
C ASP B 520 -28.33 -10.14 -32.33
N ALA B 521 -27.55 -9.77 -31.32
CA ALA B 521 -27.24 -8.35 -31.10
C ALA B 521 -26.43 -7.78 -32.27
N TYR B 522 -25.53 -8.60 -32.85
CA TYR B 522 -24.66 -8.18 -33.93
C TYR B 522 -25.45 -8.12 -35.24
N GLN B 523 -26.46 -8.99 -35.33
CA GLN B 523 -27.28 -9.18 -36.52
C GLN B 523 -28.18 -7.96 -36.71
N GLU B 524 -28.77 -7.47 -35.61
CA GLU B 524 -29.70 -6.36 -35.68
C GLU B 524 -29.04 -5.13 -35.07
N LYS B 525 -27.70 -5.15 -35.05
CA LYS B 525 -26.91 -3.96 -34.77
C LYS B 525 -27.32 -3.33 -33.42
N THR B 526 -27.41 -4.13 -32.35
CA THR B 526 -27.68 -3.55 -31.04
C THR B 526 -26.49 -3.76 -30.10
N ALA B 527 -25.55 -4.62 -30.53
CA ALA B 527 -24.27 -4.75 -29.82
C ALA B 527 -23.53 -3.42 -29.81
N THR B 528 -22.64 -3.26 -28.82
CA THR B 528 -21.80 -2.08 -28.74
C THR B 528 -20.32 -2.44 -28.57
N VAL B 529 -20.00 -3.74 -28.45
CA VAL B 529 -18.61 -4.15 -28.43
C VAL B 529 -18.14 -4.37 -29.88
N TYR B 530 -17.04 -3.70 -30.27
CA TYR B 530 -16.47 -3.86 -31.60
C TYR B 530 -14.95 -4.10 -31.51
N PRO B 531 -14.31 -4.72 -32.54
CA PRO B 531 -15.01 -5.19 -33.74
C PRO B 531 -15.89 -6.43 -33.53
N GLU B 532 -16.75 -6.73 -34.51
CA GLU B 532 -17.63 -7.89 -34.41
C GLU B 532 -16.79 -9.17 -34.40
N PRO B 533 -17.00 -10.08 -33.41
CA PRO B 533 -16.19 -11.30 -33.34
C PRO B 533 -16.47 -12.23 -34.51
N GLN B 534 -15.39 -12.88 -34.97
CA GLN B 534 -15.43 -13.94 -35.96
C GLN B 534 -16.49 -14.95 -35.52
N ASN B 535 -16.16 -15.66 -34.42
CA ASN B 535 -16.84 -16.85 -33.95
C ASN B 535 -17.44 -16.54 -32.58
N LYS B 536 -18.78 -16.56 -32.52
CA LYS B 536 -19.50 -15.95 -31.42
C LYS B 536 -19.47 -16.82 -30.17
N GLU B 537 -19.43 -18.15 -30.35
CA GLU B 537 -19.24 -19.11 -29.28
C GLU B 537 -17.89 -18.91 -28.62
N ALA B 538 -16.82 -18.88 -29.43
CA ALA B 538 -15.49 -18.68 -28.89
C ALA B 538 -15.40 -17.35 -28.13
N PHE B 539 -16.14 -16.34 -28.60
CA PHE B 539 -16.05 -15.01 -28.02
C PHE B 539 -16.65 -15.01 -26.62
N VAL B 540 -17.90 -15.50 -26.52
CA VAL B 540 -18.58 -15.65 -25.25
C VAL B 540 -17.76 -16.54 -24.33
N ARG B 541 -17.24 -17.66 -24.85
CA ARG B 541 -16.42 -18.56 -24.06
C ARG B 541 -15.27 -17.79 -23.44
N SER B 542 -14.74 -16.83 -24.19
CA SER B 542 -13.53 -16.15 -23.77
C SER B 542 -13.85 -15.08 -22.71
N GLN B 543 -15.15 -14.78 -22.53
CA GLN B 543 -15.59 -13.80 -21.57
C GLN B 543 -15.92 -14.48 -20.23
N MET B 544 -15.85 -15.82 -20.17
CA MET B 544 -16.37 -16.51 -19.00
C MET B 544 -15.25 -16.72 -17.99
N TYR B 545 -15.58 -16.56 -16.71
CA TYR B 545 -14.62 -16.75 -15.61
C TYR B 545 -14.37 -18.23 -15.40
N SER B 546 -13.09 -18.60 -15.32
CA SER B 546 -12.71 -19.97 -15.06
C SER B 546 -12.42 -20.12 -13.56
N THR B 547 -12.59 -21.35 -13.03
CA THR B 547 -12.32 -21.64 -11.63
C THR B 547 -10.82 -21.97 -11.47
N ASP B 548 -10.09 -22.00 -12.58
CA ASP B 548 -8.66 -22.24 -12.56
C ASP B 548 -8.01 -21.00 -11.93
N TYR B 549 -7.02 -21.21 -11.06
CA TYR B 549 -6.25 -20.12 -10.49
C TYR B 549 -5.55 -19.35 -11.60
N ASP B 550 -5.45 -18.03 -11.47
CA ASP B 550 -4.62 -17.24 -12.39
C ASP B 550 -3.16 -17.33 -11.98
N GLN B 551 -2.26 -17.05 -12.91
CA GLN B 551 -0.87 -16.84 -12.53
C GLN B 551 -0.71 -15.36 -12.19
N ILE B 552 0.02 -15.05 -11.11
CA ILE B 552 0.06 -13.67 -10.64
C ILE B 552 1.49 -13.24 -10.35
N LEU B 553 2.40 -14.19 -10.53
CA LEU B 553 3.83 -13.95 -10.55
C LEU B 553 4.20 -12.91 -11.62
N PRO B 554 5.28 -12.12 -11.43
CA PRO B 554 5.69 -11.18 -12.47
C PRO B 554 6.14 -12.01 -13.68
N ASP B 555 5.98 -11.42 -14.87
CA ASP B 555 6.42 -12.05 -16.10
C ASP B 555 7.94 -11.93 -16.14
N CYS B 556 8.64 -13.08 -16.16
CA CYS B 556 10.10 -13.06 -16.21
C CYS B 556 10.61 -13.70 -17.51
N TYR B 557 11.55 -13.02 -18.17
CA TYR B 557 12.09 -13.41 -19.47
C TYR B 557 13.37 -12.62 -19.65
N SER B 558 14.35 -13.24 -20.30
CA SER B 558 15.64 -12.60 -20.44
C SER B 558 15.70 -11.81 -21.76
N TRP B 559 16.71 -10.95 -21.88
CA TRP B 559 17.10 -10.32 -23.13
C TRP B 559 18.43 -10.95 -23.55
N PRO B 560 18.87 -10.86 -24.84
CA PRO B 560 20.23 -11.26 -25.25
C PRO B 560 21.25 -10.61 -24.34
N GLU B 561 22.35 -11.32 -24.08
CA GLU B 561 23.29 -10.96 -23.01
C GLU B 561 23.96 -9.63 -23.30
N GLU B 562 24.08 -9.27 -24.59
CA GLU B 562 24.75 -8.06 -25.03
C GLU B 562 24.10 -6.79 -24.48
N VAL B 563 22.75 -6.79 -24.44
CA VAL B 563 21.98 -5.63 -24.01
C VAL B 563 21.44 -5.81 -22.59
N GLN B 564 21.71 -6.97 -21.97
CA GLN B 564 21.28 -7.25 -20.61
C GLN B 564 22.40 -6.96 -19.60
N LYS B 565 23.64 -6.91 -20.10
CA LYS B 565 24.86 -6.75 -19.32
C LYS B 565 24.81 -5.42 -18.56
N ILE B 566 25.29 -5.42 -17.31
CA ILE B 566 25.48 -4.17 -16.59
C ILE B 566 26.71 -3.46 -17.15
N GLN B 567 26.50 -2.32 -17.81
CA GLN B 567 27.58 -1.55 -18.42
C GLN B 567 28.49 -1.03 -17.33
N THR B 568 29.80 -0.98 -17.61
CA THR B 568 30.81 -0.46 -16.71
C THR B 568 31.78 0.44 -17.48
N LYS B 569 32.80 0.94 -16.78
CA LYS B 569 34.05 1.35 -17.41
C LYS B 569 35.11 1.56 -16.32
N PRO C 6 26.70 -8.38 0.13
CA PRO C 6 25.69 -7.30 0.21
C PRO C 6 24.53 -7.60 1.16
N ARG C 7 24.11 -6.58 1.91
CA ARG C 7 23.03 -6.74 2.88
C ARG C 7 21.71 -6.88 2.13
N ARG C 8 20.78 -7.63 2.73
CA ARG C 8 19.48 -7.90 2.11
C ARG C 8 18.38 -7.16 2.87
N ARG C 9 17.63 -6.33 2.16
CA ARG C 9 16.48 -5.67 2.78
C ARG C 9 15.22 -5.96 1.95
N HIS C 10 14.59 -7.12 2.20
CA HIS C 10 13.47 -7.56 1.37
C HIS C 10 12.32 -6.57 1.48
N THR C 11 12.02 -5.87 0.38
CA THR C 11 10.92 -4.92 0.34
C THR C 11 9.63 -5.63 -0.05
N HIS C 12 8.52 -5.16 0.52
CA HIS C 12 7.17 -5.51 0.10
C HIS C 12 6.67 -4.50 -0.93
N GLN C 13 7.42 -3.43 -1.20
CA GLN C 13 6.96 -2.41 -2.15
C GLN C 13 7.08 -2.96 -3.57
N ARG C 14 6.21 -2.50 -4.47
CA ARG C 14 6.27 -2.95 -5.86
C ARG C 14 5.83 -1.79 -6.75
N GLY C 15 6.24 -1.82 -8.03
CA GLY C 15 5.64 -0.96 -9.04
C GLY C 15 6.08 0.50 -8.90
N TYR C 16 5.27 1.41 -9.47
CA TYR C 16 5.67 2.79 -9.57
C TYR C 16 6.14 3.38 -8.24
N LEU C 17 5.41 3.09 -7.14
CA LEU C 17 5.69 3.76 -5.86
C LEU C 17 7.03 3.36 -5.25
N LEU C 18 7.54 2.18 -5.61
CA LEU C 18 8.86 1.77 -5.19
C LEU C 18 9.90 2.75 -5.72
N THR C 19 9.73 3.19 -6.97
CA THR C 19 10.72 4.08 -7.57
C THR C 19 10.69 5.45 -6.89
N ARG C 20 9.63 5.75 -6.11
CA ARG C 20 9.47 7.08 -5.53
C ARG C 20 10.11 7.12 -4.14
N ASN C 21 10.56 5.96 -3.64
CA ASN C 21 11.20 5.87 -2.34
C ASN C 21 12.72 5.85 -2.54
N PRO C 22 13.43 6.94 -2.18
CA PRO C 22 14.83 7.09 -2.50
C PRO C 22 15.74 6.06 -1.80
N HIS C 23 15.23 5.37 -0.78
CA HIS C 23 16.00 4.28 -0.15
C HIS C 23 15.84 2.94 -0.90
N LEU C 24 14.79 2.82 -1.74
CA LEU C 24 14.63 1.64 -2.57
C LEU C 24 15.15 1.85 -3.99
N ASN C 25 14.99 3.07 -4.51
CA ASN C 25 15.23 3.37 -5.91
C ASN C 25 16.73 3.26 -6.25
N LYS C 26 17.05 2.51 -7.32
CA LYS C 26 18.40 2.34 -7.83
C LYS C 26 18.60 3.04 -9.18
N ASP C 27 17.54 3.65 -9.72
CA ASP C 27 17.57 4.15 -11.09
C ASP C 27 17.96 3.02 -12.05
N LEU C 28 18.94 3.30 -12.92
CA LEU C 28 19.36 2.41 -14.00
C LEU C 28 20.21 1.24 -13.49
N ALA C 29 20.54 1.24 -12.20
CA ALA C 29 21.29 0.14 -11.61
C ALA C 29 20.35 -1.01 -11.25
N PHE C 30 19.05 -0.86 -11.48
CA PHE C 30 18.16 -2.01 -11.34
C PHE C 30 18.39 -2.95 -12.51
N THR C 31 18.66 -4.24 -12.22
CA THR C 31 18.97 -5.19 -13.28
C THR C 31 17.64 -5.54 -13.96
N LEU C 32 17.71 -6.17 -15.13
CA LEU C 32 16.48 -6.55 -15.83
C LEU C 32 15.65 -7.43 -14.90
N GLU C 33 16.30 -8.39 -14.23
CA GLU C 33 15.63 -9.30 -13.32
C GLU C 33 14.94 -8.55 -12.16
N GLU C 34 15.67 -7.63 -11.52
CA GLU C 34 15.13 -6.77 -10.48
C GLU C 34 13.92 -6.01 -11.01
N ARG C 35 14.05 -5.36 -12.18
CA ARG C 35 12.93 -4.62 -12.76
C ARG C 35 11.68 -5.50 -12.89
N GLN C 36 11.83 -6.67 -13.51
CA GLN C 36 10.67 -7.52 -13.78
C GLN C 36 10.03 -7.97 -12.46
N GLN C 37 10.88 -8.37 -11.50
CA GLN C 37 10.44 -8.87 -10.20
C GLN C 37 9.77 -7.79 -9.36
N LEU C 38 10.19 -6.52 -9.52
CA LEU C 38 9.69 -5.41 -8.71
C LEU C 38 8.53 -4.71 -9.42
N ASN C 39 8.12 -5.25 -10.58
CA ASN C 39 7.00 -4.77 -11.36
C ASN C 39 7.26 -3.36 -11.87
N ILE C 40 8.53 -3.04 -12.20
CA ILE C 40 8.85 -1.71 -12.72
C ILE C 40 9.44 -1.75 -14.12
N HIS C 41 9.51 -2.95 -14.72
CA HIS C 41 10.16 -3.08 -16.01
C HIS C 41 9.37 -2.31 -17.07
N GLY C 42 10.04 -1.33 -17.70
CA GLY C 42 9.33 -0.45 -18.61
C GLY C 42 9.23 0.98 -18.09
N LEU C 43 9.42 1.16 -16.77
CA LEU C 43 9.42 2.50 -16.23
C LEU C 43 10.80 3.15 -16.39
N LEU C 44 11.81 2.38 -16.83
CA LEU C 44 13.13 2.96 -17.03
C LEU C 44 13.59 2.67 -18.45
N PRO C 45 14.46 3.53 -19.01
CA PRO C 45 15.11 3.23 -20.28
C PRO C 45 15.85 1.89 -20.21
N PRO C 46 15.99 1.20 -21.35
CA PRO C 46 16.55 -0.15 -21.38
C PRO C 46 18.08 -0.20 -21.44
N SER C 47 18.73 0.44 -20.47
CA SER C 47 20.16 0.26 -20.20
C SER C 47 20.39 0.00 -18.72
N PHE C 48 21.50 -0.67 -18.40
CA PHE C 48 21.76 -1.06 -17.03
C PHE C 48 23.12 -0.52 -16.63
N ASN C 49 23.15 0.21 -15.52
CA ASN C 49 24.31 1.00 -15.15
C ASN C 49 24.89 0.41 -13.88
N SER C 50 26.21 0.25 -13.86
CA SER C 50 26.94 0.08 -12.62
C SER C 50 26.89 1.41 -11.87
N GLN C 51 27.24 1.37 -10.58
CA GLN C 51 27.23 2.55 -9.76
C GLN C 51 28.23 3.59 -10.28
N GLU C 52 29.33 3.14 -10.90
CA GLU C 52 30.39 4.01 -11.36
C GLU C 52 29.91 4.81 -12.58
N ILE C 53 29.16 4.15 -13.46
CA ILE C 53 28.55 4.82 -14.60
C ILE C 53 27.54 5.84 -14.08
N GLN C 54 26.77 5.50 -13.03
CA GLN C 54 25.81 6.43 -12.43
C GLN C 54 26.53 7.66 -11.91
N VAL C 55 27.67 7.44 -11.23
CA VAL C 55 28.48 8.52 -10.70
C VAL C 55 29.02 9.40 -11.83
N LEU C 56 29.59 8.78 -12.88
CA LEU C 56 30.07 9.55 -14.02
C LEU C 56 28.99 10.50 -14.52
N ARG C 57 27.74 10.02 -14.61
CA ARG C 57 26.70 10.85 -15.20
C ARG C 57 26.47 12.08 -14.33
N VAL C 58 26.30 11.86 -13.02
CA VAL C 58 26.07 12.91 -12.04
C VAL C 58 27.19 13.96 -12.10
N VAL C 59 28.43 13.47 -12.09
CA VAL C 59 29.63 14.31 -12.05
C VAL C 59 29.74 15.16 -13.32
N LYS C 60 29.40 14.59 -14.49
CA LYS C 60 29.43 15.37 -15.72
C LYS C 60 28.47 16.54 -15.61
N ASN C 61 27.25 16.27 -15.11
CA ASN C 61 26.26 17.32 -14.90
C ASN C 61 26.80 18.33 -13.89
N PHE C 62 27.40 17.83 -12.80
CA PHE C 62 27.90 18.70 -11.74
C PHE C 62 28.88 19.73 -12.31
N GLU C 63 29.80 19.25 -13.15
CA GLU C 63 30.90 20.05 -13.67
C GLU C 63 30.39 21.13 -14.63
N HIS C 64 29.24 20.90 -15.25
CA HIS C 64 28.61 21.89 -16.11
C HIS C 64 28.06 23.10 -15.34
N LEU C 65 27.79 22.94 -14.04
CA LEU C 65 27.15 24.04 -13.33
C LEU C 65 28.18 25.10 -12.93
N ASN C 66 27.75 26.35 -12.92
CA ASN C 66 28.63 27.50 -12.82
C ASN C 66 28.62 28.08 -11.41
N SER C 67 27.65 27.73 -10.56
CA SER C 67 27.70 28.27 -9.21
C SER C 67 27.67 27.13 -8.19
N ASP C 68 28.13 27.43 -6.96
CA ASP C 68 28.04 26.49 -5.85
C ASP C 68 26.59 26.24 -5.49
N PHE C 69 25.76 27.28 -5.54
CA PHE C 69 24.35 27.14 -5.22
C PHE C 69 23.71 26.09 -6.13
N ASP C 70 23.95 26.21 -7.43
CA ASP C 70 23.33 25.34 -8.41
C ASP C 70 23.79 23.90 -8.17
N ARG C 71 25.04 23.76 -7.69
CA ARG C 71 25.65 22.45 -7.45
C ARG C 71 24.95 21.77 -6.28
N TYR C 72 24.65 22.59 -5.26
CA TYR C 72 23.90 22.09 -4.12
C TYR C 72 22.51 21.60 -4.56
N LEU C 73 21.83 22.39 -5.38
CA LEU C 73 20.49 22.01 -5.81
C LEU C 73 20.52 20.69 -6.58
N LEU C 74 21.51 20.54 -7.47
CA LEU C 74 21.70 19.27 -8.17
C LEU C 74 21.84 18.10 -7.20
N LEU C 75 22.76 18.22 -6.24
CA LEU C 75 23.00 17.20 -5.24
C LEU C 75 21.79 16.91 -4.36
N MET C 76 21.08 17.96 -3.92
CA MET C 76 19.85 17.81 -3.15
C MET C 76 18.76 17.12 -3.97
N ASP C 77 18.70 17.40 -5.27
CA ASP C 77 17.81 16.65 -6.14
C ASP C 77 18.13 15.14 -6.10
N LEU C 78 19.42 14.81 -6.21
CA LEU C 78 19.90 13.44 -6.19
C LEU C 78 19.52 12.75 -4.88
N GLN C 79 19.75 13.44 -3.75
CA GLN C 79 19.46 12.88 -2.44
C GLN C 79 18.02 12.38 -2.41
N ASP C 80 17.13 13.18 -2.99
CA ASP C 80 15.69 12.91 -2.87
C ASP C 80 15.18 12.03 -4.01
N ARG C 81 16.09 11.39 -4.75
CA ARG C 81 15.77 10.47 -5.83
C ARG C 81 16.37 9.10 -5.49
N ASN C 82 17.65 9.14 -5.10
CA ASN C 82 18.44 7.93 -4.95
C ASN C 82 19.47 8.14 -3.84
N GLU C 83 19.15 7.62 -2.66
CA GLU C 83 19.90 7.94 -1.45
C GLU C 83 21.31 7.32 -1.54
N LYS C 84 21.40 6.07 -1.99
CA LYS C 84 22.68 5.37 -2.08
C LYS C 84 23.63 6.10 -3.01
N LEU C 85 23.15 6.46 -4.20
CA LEU C 85 23.95 7.14 -5.21
C LEU C 85 24.38 8.52 -4.73
N PHE C 86 23.48 9.23 -4.06
CA PHE C 86 23.83 10.48 -3.40
C PHE C 86 25.06 10.29 -2.51
N TYR C 87 25.03 9.30 -1.61
CA TYR C 87 26.19 9.09 -0.74
C TYR C 87 27.42 8.55 -1.47
N ARG C 88 27.21 7.76 -2.52
CA ARG C 88 28.34 7.28 -3.31
C ARG C 88 29.06 8.49 -3.92
N VAL C 89 28.29 9.43 -4.47
CA VAL C 89 28.82 10.64 -5.08
C VAL C 89 29.56 11.44 -4.02
N LEU C 90 28.93 11.67 -2.86
CA LEU C 90 29.53 12.49 -1.81
C LEU C 90 30.85 11.84 -1.35
N THR C 91 30.83 10.53 -1.16
CA THR C 91 32.00 9.85 -0.64
C THR C 91 33.10 9.75 -1.69
N SER C 92 32.78 9.96 -2.98
CA SER C 92 33.80 9.77 -4.01
C SER C 92 34.80 10.92 -3.96
N ASP C 93 34.47 12.00 -3.26
CA ASP C 93 35.40 13.12 -3.17
C ASP C 93 34.96 14.03 -2.03
N ILE C 94 35.14 13.50 -0.82
CA ILE C 94 34.46 14.02 0.34
C ILE C 94 34.87 15.47 0.54
N GLU C 95 36.13 15.77 0.21
CA GLU C 95 36.71 17.09 0.36
C GLU C 95 35.98 18.08 -0.56
N LYS C 96 35.68 17.66 -1.78
CA LYS C 96 34.98 18.52 -2.73
C LYS C 96 33.52 18.70 -2.31
N PHE C 97 32.84 17.63 -1.88
CA PHE C 97 31.39 17.66 -1.78
C PHE C 97 30.91 18.31 -0.47
N MET C 98 31.70 18.17 0.61
CA MET C 98 31.29 18.63 1.92
C MET C 98 30.97 20.12 1.90
N PRO C 99 31.82 21.00 1.34
CA PRO C 99 31.52 22.44 1.36
C PRO C 99 30.35 22.84 0.46
N ILE C 100 29.84 21.88 -0.32
CA ILE C 100 28.67 22.07 -1.19
C ILE C 100 27.39 21.69 -0.45
N VAL C 101 27.33 20.49 0.16
CA VAL C 101 26.11 20.10 0.85
C VAL C 101 26.04 20.67 2.26
N TYR C 102 27.19 21.07 2.79
CA TYR C 102 27.15 21.70 4.11
C TYR C 102 27.83 23.07 4.04
N THR C 103 28.57 23.47 5.09
CA THR C 103 29.09 24.85 5.11
C THR C 103 30.24 24.99 4.12
N PRO C 104 30.45 26.16 3.45
CA PRO C 104 29.57 27.32 3.53
C PRO C 104 28.34 27.38 2.61
N THR C 105 28.25 26.55 1.56
CA THR C 105 27.16 26.63 0.59
C THR C 105 25.78 26.52 1.26
N VAL C 106 25.64 25.67 2.28
CA VAL C 106 24.35 25.46 2.94
C VAL C 106 23.79 26.76 3.52
N GLY C 107 24.67 27.71 3.85
CA GLY C 107 24.24 29.02 4.34
C GLY C 107 23.45 29.79 3.29
N LEU C 108 24.01 29.87 2.08
CA LEU C 108 23.27 30.49 0.97
C LEU C 108 21.95 29.74 0.74
N ALA C 109 21.99 28.41 0.75
CA ALA C 109 20.79 27.60 0.57
C ALA C 109 19.71 27.98 1.60
N CYS C 110 20.09 28.08 2.88
CA CYS C 110 19.15 28.54 3.90
C CYS C 110 18.60 29.94 3.61
N GLN C 111 19.46 30.88 3.21
CA GLN C 111 18.96 32.22 2.89
C GLN C 111 17.93 32.14 1.77
N GLN C 112 18.08 31.19 0.82
CA GLN C 112 17.24 31.18 -0.36
C GLN C 112 16.14 30.12 -0.23
N TYR C 113 16.04 29.51 0.95
CA TYR C 113 15.29 28.26 1.10
C TYR C 113 13.85 28.41 0.62
N SER C 114 13.23 29.53 1.01
CA SER C 114 11.85 29.82 0.72
C SER C 114 11.68 30.07 -0.78
N LEU C 115 12.69 30.69 -1.39
CA LEU C 115 12.62 30.95 -2.83
C LEU C 115 12.71 29.64 -3.65
N VAL C 116 13.56 28.68 -3.24
CA VAL C 116 13.90 27.55 -4.09
C VAL C 116 13.19 26.27 -3.64
N PHE C 117 12.33 26.36 -2.63
CA PHE C 117 11.70 25.20 -2.02
C PHE C 117 11.02 24.36 -3.08
N ARG C 118 11.51 23.14 -3.22
CA ARG C 118 11.05 22.14 -4.16
C ARG C 118 10.78 20.87 -3.35
N LYS C 119 11.88 20.31 -2.86
CA LYS C 119 11.92 18.96 -2.33
C LYS C 119 11.92 19.00 -0.81
N PRO C 120 10.74 18.87 -0.14
CA PRO C 120 10.71 18.88 1.32
C PRO C 120 11.52 17.73 1.91
N ARG C 121 12.37 18.06 2.89
CA ARG C 121 13.16 17.07 3.61
C ARG C 121 13.00 17.38 5.08
N GLY C 122 12.80 16.36 5.90
CA GLY C 122 12.82 16.55 7.34
C GLY C 122 11.42 16.80 7.89
N LEU C 123 11.33 16.93 9.22
CA LEU C 123 10.07 17.10 9.91
C LEU C 123 10.02 18.53 10.43
N PHE C 124 8.89 19.20 10.15
CA PHE C 124 8.62 20.53 10.64
C PHE C 124 7.60 20.44 11.77
N ILE C 125 7.97 20.95 12.95
CA ILE C 125 7.13 20.98 14.14
C ILE C 125 7.04 22.44 14.62
N THR C 126 5.81 22.92 14.81
CA THR C 126 5.65 24.30 15.18
C THR C 126 5.15 24.40 16.62
N ILE C 127 5.21 25.61 17.18
CA ILE C 127 4.68 25.90 18.50
C ILE C 127 3.18 25.62 18.54
N HIS C 128 2.47 25.81 17.41
CA HIS C 128 1.03 25.55 17.35
C HIS C 128 0.70 24.05 17.34
N ASP C 129 1.73 23.19 17.29
CA ASP C 129 1.50 21.76 17.39
C ASP C 129 1.70 21.30 18.83
N ARG C 130 1.87 22.27 19.75
CA ARG C 130 2.02 21.98 21.17
C ARG C 130 0.86 21.08 21.62
N GLY C 131 1.18 20.01 22.34
CA GLY C 131 0.22 19.02 22.77
C GLY C 131 0.04 17.87 21.77
N HIS C 132 0.67 17.96 20.59
CA HIS C 132 0.33 17.04 19.52
C HIS C 132 1.58 16.56 18.79
N ILE C 133 2.74 16.71 19.46
CA ILE C 133 4.01 16.43 18.82
C ILE C 133 4.08 14.95 18.42
N ALA C 134 3.61 14.06 19.30
CA ALA C 134 3.57 12.63 18.99
C ALA C 134 2.84 12.39 17.67
N SER C 135 1.78 13.17 17.39
CA SER C 135 1.07 12.87 16.16
C SER C 135 1.83 13.42 14.95
N VAL C 136 2.62 14.48 15.17
CA VAL C 136 3.36 15.04 14.04
C VAL C 136 4.42 14.01 13.65
N LEU C 137 5.05 13.40 14.66
CA LEU C 137 6.07 12.37 14.50
C LEU C 137 5.55 11.18 13.67
N ASN C 138 4.23 10.90 13.72
CA ASN C 138 3.66 9.72 13.10
C ASN C 138 3.62 9.91 11.58
N ALA C 139 3.74 11.16 11.11
CA ALA C 139 3.88 11.43 9.69
C ALA C 139 5.21 10.93 9.13
N TRP C 140 6.23 10.75 9.97
CA TRP C 140 7.55 10.43 9.45
C TRP C 140 7.58 8.97 8.99
N PRO C 141 7.99 8.67 7.73
CA PRO C 141 7.84 7.30 7.21
C PRO C 141 8.85 6.24 7.65
N GLU C 142 9.80 6.58 8.53
CA GLU C 142 10.72 5.58 9.07
C GLU C 142 10.44 5.41 10.55
N ASP C 143 10.29 4.17 11.01
CA ASP C 143 9.97 3.89 12.40
C ASP C 143 11.24 3.88 13.26
N VAL C 144 12.36 3.46 12.67
CA VAL C 144 13.58 3.19 13.44
C VAL C 144 14.47 4.40 13.25
N ILE C 145 14.48 5.31 14.26
CA ILE C 145 15.34 6.49 14.20
C ILE C 145 16.36 6.46 15.35
N LYS C 146 17.64 6.76 15.02
CA LYS C 146 18.71 6.64 16.02
C LYS C 146 19.43 7.97 16.21
N ALA C 147 19.27 8.88 15.25
CA ALA C 147 19.95 10.16 15.26
C ALA C 147 19.00 11.27 14.78
N ILE C 148 18.88 12.31 15.62
CA ILE C 148 18.11 13.50 15.28
C ILE C 148 19.08 14.68 15.33
N VAL C 149 19.01 15.55 14.31
CA VAL C 149 19.55 16.90 14.37
C VAL C 149 18.37 17.87 14.33
N VAL C 150 18.31 18.77 15.31
CA VAL C 150 17.20 19.72 15.44
C VAL C 150 17.75 21.14 15.60
N THR C 151 17.06 22.10 15.00
CA THR C 151 17.37 23.52 15.19
C THR C 151 16.06 24.31 15.33
N ASP C 152 16.16 25.57 15.79
CA ASP C 152 14.99 26.43 15.76
C ASP C 152 15.25 27.61 14.81
N GLY C 153 16.38 27.52 14.09
CA GLY C 153 16.70 28.49 13.04
C GLY C 153 17.16 29.84 13.57
N GLU C 154 17.42 29.93 14.88
CA GLU C 154 17.59 31.26 15.42
C GLU C 154 19.00 31.82 15.14
N ARG C 155 20.03 30.95 15.10
CA ARG C 155 21.38 31.39 14.78
C ARG C 155 22.03 30.38 13.82
N ILE C 156 21.70 30.55 12.54
CA ILE C 156 22.19 29.69 11.48
C ILE C 156 23.58 30.21 11.11
N LEU C 157 24.59 29.38 11.35
CA LEU C 157 25.96 29.77 11.07
C LEU C 157 26.16 31.16 11.66
N GLY C 158 26.69 32.07 10.84
CA GLY C 158 26.86 33.45 11.26
C GLY C 158 25.84 34.36 10.59
N LEU C 159 24.71 33.80 10.12
CA LEU C 159 23.76 34.56 9.33
C LEU C 159 22.58 35.04 10.18
N GLY C 160 22.53 34.63 11.46
CA GLY C 160 21.44 35.04 12.35
C GLY C 160 20.17 34.21 12.19
N ASP C 161 19.02 34.80 12.56
CA ASP C 161 17.70 34.20 12.59
C ASP C 161 17.18 33.99 11.17
N LEU C 162 17.14 32.74 10.71
CA LEU C 162 16.57 32.46 9.39
C LEU C 162 15.23 31.72 9.54
N GLY C 163 14.73 31.63 10.78
CA GLY C 163 13.50 30.91 11.08
C GLY C 163 13.44 29.56 10.37
N CYS C 164 12.31 29.31 9.69
CA CYS C 164 12.02 28.00 9.13
C CYS C 164 12.98 27.67 7.99
N ASN C 165 13.59 28.71 7.39
CA ASN C 165 14.62 28.55 6.38
C ASN C 165 15.82 27.75 6.91
N GLY C 166 15.90 27.61 8.24
CA GLY C 166 17.02 26.96 8.90
C GLY C 166 17.07 25.45 8.65
N MET C 167 16.08 24.90 7.92
CA MET C 167 15.91 23.45 7.83
C MET C 167 17.04 22.87 6.99
N GLY C 168 17.70 23.69 6.16
CA GLY C 168 18.85 23.22 5.42
C GLY C 168 20.00 22.77 6.34
N ILE C 169 20.03 23.32 7.56
CA ILE C 169 21.16 23.00 8.41
C ILE C 169 21.05 21.55 8.89
N PRO C 170 19.94 21.12 9.51
CA PRO C 170 19.82 19.72 9.94
C PRO C 170 19.99 18.73 8.80
N VAL C 171 19.41 19.04 7.64
CA VAL C 171 19.54 18.19 6.46
C VAL C 171 20.98 18.12 5.99
N GLY C 172 21.63 19.29 5.77
CA GLY C 172 23.05 19.23 5.44
C GLY C 172 23.84 18.50 6.53
N LYS C 173 23.51 18.77 7.80
CA LYS C 173 24.30 18.24 8.88
C LYS C 173 24.20 16.71 8.92
N LEU C 174 23.01 16.18 8.58
CA LEU C 174 22.83 14.74 8.64
C LEU C 174 23.49 14.05 7.45
N ALA C 175 23.65 14.77 6.33
CA ALA C 175 24.36 14.19 5.21
C ALA C 175 25.78 13.86 5.61
N LEU C 176 26.37 14.75 6.43
CA LEU C 176 27.73 14.59 6.93
C LEU C 176 27.78 13.46 7.96
N TYR C 177 26.74 13.31 8.80
CA TYR C 177 26.69 12.17 9.69
C TYR C 177 26.88 10.87 8.89
N THR C 178 26.24 10.81 7.70
CA THR C 178 26.29 9.61 6.87
C THR C 178 27.59 9.53 6.09
N ALA C 179 27.88 10.56 5.29
CA ALA C 179 29.05 10.62 4.42
C ALA C 179 30.33 10.47 5.24
N CYS C 180 30.40 11.15 6.38
CA CYS C 180 31.64 11.27 7.12
C CYS C 180 31.76 10.17 8.19
N GLY C 181 30.63 9.79 8.78
CA GLY C 181 30.61 8.94 9.95
C GLY C 181 29.92 7.60 9.75
N GLY C 182 29.22 7.41 8.60
CA GLY C 182 28.58 6.14 8.30
C GLY C 182 27.26 5.90 9.06
N MET C 183 26.64 6.96 9.57
CA MET C 183 25.30 6.85 10.12
C MET C 183 24.30 6.45 9.02
N ASN C 184 23.42 5.48 9.28
CA ASN C 184 22.40 5.06 8.34
C ASN C 184 21.41 6.20 8.13
N PRO C 185 21.28 6.78 6.90
CA PRO C 185 20.39 7.92 6.66
C PRO C 185 18.92 7.63 6.91
N GLN C 186 18.51 6.37 6.65
CA GLN C 186 17.15 5.91 6.93
C GLN C 186 16.83 6.05 8.41
N GLU C 187 17.86 6.04 9.26
CA GLU C 187 17.71 6.14 10.71
C GLU C 187 17.96 7.57 11.21
N CYS C 188 18.04 8.54 10.30
CA CYS C 188 18.34 9.93 10.65
C CYS C 188 17.11 10.80 10.42
N LEU C 189 16.81 11.68 11.37
CA LEU C 189 15.62 12.52 11.28
C LEU C 189 16.04 13.98 11.43
N PRO C 190 16.04 14.80 10.35
CA PRO C 190 16.28 16.23 10.51
C PRO C 190 14.98 16.92 10.94
N VAL C 191 15.08 17.80 11.95
CA VAL C 191 13.92 18.47 12.52
C VAL C 191 14.15 19.98 12.58
N ILE C 192 13.11 20.76 12.24
CA ILE C 192 13.09 22.15 12.61
C ILE C 192 11.90 22.42 13.53
N LEU C 193 12.14 23.27 14.53
CA LEU C 193 11.14 23.74 15.45
C LEU C 193 10.86 25.18 15.09
N ASP C 194 9.69 25.45 14.49
CA ASP C 194 9.34 26.81 14.13
C ASP C 194 8.44 27.39 15.21
N VAL C 195 9.00 28.33 15.97
CA VAL C 195 8.29 29.05 17.01
C VAL C 195 8.07 30.49 16.53
N GLY C 196 8.39 30.70 15.24
CA GLY C 196 8.32 32.02 14.65
C GLY C 196 9.71 32.57 14.38
N THR C 197 9.79 33.84 13.98
CA THR C 197 11.09 34.36 13.58
C THR C 197 11.14 35.87 13.82
N GLU C 198 12.36 36.38 14.05
CA GLU C 198 12.62 37.80 14.21
C GLU C 198 13.15 38.40 12.91
N ASN C 199 13.24 37.58 11.87
CA ASN C 199 13.81 38.02 10.61
C ASN C 199 12.79 38.84 9.82
N GLU C 200 13.03 40.16 9.76
CA GLU C 200 12.04 41.10 9.28
C GLU C 200 11.84 40.97 7.76
N GLU C 201 12.86 40.48 7.04
CA GLU C 201 12.72 40.22 5.61
C GLU C 201 11.82 39.01 5.37
N LEU C 202 12.03 37.93 6.13
CA LEU C 202 11.18 36.75 5.99
C LEU C 202 9.73 37.10 6.36
N LEU C 203 9.56 37.89 7.44
CA LEU C 203 8.21 38.28 7.86
C LEU C 203 7.44 38.98 6.75
N LYS C 204 8.13 39.76 5.90
CA LYS C 204 7.51 40.56 4.86
C LYS C 204 7.53 39.85 3.51
N ASP C 205 8.26 38.72 3.40
CA ASP C 205 8.44 38.02 2.13
C ASP C 205 7.20 37.16 1.87
N PRO C 206 6.45 37.34 0.76
CA PRO C 206 5.28 36.49 0.46
C PRO C 206 5.60 35.01 0.25
N LEU C 207 6.86 34.69 -0.11
CA LEU C 207 7.25 33.32 -0.41
C LEU C 207 7.70 32.54 0.85
N TYR C 208 7.89 33.24 1.99
CA TYR C 208 8.40 32.64 3.22
C TYR C 208 7.55 31.44 3.63
N ILE C 209 8.21 30.33 4.01
CA ILE C 209 7.58 29.02 4.14
C ILE C 209 7.26 28.74 5.61
N GLY C 210 7.75 29.61 6.50
CA GLY C 210 7.65 29.36 7.94
C GLY C 210 6.46 30.09 8.55
N LEU C 211 6.31 30.04 9.88
CA LEU C 211 5.22 30.76 10.53
C LEU C 211 5.50 32.25 10.46
N ARG C 212 4.54 33.01 9.90
CA ARG C 212 4.68 34.44 9.70
C ARG C 212 4.36 35.19 11.01
N GLN C 213 5.10 34.89 12.08
CA GLN C 213 4.92 35.54 13.37
C GLN C 213 6.29 35.77 14.04
N ARG C 214 6.31 36.56 15.11
CA ARG C 214 7.51 36.75 15.91
C ARG C 214 7.72 35.55 16.84
N ARG C 215 8.95 35.37 17.32
CA ARG C 215 9.30 34.16 18.04
C ARG C 215 8.57 34.11 19.37
N VAL C 216 8.13 32.91 19.77
CA VAL C 216 7.60 32.73 21.11
C VAL C 216 8.75 32.35 22.03
N ARG C 217 8.87 33.05 23.17
CA ARG C 217 9.91 32.81 24.17
C ARG C 217 9.24 32.33 25.47
N GLY C 218 10.02 32.35 26.57
CA GLY C 218 9.51 32.11 27.92
C GLY C 218 9.07 30.66 28.15
N SER C 219 8.16 30.49 29.11
CA SER C 219 7.76 29.18 29.59
C SER C 219 7.09 28.39 28.47
N GLU C 220 6.39 29.09 27.57
CA GLU C 220 5.69 28.41 26.49
C GLU C 220 6.68 27.79 25.50
N TYR C 221 7.81 28.47 25.28
CA TYR C 221 8.90 27.91 24.50
C TYR C 221 9.45 26.68 25.22
N ASP C 222 9.73 26.83 26.52
CA ASP C 222 10.35 25.78 27.33
C ASP C 222 9.46 24.55 27.45
N ASP C 223 8.13 24.77 27.57
CA ASP C 223 7.20 23.66 27.66
C ASP C 223 7.20 22.88 26.33
N PHE C 224 7.20 23.63 25.22
CA PHE C 224 7.21 23.06 23.87
C PHE C 224 8.46 22.20 23.67
N LEU C 225 9.63 22.72 24.05
CA LEU C 225 10.87 21.94 23.96
C LEU C 225 10.78 20.74 24.89
N ASP C 226 10.25 20.93 26.10
CA ASP C 226 10.09 19.79 26.98
C ASP C 226 9.34 18.70 26.23
N GLU C 227 8.19 19.06 25.61
CA GLU C 227 7.33 18.10 24.94
C GLU C 227 8.11 17.39 23.84
N PHE C 228 8.94 18.15 23.12
CA PHE C 228 9.65 17.63 21.97
C PHE C 228 10.57 16.50 22.44
N MET C 229 11.30 16.75 23.54
CA MET C 229 12.24 15.79 24.08
C MET C 229 11.52 14.52 24.52
N GLU C 230 10.39 14.67 25.21
CA GLU C 230 9.60 13.55 25.72
C GLU C 230 9.12 12.66 24.57
N ALA C 231 8.51 13.28 23.56
CA ALA C 231 7.83 12.58 22.48
C ALA C 231 8.82 11.81 21.61
N VAL C 232 9.89 12.50 21.22
CA VAL C 232 10.97 11.92 20.44
C VAL C 232 11.59 10.72 21.16
N SER C 233 11.86 10.85 22.46
CA SER C 233 12.51 9.78 23.22
C SER C 233 11.53 8.65 23.53
N SER C 234 10.24 8.97 23.70
CA SER C 234 9.23 7.92 23.90
C SER C 234 9.07 7.11 22.63
N LYS C 235 9.15 7.76 21.47
CA LYS C 235 8.81 7.08 20.24
C LYS C 235 10.03 6.35 19.66
N TYR C 236 11.22 6.93 19.77
CA TYR C 236 12.38 6.32 19.14
C TYR C 236 13.27 5.60 20.15
N GLY C 237 12.99 5.77 21.47
CA GLY C 237 13.77 5.16 22.54
C GLY C 237 14.74 6.16 23.19
N MET C 238 15.15 5.88 24.42
CA MET C 238 16.08 6.75 25.12
C MET C 238 17.46 6.74 24.47
N ASN C 239 17.72 5.80 23.57
CA ASN C 239 19.04 5.65 22.96
C ASN C 239 19.13 6.41 21.64
N CYS C 240 18.02 7.07 21.26
CA CYS C 240 18.01 7.94 20.10
C CYS C 240 18.82 9.20 20.38
N LEU C 241 19.83 9.45 19.55
CA LEU C 241 20.66 10.63 19.76
C LEU C 241 19.90 11.87 19.33
N ILE C 242 19.92 12.92 20.15
CA ILE C 242 19.24 14.17 19.87
C ILE C 242 20.24 15.31 19.85
N GLN C 243 20.69 15.74 18.65
CA GLN C 243 21.71 16.77 18.56
C GLN C 243 21.10 18.14 18.27
N PHE C 244 21.43 19.12 19.13
CA PHE C 244 21.00 20.49 18.98
C PHE C 244 22.00 21.25 18.11
N GLU C 245 21.50 22.08 17.17
CA GLU C 245 22.31 22.92 16.30
C GLU C 245 21.63 24.26 16.08
N ASP C 246 22.42 25.34 16.11
CA ASP C 246 22.02 26.63 15.58
C ASP C 246 20.87 27.24 16.37
N PHE C 247 20.88 27.01 17.69
CA PHE C 247 20.05 27.75 18.63
C PHE C 247 20.76 29.07 18.98
N ALA C 248 19.97 30.07 19.38
CA ALA C 248 20.54 31.32 19.91
C ALA C 248 21.49 30.99 21.05
N ASN C 249 22.48 31.87 21.25
CA ASN C 249 23.42 31.68 22.34
C ASN C 249 22.71 31.56 23.71
N VAL C 250 21.63 32.34 23.93
CA VAL C 250 20.91 32.32 25.21
C VAL C 250 20.15 31.01 25.41
N ASN C 251 20.16 30.10 24.42
CA ASN C 251 19.35 28.90 24.53
C ASN C 251 20.25 27.66 24.51
N ALA C 252 21.38 27.78 23.81
CA ALA C 252 22.21 26.63 23.48
C ALA C 252 22.75 26.00 24.76
N PHE C 253 23.53 26.77 25.54
CA PHE C 253 24.04 26.22 26.78
C PHE C 253 22.87 25.86 27.71
N ARG C 254 21.85 26.73 27.74
CA ARG C 254 20.74 26.59 28.66
C ARG C 254 19.99 25.26 28.45
N LEU C 255 19.72 24.92 27.19
CA LEU C 255 18.98 23.69 26.95
C LEU C 255 19.91 22.47 27.09
N LEU C 256 21.19 22.61 26.73
CA LEU C 256 22.12 21.48 26.89
C LEU C 256 22.19 21.11 28.38
N ASN C 257 22.30 22.16 29.19
CA ASN C 257 22.42 21.98 30.63
C ASN C 257 21.14 21.35 31.16
N LYS C 258 19.98 21.81 30.67
CA LYS C 258 18.70 21.32 31.15
C LYS C 258 18.49 19.82 30.86
N TYR C 259 19.01 19.33 29.73
CA TYR C 259 18.57 18.03 29.20
C TYR C 259 19.65 16.96 29.27
N ARG C 260 20.93 17.34 29.34
CA ARG C 260 22.02 16.41 29.04
C ARG C 260 22.04 15.22 29.99
N ASN C 261 21.44 15.37 31.18
CA ASN C 261 21.49 14.29 32.17
C ASN C 261 20.36 13.29 31.98
N GLN C 262 19.23 13.71 31.40
CA GLN C 262 18.15 12.75 31.21
C GLN C 262 18.18 12.17 29.80
N TYR C 263 18.74 12.91 28.84
CA TYR C 263 18.60 12.45 27.48
C TYR C 263 19.96 12.26 26.83
N CYS C 264 19.91 11.49 25.75
CA CYS C 264 21.03 11.30 24.85
C CYS C 264 21.16 12.51 23.93
N THR C 265 21.75 13.60 24.43
CA THR C 265 21.75 14.80 23.63
C THR C 265 23.10 15.46 23.73
N PHE C 266 23.45 16.27 22.72
CA PHE C 266 24.63 17.13 22.80
C PHE C 266 24.42 18.35 21.90
N ASN C 267 25.22 19.39 22.13
CA ASN C 267 25.10 20.54 21.25
C ASN C 267 26.44 20.77 20.55
N ASP C 268 26.44 20.77 19.21
CA ASP C 268 27.69 20.66 18.49
C ASP C 268 28.36 22.03 18.43
N ASP C 269 27.55 23.09 18.40
CA ASP C 269 28.06 24.45 18.39
C ASP C 269 28.91 24.70 19.63
N ILE C 270 28.62 24.02 20.74
CA ILE C 270 29.40 24.21 21.94
C ILE C 270 30.46 23.11 22.05
N GLN C 271 30.02 21.85 22.06
CA GLN C 271 30.85 20.73 22.47
C GLN C 271 31.75 20.25 21.32
N GLY C 272 31.22 20.24 20.10
CA GLY C 272 32.01 19.91 18.93
C GLY C 272 33.07 20.99 18.69
N THR C 273 32.67 22.26 18.88
CA THR C 273 33.59 23.38 18.80
C THR C 273 34.69 23.23 19.86
N ALA C 274 34.31 22.86 21.07
CA ALA C 274 35.29 22.77 22.16
C ALA C 274 36.29 21.66 21.85
N SER C 275 35.81 20.60 21.21
CA SER C 275 36.58 19.39 20.97
C SER C 275 37.62 19.60 19.85
N VAL C 276 37.21 20.24 18.76
CA VAL C 276 38.12 20.40 17.64
C VAL C 276 39.16 21.48 17.97
N ALA C 277 38.80 22.47 18.79
CA ALA C 277 39.77 23.48 19.20
C ALA C 277 40.85 22.86 20.08
N VAL C 278 40.40 21.99 20.99
CA VAL C 278 41.32 21.31 21.89
C VAL C 278 42.17 20.33 21.08
N ALA C 279 41.55 19.66 20.09
CA ALA C 279 42.33 18.80 19.20
C ALA C 279 43.52 19.56 18.61
N GLY C 280 43.29 20.84 18.25
CA GLY C 280 44.32 21.65 17.63
C GLY C 280 45.41 22.10 18.61
N LEU C 281 45.01 22.35 19.86
CA LEU C 281 45.97 22.66 20.92
C LEU C 281 46.83 21.44 21.22
N LEU C 282 46.20 20.29 21.39
CA LEU C 282 46.91 19.05 21.66
C LEU C 282 47.94 18.77 20.57
N ALA C 283 47.57 19.00 19.30
CA ALA C 283 48.47 18.77 18.19
C ALA C 283 49.61 19.79 18.22
N ALA C 284 49.27 21.06 18.49
CA ALA C 284 50.23 22.14 18.63
C ALA C 284 51.27 21.84 19.72
N LEU C 285 50.90 21.04 20.73
CA LEU C 285 51.80 20.77 21.84
C LEU C 285 52.97 19.91 21.37
N ARG C 286 52.72 19.14 20.31
CA ARG C 286 53.74 18.28 19.74
C ARG C 286 54.72 19.10 18.91
N ILE C 287 54.40 20.37 18.63
CA ILE C 287 55.35 21.29 18.04
C ILE C 287 56.06 22.09 19.14
N THR C 288 55.30 22.69 20.07
CA THR C 288 55.93 23.42 21.15
C THR C 288 56.77 22.48 22.02
N LYS C 289 56.44 21.18 21.95
CA LYS C 289 57.11 20.10 22.65
C LYS C 289 57.11 20.35 24.16
N ASN C 290 55.95 20.82 24.67
CA ASN C 290 55.75 21.03 26.09
C ASN C 290 54.33 20.61 26.48
N LYS C 291 53.91 20.97 27.69
CA LYS C 291 52.68 20.43 28.24
C LYS C 291 51.59 21.49 28.21
N LEU C 292 50.34 21.04 28.28
CA LEU C 292 49.20 21.93 28.35
C LEU C 292 49.29 22.81 29.60
N SER C 293 49.86 22.28 30.69
CA SER C 293 49.97 23.02 31.95
C SER C 293 51.03 24.15 31.90
N ASP C 294 51.81 24.17 30.81
CA ASP C 294 52.85 25.17 30.61
C ASP C 294 52.31 26.36 29.82
N GLN C 295 51.04 26.30 29.39
CA GLN C 295 50.50 27.31 28.52
C GLN C 295 49.88 28.45 29.33
N THR C 296 49.88 29.67 28.77
CA THR C 296 48.95 30.70 29.22
C THR C 296 48.05 31.05 28.04
N ILE C 297 46.73 30.94 28.25
CA ILE C 297 45.76 31.01 27.15
C ILE C 297 44.92 32.27 27.28
N LEU C 298 44.90 33.08 26.21
CA LEU C 298 44.05 34.25 26.14
C LEU C 298 42.98 34.04 25.07
N PHE C 299 41.71 34.28 25.44
CA PHE C 299 40.59 34.24 24.52
C PHE C 299 40.18 35.64 24.10
N GLN C 300 40.15 35.86 22.77
CA GLN C 300 39.44 36.96 22.16
C GLN C 300 37.99 36.52 22.04
N GLY C 301 37.13 36.98 22.97
CA GLY C 301 35.74 36.54 23.06
C GLY C 301 35.53 35.72 24.32
N ALA C 302 34.30 35.72 24.86
CA ALA C 302 34.00 34.90 26.03
C ALA C 302 32.58 34.36 25.96
N GLY C 303 32.17 33.99 24.74
CA GLY C 303 30.83 33.50 24.48
C GLY C 303 30.78 31.98 24.36
N GLU C 304 29.89 31.53 23.48
CA GLU C 304 29.55 30.12 23.29
C GLU C 304 30.81 29.30 23.02
N ALA C 305 31.62 29.74 22.06
CA ALA C 305 32.80 28.98 21.69
C ALA C 305 33.86 29.13 22.77
N ALA C 306 34.07 30.37 23.24
CA ALA C 306 35.14 30.62 24.19
C ALA C 306 35.00 29.77 25.46
N LEU C 307 33.81 29.75 26.04
CA LEU C 307 33.67 29.12 27.35
C LEU C 307 33.59 27.60 27.21
N GLY C 308 33.04 27.13 26.08
CA GLY C 308 33.06 25.71 25.79
C GLY C 308 34.50 25.21 25.66
N ILE C 309 35.31 25.95 24.89
CA ILE C 309 36.71 25.58 24.69
C ILE C 309 37.42 25.64 26.05
N ALA C 310 37.21 26.75 26.76
CA ALA C 310 37.89 26.94 28.04
C ALA C 310 37.51 25.83 29.01
N HIS C 311 36.22 25.46 29.03
CA HIS C 311 35.80 24.39 29.94
C HIS C 311 36.56 23.10 29.62
N LEU C 312 36.70 22.79 28.32
CA LEU C 312 37.29 21.51 27.97
C LEU C 312 38.80 21.54 28.22
N ILE C 313 39.46 22.70 28.02
CA ILE C 313 40.88 22.82 28.34
C ILE C 313 41.09 22.52 29.84
N VAL C 314 40.23 23.10 30.69
CA VAL C 314 40.34 22.86 32.11
C VAL C 314 40.28 21.36 32.39
N MET C 315 39.42 20.63 31.67
CA MET C 315 39.22 19.21 31.96
C MET C 315 40.45 18.42 31.54
N ALA C 316 41.10 18.87 30.46
CA ALA C 316 42.33 18.30 29.98
C ALA C 316 43.46 18.60 30.98
N LEU C 317 43.49 19.84 31.50
CA LEU C 317 44.48 20.18 32.53
C LEU C 317 44.31 19.30 33.77
N GLU C 318 43.07 19.10 34.21
CA GLU C 318 42.79 18.24 35.34
C GLU C 318 43.24 16.82 35.03
N LYS C 319 43.06 16.39 33.78
CA LYS C 319 43.46 15.04 33.40
C LYS C 319 44.98 14.91 33.40
N GLU C 320 45.69 16.04 33.24
CA GLU C 320 47.15 16.05 33.29
C GLU C 320 47.62 15.76 34.72
N GLY C 321 46.80 16.14 35.71
CA GLY C 321 47.08 15.92 37.11
C GLY C 321 46.93 17.18 37.95
N LEU C 322 46.78 18.34 37.27
CA LEU C 322 46.54 19.63 37.86
C LEU C 322 45.21 19.63 38.63
N PRO C 323 45.09 20.34 39.78
CA PRO C 323 43.78 20.60 40.38
C PRO C 323 43.09 21.75 39.66
N LYS C 324 41.76 21.81 39.79
CA LYS C 324 40.90 22.71 39.04
C LYS C 324 41.34 24.15 39.27
N GLU C 325 41.59 24.47 40.55
CA GLU C 325 41.94 25.80 41.02
C GLU C 325 43.19 26.35 40.29
N LYS C 326 44.18 25.48 40.03
CA LYS C 326 45.39 25.86 39.30
C LYS C 326 45.10 25.94 37.80
N ALA C 327 44.47 24.88 37.27
CA ALA C 327 44.09 24.84 35.87
C ALA C 327 43.47 26.17 35.43
N ILE C 328 42.56 26.70 36.27
CA ILE C 328 41.69 27.81 35.92
C ILE C 328 42.49 29.10 35.72
N LYS C 329 43.53 29.30 36.54
CA LYS C 329 44.32 30.52 36.50
C LYS C 329 45.19 30.59 35.25
N LYS C 330 45.28 29.48 34.50
CA LYS C 330 46.01 29.40 33.24
C LYS C 330 45.17 29.88 32.04
N ILE C 331 43.94 30.39 32.28
CA ILE C 331 43.04 30.82 31.22
C ILE C 331 42.51 32.23 31.51
N TRP C 332 42.76 33.14 30.55
CA TRP C 332 42.23 34.50 30.60
C TRP C 332 41.23 34.70 29.45
N LEU C 333 40.29 35.64 29.62
CA LEU C 333 39.22 35.90 28.67
C LEU C 333 39.00 37.40 28.54
N VAL C 334 38.75 37.83 27.30
CA VAL C 334 38.33 39.19 27.00
C VAL C 334 36.95 39.11 26.36
N ASP C 335 36.05 40.03 26.74
CA ASP C 335 34.77 40.19 26.05
C ASP C 335 34.62 41.60 25.49
N SER C 336 33.36 41.95 25.21
CA SER C 336 32.92 43.23 24.68
C SER C 336 33.42 44.37 25.57
N LYS C 337 33.64 44.06 26.85
CA LYS C 337 33.92 45.08 27.85
C LYS C 337 35.38 45.04 28.29
N GLY C 338 36.19 44.19 27.63
CA GLY C 338 37.62 44.08 27.90
C GLY C 338 37.94 42.85 28.74
N LEU C 339 39.10 42.88 29.42
CA LEU C 339 39.60 41.73 30.15
C LEU C 339 38.58 41.31 31.20
N ILE C 340 38.45 40.00 31.41
CA ILE C 340 37.59 39.53 32.48
C ILE C 340 38.43 39.36 33.75
N VAL C 341 38.11 40.17 34.78
CA VAL C 341 38.83 40.28 36.05
C VAL C 341 37.83 40.44 37.20
N LYS C 342 38.29 40.12 38.43
CA LYS C 342 37.48 40.10 39.64
C LYS C 342 36.66 41.38 39.78
N GLY C 343 35.35 41.21 40.01
CA GLY C 343 34.42 42.29 40.28
C GLY C 343 34.54 43.44 39.31
N ARG C 344 34.24 43.18 38.03
CA ARG C 344 34.17 44.26 37.06
C ARG C 344 32.72 44.48 36.64
N ALA C 345 32.52 45.46 35.75
CA ALA C 345 31.27 46.19 35.56
C ALA C 345 30.10 45.28 35.22
N SER C 346 30.32 44.24 34.41
CA SER C 346 29.19 43.43 33.97
C SER C 346 29.65 42.02 33.65
N LEU C 347 29.89 41.25 34.71
CA LEU C 347 30.21 39.84 34.61
C LEU C 347 28.92 39.03 34.65
N THR C 348 28.99 37.79 34.15
CA THR C 348 27.98 36.76 34.39
C THR C 348 28.62 35.67 35.25
N GLN C 349 27.78 34.77 35.78
CA GLN C 349 28.22 33.65 36.61
C GLN C 349 29.24 32.79 35.85
N GLU C 350 28.93 32.50 34.57
CA GLU C 350 29.74 31.59 33.78
C GLU C 350 31.11 32.21 33.45
N LYS C 351 31.13 33.52 33.12
CA LYS C 351 32.35 34.29 32.91
C LYS C 351 33.13 34.48 34.22
N GLU C 352 32.40 34.44 35.34
CA GLU C 352 32.95 34.75 36.65
C GLU C 352 34.04 33.74 37.00
N LYS C 353 33.89 32.52 36.46
CA LYS C 353 34.78 31.40 36.75
C LYS C 353 36.22 31.75 36.38
N PHE C 354 36.41 32.72 35.48
CA PHE C 354 37.75 33.10 35.04
C PHE C 354 38.07 34.57 35.35
N ALA C 355 37.35 35.15 36.31
CA ALA C 355 37.65 36.49 36.78
C ALA C 355 38.70 36.40 37.88
N HIS C 356 39.97 36.41 37.44
CA HIS C 356 41.09 36.46 38.37
C HIS C 356 41.29 37.88 38.86
N GLU C 357 41.92 38.04 40.03
CA GLU C 357 42.25 39.37 40.49
C GLU C 357 43.29 39.97 39.56
N HIS C 358 43.03 41.21 39.13
CA HIS C 358 43.88 41.95 38.22
C HIS C 358 43.15 43.23 37.87
N GLU C 359 43.91 44.28 37.56
CA GLU C 359 43.35 45.55 37.14
C GLU C 359 42.67 45.40 35.78
N GLU C 360 41.49 46.02 35.64
CA GLU C 360 40.70 46.01 34.41
C GLU C 360 41.51 46.58 33.24
N MET C 361 41.32 45.96 32.06
CA MET C 361 41.96 46.44 30.84
C MET C 361 40.96 46.36 29.71
N LYS C 362 41.06 47.29 28.74
CA LYS C 362 40.07 47.44 27.69
C LYS C 362 40.71 47.28 26.31
N ASN C 363 42.04 47.21 26.26
CA ASN C 363 42.74 47.16 24.99
C ASN C 363 43.52 45.85 24.87
N LEU C 364 43.15 45.07 23.86
CA LEU C 364 43.74 43.76 23.59
C LEU C 364 45.26 43.87 23.43
N GLU C 365 45.71 44.92 22.74
CA GLU C 365 47.13 45.18 22.52
C GLU C 365 47.87 45.26 23.86
N ALA C 366 47.28 46.01 24.81
CA ALA C 366 47.81 46.17 26.16
C ALA C 366 47.64 44.88 26.97
N ILE C 367 46.51 44.18 26.75
CA ILE C 367 46.19 42.93 27.42
C ILE C 367 47.20 41.85 27.01
N VAL C 368 47.51 41.79 25.71
CA VAL C 368 48.46 40.82 25.18
C VAL C 368 49.81 41.01 25.87
N GLN C 369 50.29 42.26 25.90
CA GLN C 369 51.56 42.63 26.53
C GLN C 369 51.57 42.31 28.03
N GLU C 370 50.41 42.38 28.68
CA GLU C 370 50.34 42.23 30.12
C GLU C 370 50.26 40.76 30.53
N ILE C 371 49.54 39.93 29.76
CA ILE C 371 49.40 38.53 30.15
C ILE C 371 50.47 37.68 29.46
N LYS C 372 51.03 38.18 28.34
CA LYS C 372 52.05 37.44 27.60
C LYS C 372 51.62 35.99 27.42
N PRO C 373 50.50 35.70 26.72
CA PRO C 373 50.04 34.32 26.59
C PRO C 373 50.90 33.51 25.62
N THR C 374 50.92 32.18 25.79
CA THR C 374 51.54 31.29 24.82
C THR C 374 50.56 30.94 23.70
N ALA C 375 49.25 31.06 23.98
CA ALA C 375 48.19 30.66 23.05
C ALA C 375 47.10 31.72 23.01
N LEU C 376 46.80 32.19 21.78
CA LEU C 376 45.85 33.25 21.53
C LEU C 376 44.71 32.66 20.69
N ILE C 377 43.46 32.72 21.19
CA ILE C 377 42.37 32.02 20.53
C ILE C 377 41.28 33.02 20.18
N GLY C 378 41.15 33.30 18.88
CA GLY C 378 40.15 34.25 18.39
C GLY C 378 38.79 33.59 18.17
N VAL C 379 37.83 34.01 19.01
CA VAL C 379 36.45 33.58 18.90
C VAL C 379 35.54 34.76 19.26
N ALA C 380 35.75 35.91 18.59
CA ALA C 380 34.96 37.11 18.85
C ALA C 380 34.26 37.68 17.62
N ALA C 381 34.51 37.14 16.42
CA ALA C 381 33.80 37.61 15.23
C ALA C 381 34.22 39.03 14.89
N ILE C 382 35.39 39.45 15.40
CA ILE C 382 36.01 40.71 15.05
C ILE C 382 37.16 40.44 14.09
N GLY C 383 36.94 40.73 12.81
CA GLY C 383 37.97 40.66 11.80
C GLY C 383 39.16 41.55 12.14
N GLY C 384 40.37 41.11 11.77
CA GLY C 384 41.60 41.87 11.92
C GLY C 384 41.97 42.17 13.37
N ALA C 385 41.38 41.41 14.31
CA ALA C 385 41.53 41.76 15.71
C ALA C 385 42.93 41.45 16.24
N PHE C 386 43.65 40.49 15.63
CA PHE C 386 45.05 40.28 15.95
C PHE C 386 45.91 41.14 15.01
N SER C 387 46.27 42.34 15.46
CA SER C 387 46.94 43.29 14.59
C SER C 387 48.44 42.97 14.59
N GLU C 388 49.14 43.53 13.59
CA GLU C 388 50.58 43.61 13.53
C GLU C 388 51.19 43.55 14.93
N GLN C 389 50.72 44.46 15.79
CA GLN C 389 51.30 44.70 17.10
C GLN C 389 51.10 43.49 18.01
N ILE C 390 49.88 42.93 18.00
CA ILE C 390 49.59 41.71 18.74
C ILE C 390 50.55 40.61 18.28
N LEU C 391 50.63 40.44 16.96
CA LEU C 391 51.33 39.31 16.36
C LEU C 391 52.82 39.42 16.67
N LYS C 392 53.39 40.62 16.54
CA LYS C 392 54.81 40.83 16.79
C LYS C 392 55.11 40.47 18.24
N ASP C 393 54.17 40.83 19.12
CA ASP C 393 54.30 40.61 20.55
C ASP C 393 54.35 39.11 20.86
N MET C 394 53.37 38.36 20.34
CA MET C 394 53.28 36.93 20.54
C MET C 394 54.55 36.24 20.04
N ALA C 395 55.13 36.77 18.94
CA ALA C 395 56.40 36.29 18.37
C ALA C 395 57.59 36.71 19.24
N ALA C 396 57.44 37.82 19.98
CA ALA C 396 58.47 38.25 20.92
C ALA C 396 58.49 37.37 22.18
N PHE C 397 57.33 37.20 22.84
CA PHE C 397 57.25 36.47 24.11
C PHE C 397 57.37 34.98 23.87
N ASN C 398 57.18 34.56 22.61
CA ASN C 398 57.10 33.14 22.31
C ASN C 398 58.03 32.77 21.17
N GLU C 399 58.69 31.64 21.39
CA GLU C 399 59.38 30.83 20.40
C GLU C 399 58.44 30.57 19.24
N ARG C 400 57.46 29.70 19.52
CA ARG C 400 56.46 29.27 18.57
C ARG C 400 55.10 29.64 19.15
N PRO C 401 54.60 30.88 18.95
CA PRO C 401 53.32 31.27 19.56
C PRO C 401 52.17 30.51 18.88
N ILE C 402 51.21 30.02 19.67
CA ILE C 402 49.99 29.41 19.14
C ILE C 402 48.94 30.50 18.92
N ILE C 403 48.44 30.57 17.67
CA ILE C 403 47.45 31.57 17.24
C ILE C 403 46.34 30.89 16.43
N PHE C 404 45.11 30.96 16.97
CA PHE C 404 43.92 30.44 16.33
C PHE C 404 42.97 31.58 15.98
N ALA C 405 42.73 31.74 14.67
CA ALA C 405 41.79 32.75 14.19
C ALA C 405 40.50 32.04 13.78
N LEU C 406 39.64 31.75 14.76
CA LEU C 406 38.55 30.82 14.49
C LEU C 406 37.30 31.53 13.96
N SER C 407 37.29 32.87 13.96
CA SER C 407 36.08 33.52 13.49
C SER C 407 35.88 33.30 11.99
N ASN C 408 34.61 33.12 11.59
CA ASN C 408 34.18 32.71 10.26
C ASN C 408 33.23 33.74 9.65
N PRO C 409 33.24 33.96 8.30
CA PRO C 409 34.27 33.43 7.38
C PRO C 409 35.57 34.24 7.41
N THR C 410 36.46 33.98 6.44
CA THR C 410 37.81 34.54 6.44
C THR C 410 37.77 36.04 6.68
N SER C 411 36.71 36.70 6.20
CA SER C 411 36.66 38.16 6.27
C SER C 411 36.45 38.60 7.71
N LYS C 412 36.11 37.66 8.59
CA LYS C 412 35.91 38.00 9.99
C LYS C 412 37.05 37.43 10.83
N ALA C 413 38.00 36.75 10.19
CA ALA C 413 39.04 36.10 10.99
C ALA C 413 39.96 37.15 11.62
N GLU C 414 40.51 36.79 12.79
CA GLU C 414 41.25 37.70 13.64
C GLU C 414 42.54 38.15 12.97
N CYS C 415 43.00 37.36 11.98
CA CYS C 415 44.08 37.70 11.07
C CYS C 415 44.14 36.61 10.00
N SER C 416 44.76 36.94 8.87
CA SER C 416 44.91 35.99 7.78
C SER C 416 46.12 35.10 8.08
N ALA C 417 46.26 33.97 7.38
CA ALA C 417 47.44 33.14 7.49
C ALA C 417 48.67 33.97 7.08
N GLU C 418 48.55 34.64 5.93
CA GLU C 418 49.61 35.47 5.36
C GLU C 418 50.15 36.47 6.39
N GLN C 419 49.26 37.20 7.09
CA GLN C 419 49.71 38.21 8.05
C GLN C 419 50.37 37.57 9.26
N CYS C 420 49.82 36.44 9.69
CA CYS C 420 50.29 35.81 10.91
C CYS C 420 51.68 35.24 10.69
N TYR C 421 51.91 34.70 9.48
CA TYR C 421 53.19 34.09 9.14
C TYR C 421 54.23 35.19 8.90
N LYS C 422 53.87 36.21 8.11
CA LYS C 422 54.81 37.28 7.81
C LYS C 422 55.30 37.89 9.11
N ILE C 423 54.36 38.36 9.93
CA ILE C 423 54.71 39.16 11.09
C ILE C 423 55.36 38.31 12.19
N THR C 424 55.01 37.02 12.29
CA THR C 424 55.70 36.19 13.28
C THR C 424 56.95 35.54 12.68
N LYS C 425 57.33 36.02 11.48
CA LYS C 425 58.52 35.56 10.77
C LYS C 425 58.54 34.04 10.65
N GLY C 426 57.37 33.46 10.37
CA GLY C 426 57.25 32.04 10.07
C GLY C 426 57.16 31.12 11.29
N ARG C 427 57.11 31.64 12.52
CA ARG C 427 57.18 30.69 13.63
C ARG C 427 55.88 30.52 14.44
N ALA C 428 54.83 31.30 14.12
CA ALA C 428 53.51 31.04 14.68
C ALA C 428 53.01 29.64 14.33
N ILE C 429 52.34 28.98 15.28
CA ILE C 429 51.53 27.81 15.02
C ILE C 429 50.08 28.28 14.85
N PHE C 430 49.57 28.19 13.62
CA PHE C 430 48.35 28.85 13.21
C PHE C 430 47.35 27.81 12.73
N ALA C 431 46.11 28.02 13.16
CA ALA C 431 44.92 27.38 12.62
C ALA C 431 43.83 28.44 12.54
N SER C 432 42.80 28.18 11.75
CA SER C 432 41.72 29.14 11.54
C SER C 432 40.39 28.40 11.47
N GLY C 433 39.31 29.18 11.45
CA GLY C 433 37.97 28.66 11.24
C GLY C 433 37.74 28.35 9.76
N SER C 434 38.09 29.31 8.89
CA SER C 434 37.82 29.22 7.47
C SER C 434 39.14 28.99 6.72
N PRO C 435 39.15 28.26 5.58
CA PRO C 435 40.39 27.83 4.96
C PRO C 435 41.19 29.04 4.49
N PHE C 436 42.51 28.95 4.61
CA PHE C 436 43.37 29.91 3.96
C PHE C 436 44.29 29.11 3.05
N ASP C 437 44.87 29.76 2.05
CA ASP C 437 45.82 29.12 1.16
C ASP C 437 47.11 28.84 1.92
N PRO C 438 47.90 27.82 1.54
CA PRO C 438 49.29 27.72 1.99
C PRO C 438 50.02 29.05 1.81
N VAL C 439 50.89 29.37 2.77
CA VAL C 439 51.74 30.56 2.73
C VAL C 439 53.19 30.08 2.63
N THR C 440 53.88 30.53 1.58
CA THR C 440 55.29 30.21 1.39
C THR C 440 56.12 31.44 1.72
N LEU C 441 57.04 31.29 2.69
CA LEU C 441 57.87 32.38 3.20
C LEU C 441 58.96 32.73 2.18
N PRO C 442 59.64 33.89 2.32
CA PRO C 442 60.70 34.30 1.38
C PRO C 442 61.95 33.44 1.32
N ASN C 443 61.87 32.21 1.87
CA ASN C 443 63.01 31.33 2.04
C ASN C 443 62.64 29.92 1.63
N GLY C 444 61.83 29.81 0.56
CA GLY C 444 61.45 28.54 -0.05
C GLY C 444 60.77 27.58 0.92
N GLN C 445 59.89 28.14 1.75
CA GLN C 445 59.31 27.40 2.85
C GLN C 445 57.80 27.60 2.81
N THR C 446 57.08 26.47 2.88
CA THR C 446 55.62 26.50 2.87
C THR C 446 55.03 25.98 4.18
N LEU C 447 54.08 26.75 4.70
CA LEU C 447 53.22 26.34 5.79
C LEU C 447 51.81 26.22 5.24
N TYR C 448 51.08 25.20 5.71
CA TYR C 448 49.80 24.80 5.17
C TYR C 448 48.78 24.74 6.31
N PRO C 449 48.30 25.89 6.84
CA PRO C 449 47.49 25.89 8.06
C PRO C 449 46.17 25.17 7.86
N GLY C 450 45.80 24.28 8.79
CA GLY C 450 44.53 23.59 8.69
C GLY C 450 43.38 24.41 9.28
N GLN C 451 42.16 23.86 9.18
CA GLN C 451 40.96 24.49 9.74
C GLN C 451 40.41 23.64 10.88
N GLY C 452 39.95 24.32 11.94
CA GLY C 452 39.33 23.65 13.07
C GLY C 452 37.86 23.34 12.78
N ASN C 453 37.65 22.38 11.87
CA ASN C 453 36.37 22.07 11.26
C ASN C 453 35.58 21.15 12.19
N ASN C 454 34.40 21.61 12.63
CA ASN C 454 33.54 20.81 13.49
C ASN C 454 33.29 19.42 12.88
N SER C 455 33.51 19.26 11.56
CA SER C 455 33.23 17.97 10.94
C SER C 455 34.20 16.88 11.37
N TYR C 456 35.34 17.28 11.96
CA TYR C 456 36.26 16.30 12.54
C TYR C 456 35.61 15.51 13.66
N VAL C 457 34.59 16.12 14.32
CA VAL C 457 34.10 15.67 15.61
C VAL C 457 32.75 14.95 15.49
N PHE C 458 31.71 15.65 15.00
CA PHE C 458 30.35 15.19 15.28
C PHE C 458 30.05 13.82 14.68
N PRO C 459 30.59 13.45 13.49
CA PRO C 459 30.23 12.19 12.83
C PRO C 459 30.66 10.96 13.62
N GLY C 460 31.91 10.95 14.11
CA GLY C 460 32.39 9.85 14.95
C GLY C 460 31.79 9.90 16.35
N VAL C 461 31.47 11.09 16.86
CA VAL C 461 30.86 11.12 18.18
C VAL C 461 29.50 10.43 18.08
N ALA C 462 28.74 10.80 17.05
CA ALA C 462 27.40 10.27 16.87
C ALA C 462 27.45 8.76 16.62
N LEU C 463 28.37 8.29 15.75
CA LEU C 463 28.49 6.88 15.43
C LEU C 463 28.86 6.06 16.66
N GLY C 464 29.88 6.51 17.41
CA GLY C 464 30.31 5.84 18.63
C GLY C 464 29.20 5.71 19.68
N VAL C 465 28.52 6.82 19.96
CA VAL C 465 27.43 6.89 20.92
C VAL C 465 26.29 5.95 20.51
N VAL C 466 25.87 6.02 19.24
CA VAL C 466 24.75 5.20 18.79
C VAL C 466 25.19 3.73 18.79
N ALA C 467 26.42 3.44 18.34
CA ALA C 467 26.88 2.06 18.14
C ALA C 467 26.89 1.27 19.45
N CYS C 468 27.26 1.90 20.57
CA CYS C 468 27.34 1.20 21.84
C CYS C 468 26.17 1.53 22.77
N GLY C 469 25.25 2.38 22.30
CA GLY C 469 24.06 2.69 23.07
C GLY C 469 24.37 3.50 24.33
N LEU C 470 25.24 4.51 24.20
CA LEU C 470 25.51 5.44 25.30
C LEU C 470 24.25 6.28 25.52
N ARG C 471 23.77 6.34 26.77
CA ARG C 471 22.51 7.01 27.05
C ARG C 471 22.71 8.50 27.31
N GLN C 472 23.88 8.86 27.82
CA GLN C 472 24.27 10.25 28.07
C GLN C 472 25.57 10.45 27.33
N ILE C 473 25.89 11.71 27.04
CA ILE C 473 27.14 12.03 26.34
C ILE C 473 27.89 13.02 27.22
N THR C 474 28.86 12.49 27.96
CA THR C 474 29.63 13.29 28.92
C THR C 474 30.60 14.20 28.17
N ASP C 475 31.09 15.23 28.87
CA ASP C 475 32.04 16.14 28.28
C ASP C 475 33.31 15.35 27.97
N ASN C 476 33.46 14.21 28.65
CA ASN C 476 34.68 13.44 28.55
C ASN C 476 34.81 12.77 27.17
N ILE C 477 33.66 12.52 26.53
CA ILE C 477 33.64 12.00 25.18
C ILE C 477 34.35 13.00 24.27
N PHE C 478 34.16 14.29 24.54
CA PHE C 478 34.71 15.35 23.71
C PHE C 478 36.22 15.57 23.95
N LEU C 479 36.69 15.25 25.16
CA LEU C 479 38.12 15.27 25.47
C LEU C 479 38.80 14.11 24.75
N THR C 480 38.22 12.91 24.86
CA THR C 480 38.80 11.74 24.23
C THR C 480 38.90 11.95 22.72
N THR C 481 37.83 12.53 22.14
CA THR C 481 37.71 12.73 20.71
C THR C 481 38.83 13.67 20.22
N ALA C 482 39.08 14.74 20.98
CA ALA C 482 40.15 15.69 20.70
C ALA C 482 41.51 15.01 20.70
N GLU C 483 41.73 14.05 21.61
CA GLU C 483 42.99 13.30 21.65
C GLU C 483 43.10 12.39 20.44
N VAL C 484 41.98 11.76 20.06
CA VAL C 484 42.01 10.87 18.90
C VAL C 484 42.26 11.72 17.65
N ILE C 485 41.61 12.89 17.54
CA ILE C 485 41.93 13.73 16.40
C ILE C 485 43.42 14.07 16.36
N ALA C 486 43.94 14.67 17.43
CA ALA C 486 45.35 15.10 17.49
C ALA C 486 46.31 13.96 17.21
N GLN C 487 45.98 12.74 17.64
CA GLN C 487 46.82 11.58 17.46
C GLN C 487 46.91 11.15 15.99
N GLN C 488 45.94 11.55 15.15
CA GLN C 488 45.98 11.18 13.74
C GLN C 488 46.83 12.15 12.94
N VAL C 489 47.29 13.27 13.54
CA VAL C 489 48.18 14.17 12.82
C VAL C 489 49.59 13.60 12.91
N SER C 490 50.25 13.48 11.75
CA SER C 490 51.59 12.94 11.62
C SER C 490 52.63 14.01 11.93
N ASP C 491 53.85 13.55 12.24
CA ASP C 491 54.96 14.45 12.49
C ASP C 491 55.21 15.30 11.25
N LYS C 492 55.15 14.67 10.08
CA LYS C 492 55.31 15.36 8.81
C LYS C 492 54.32 16.53 8.72
N HIS C 493 53.05 16.27 9.10
CA HIS C 493 52.01 17.29 8.97
C HIS C 493 52.34 18.45 9.90
N LEU C 494 52.82 18.09 11.10
CA LEU C 494 53.18 19.10 12.08
C LEU C 494 54.29 19.97 11.52
N GLU C 495 55.26 19.35 10.83
CA GLU C 495 56.36 20.09 10.25
C GLU C 495 55.87 21.03 9.16
N GLU C 496 54.80 20.61 8.46
CA GLU C 496 54.21 21.42 7.40
C GLU C 496 53.31 22.50 7.99
N GLY C 497 53.11 22.45 9.31
CA GLY C 497 52.31 23.44 10.04
C GLY C 497 50.81 23.09 10.09
N ARG C 498 50.47 21.82 9.87
CA ARG C 498 49.08 21.38 9.91
C ARG C 498 48.80 20.78 11.28
N LEU C 499 47.70 21.23 11.92
CA LEU C 499 47.32 20.76 13.25
C LEU C 499 46.12 19.81 13.21
N TYR C 500 45.64 19.50 11.99
CA TYR C 500 44.52 18.59 11.81
C TYR C 500 44.84 17.59 10.70
N PRO C 501 44.25 16.38 10.73
CA PRO C 501 44.50 15.41 9.67
C PRO C 501 43.81 15.88 8.38
N PRO C 502 44.19 15.38 7.18
CA PRO C 502 43.65 15.93 5.93
C PRO C 502 42.15 15.67 5.87
N LEU C 503 41.41 16.65 5.33
CA LEU C 503 39.96 16.53 5.25
C LEU C 503 39.53 15.22 4.59
N ASN C 504 40.28 14.79 3.56
CA ASN C 504 39.90 13.62 2.77
C ASN C 504 39.99 12.32 3.57
N THR C 505 40.60 12.34 4.76
CA THR C 505 40.71 11.12 5.56
C THR C 505 39.61 11.08 6.60
N ILE C 506 38.61 11.98 6.48
CA ILE C 506 37.63 12.19 7.55
C ILE C 506 36.83 10.93 7.91
N ARG C 507 36.63 10.02 6.94
CA ARG C 507 35.92 8.78 7.22
C ARG C 507 36.73 7.94 8.21
N ASP C 508 38.05 7.94 8.03
CA ASP C 508 38.95 7.22 8.91
C ASP C 508 38.99 7.87 10.29
N VAL C 509 39.07 9.21 10.32
CA VAL C 509 39.06 9.92 11.59
C VAL C 509 37.82 9.54 12.39
N SER C 510 36.64 9.67 11.77
CA SER C 510 35.37 9.37 12.42
C SER C 510 35.37 7.94 12.95
N LEU C 511 35.89 6.99 12.16
CA LEU C 511 35.86 5.61 12.60
C LEU C 511 36.73 5.45 13.86
N LYS C 512 37.88 6.14 13.89
CA LYS C 512 38.81 6.02 15.02
C LYS C 512 38.22 6.71 16.26
N ILE C 513 37.48 7.81 16.07
CA ILE C 513 36.77 8.43 17.18
C ILE C 513 35.73 7.46 17.74
N ALA C 514 34.96 6.84 16.84
CA ALA C 514 33.89 5.93 17.23
C ALA C 514 34.43 4.72 17.98
N GLU C 515 35.55 4.14 17.52
CA GLU C 515 36.09 2.93 18.12
C GLU C 515 36.58 3.24 19.53
N LYS C 516 37.14 4.44 19.69
CA LYS C 516 37.62 4.83 21.00
C LYS C 516 36.44 4.97 21.95
N ILE C 517 35.37 5.66 21.51
CA ILE C 517 34.21 5.86 22.38
C ILE C 517 33.66 4.50 22.83
N VAL C 518 33.59 3.53 21.90
CA VAL C 518 32.96 2.24 22.15
C VAL C 518 33.83 1.42 23.09
N LYS C 519 35.16 1.44 22.89
CA LYS C 519 36.10 0.74 23.74
C LYS C 519 35.99 1.30 25.16
N ASP C 520 36.02 2.63 25.30
CA ASP C 520 35.80 3.28 26.58
C ASP C 520 34.50 2.83 27.25
N ALA C 521 33.37 2.90 26.50
CA ALA C 521 32.07 2.66 27.11
C ALA C 521 31.95 1.22 27.61
N TYR C 522 32.62 0.27 26.96
CA TYR C 522 32.59 -1.12 27.41
C TYR C 522 33.47 -1.33 28.63
N GLN C 523 34.62 -0.64 28.68
CA GLN C 523 35.57 -0.70 29.77
C GLN C 523 34.94 -0.14 31.04
N GLU C 524 34.31 1.03 30.94
CA GLU C 524 33.76 1.71 32.11
C GLU C 524 32.27 1.40 32.23
N LYS C 525 31.82 0.37 31.51
CA LYS C 525 30.51 -0.25 31.65
C LYS C 525 29.37 0.77 31.50
N THR C 526 29.46 1.64 30.49
CA THR C 526 28.44 2.64 30.24
C THR C 526 27.70 2.31 28.95
N ALA C 527 28.14 1.26 28.26
CA ALA C 527 27.48 0.82 27.05
C ALA C 527 26.19 0.10 27.40
N THR C 528 25.19 0.18 26.51
CA THR C 528 23.93 -0.53 26.76
C THR C 528 23.71 -1.63 25.72
N VAL C 529 24.63 -1.78 24.76
CA VAL C 529 24.43 -2.80 23.74
C VAL C 529 25.17 -4.06 24.17
N TYR C 530 24.45 -5.19 24.19
CA TYR C 530 24.99 -6.45 24.68
C TYR C 530 24.55 -7.60 23.78
N PRO C 531 25.30 -8.72 23.70
CA PRO C 531 26.55 -8.90 24.44
C PRO C 531 27.68 -8.00 23.96
N GLU C 532 28.72 -7.86 24.79
CA GLU C 532 29.89 -7.06 24.47
C GLU C 532 30.67 -7.70 23.30
N PRO C 533 30.94 -6.99 22.18
CA PRO C 533 31.57 -7.62 21.01
C PRO C 533 33.04 -7.92 21.27
N GLN C 534 33.53 -9.02 20.67
CA GLN C 534 34.90 -9.48 20.86
C GLN C 534 35.85 -8.41 20.35
N ASN C 535 35.54 -7.91 19.15
CA ASN C 535 36.41 -7.00 18.43
C ASN C 535 35.62 -5.73 18.15
N LYS C 536 35.99 -4.64 18.83
CA LYS C 536 35.23 -3.41 18.83
C LYS C 536 35.21 -2.75 17.46
N GLU C 537 36.37 -2.82 16.77
CA GLU C 537 36.58 -2.30 15.43
C GLU C 537 35.60 -2.91 14.43
N ALA C 538 35.59 -4.23 14.33
CA ALA C 538 34.72 -4.89 13.38
C ALA C 538 33.26 -4.63 13.76
N PHE C 539 33.05 -4.37 15.05
CA PHE C 539 31.69 -4.16 15.55
C PHE C 539 31.18 -2.82 15.02
N VAL C 540 32.01 -1.78 15.18
CA VAL C 540 31.67 -0.47 14.66
C VAL C 540 31.52 -0.55 13.14
N ARG C 541 32.44 -1.29 12.49
CA ARG C 541 32.45 -1.29 11.04
C ARG C 541 31.13 -1.85 10.53
N SER C 542 30.64 -2.88 11.22
CA SER C 542 29.41 -3.56 10.86
C SER C 542 28.22 -2.63 11.10
N GLN C 543 28.41 -1.55 11.87
CA GLN C 543 27.34 -0.61 12.18
C GLN C 543 27.21 0.43 11.07
N MET C 544 28.23 0.52 10.22
CA MET C 544 28.33 1.65 9.33
C MET C 544 27.61 1.36 8.03
N TYR C 545 26.99 2.41 7.48
CA TYR C 545 26.24 2.39 6.25
C TYR C 545 27.22 2.36 5.10
N SER C 546 27.01 1.42 4.17
CA SER C 546 27.79 1.33 2.94
C SER C 546 27.05 2.09 1.85
N THR C 547 27.78 2.57 0.86
CA THR C 547 27.20 3.16 -0.33
C THR C 547 26.85 2.10 -1.38
N ASP C 548 27.16 0.81 -1.15
CA ASP C 548 26.74 -0.20 -2.12
C ASP C 548 25.24 -0.43 -1.97
N TYR C 549 24.57 -0.69 -3.09
CA TYR C 549 23.15 -0.97 -3.13
C TYR C 549 22.86 -2.23 -2.34
N ASP C 550 21.78 -2.22 -1.56
CA ASP C 550 21.27 -3.44 -0.95
C ASP C 550 20.60 -4.29 -2.02
N GLN C 551 20.48 -5.60 -1.76
CA GLN C 551 19.58 -6.39 -2.58
C GLN C 551 18.20 -6.37 -1.92
N ILE C 552 17.17 -6.12 -2.72
CA ILE C 552 15.83 -5.91 -2.16
C ILE C 552 14.89 -6.97 -2.68
N LEU C 553 15.38 -7.76 -3.65
CA LEU C 553 14.71 -8.91 -4.25
C LEU C 553 14.39 -9.93 -3.16
N PRO C 554 13.29 -10.70 -3.30
CA PRO C 554 12.96 -11.72 -2.30
C PRO C 554 14.02 -12.82 -2.31
N ASP C 555 14.24 -13.45 -1.15
CA ASP C 555 15.13 -14.59 -1.05
C ASP C 555 14.50 -15.77 -1.79
N CYS C 556 15.13 -16.23 -2.89
CA CYS C 556 14.57 -17.34 -3.65
C CYS C 556 15.50 -18.55 -3.63
N TYR C 557 14.94 -19.72 -3.32
CA TYR C 557 15.70 -20.93 -3.02
C TYR C 557 14.74 -22.11 -3.02
N SER C 558 15.20 -23.25 -3.55
CA SER C 558 14.32 -24.39 -3.70
C SER C 558 14.36 -25.27 -2.47
N TRP C 559 13.39 -26.17 -2.36
CA TRP C 559 13.38 -27.25 -1.40
C TRP C 559 13.65 -28.57 -2.13
N PRO C 560 14.00 -29.69 -1.45
CA PRO C 560 14.12 -30.98 -2.13
C PRO C 560 12.85 -31.28 -2.90
N GLU C 561 13.01 -31.80 -4.11
CA GLU C 561 11.90 -32.02 -5.03
C GLU C 561 10.71 -32.69 -4.34
N GLU C 562 10.94 -33.66 -3.46
CA GLU C 562 9.85 -34.46 -2.92
C GLU C 562 8.91 -33.65 -2.02
N VAL C 563 9.42 -32.59 -1.40
CA VAL C 563 8.57 -31.81 -0.49
C VAL C 563 8.06 -30.54 -1.15
N GLN C 564 8.60 -30.20 -2.33
CA GLN C 564 8.27 -28.99 -3.08
C GLN C 564 7.12 -29.27 -4.05
N LYS C 565 6.87 -30.56 -4.31
CA LYS C 565 5.90 -31.04 -5.29
C LYS C 565 4.50 -30.60 -4.89
N ILE C 566 3.72 -30.18 -5.88
CA ILE C 566 2.29 -29.97 -5.68
C ILE C 566 1.63 -31.33 -5.47
N GLN C 567 0.87 -31.46 -4.38
CA GLN C 567 0.20 -32.71 -4.07
C GLN C 567 -1.12 -32.80 -4.81
N THR C 568 -1.37 -33.95 -5.46
CA THR C 568 -2.62 -34.35 -6.08
C THR C 568 -2.96 -35.76 -5.60
N LYS C 569 -3.54 -36.61 -6.47
CA LYS C 569 -3.28 -38.05 -6.43
C LYS C 569 -3.95 -38.72 -7.62
N PRO D 6 -15.67 22.61 -7.14
CA PRO D 6 -14.52 21.88 -7.71
C PRO D 6 -14.88 20.44 -8.05
N ARG D 7 -13.85 19.60 -8.22
CA ARG D 7 -13.98 18.20 -8.61
C ARG D 7 -13.41 17.34 -7.47
N ARG D 8 -13.96 16.13 -7.28
CA ARG D 8 -13.57 15.31 -6.13
C ARG D 8 -12.92 14.01 -6.58
N ARG D 9 -11.78 13.67 -5.96
CA ARG D 9 -11.12 12.41 -6.23
C ARG D 9 -10.69 11.79 -4.89
N HIS D 10 -11.43 10.77 -4.40
CA HIS D 10 -11.25 10.28 -3.02
C HIS D 10 -10.19 9.18 -2.96
N THR D 11 -8.96 9.56 -2.60
CA THR D 11 -7.81 8.67 -2.55
C THR D 11 -7.76 7.91 -1.22
N HIS D 12 -7.28 6.67 -1.29
CA HIS D 12 -6.94 5.86 -0.13
C HIS D 12 -5.48 6.04 0.24
N GLN D 13 -4.68 6.74 -0.60
CA GLN D 13 -3.30 7.03 -0.26
C GLN D 13 -3.26 7.95 0.96
N ARG D 14 -2.21 7.78 1.79
CA ARG D 14 -1.96 8.55 3.00
C ARG D 14 -0.46 8.55 3.31
N GLY D 15 -0.02 9.56 4.06
CA GLY D 15 1.36 9.56 4.54
C GLY D 15 2.35 9.91 3.42
N TYR D 16 3.64 9.61 3.65
CA TYR D 16 4.71 10.05 2.77
C TYR D 16 4.43 9.76 1.29
N LEU D 17 3.96 8.55 0.98
CA LEU D 17 3.92 8.10 -0.42
C LEU D 17 2.90 8.93 -1.21
N LEU D 18 1.90 9.47 -0.52
CA LEU D 18 0.92 10.34 -1.18
C LEU D 18 1.68 11.51 -1.80
N THR D 19 2.69 12.04 -1.07
CA THR D 19 3.40 13.22 -1.51
C THR D 19 4.29 12.91 -2.71
N ARG D 20 4.50 11.62 -2.96
CA ARG D 20 5.39 11.21 -4.03
C ARG D 20 4.60 11.01 -5.34
N ASN D 21 3.26 11.16 -5.27
CA ASN D 21 2.37 11.00 -6.41
C ASN D 21 2.01 12.37 -6.98
N PRO D 22 2.55 12.75 -8.15
CA PRO D 22 2.39 14.12 -8.65
C PRO D 22 0.93 14.47 -9.00
N HIS D 23 0.07 13.44 -9.04
CA HIS D 23 -1.36 13.69 -9.22
C HIS D 23 -2.08 13.96 -7.91
N LEU D 24 -1.49 13.59 -6.75
CA LEU D 24 -2.14 13.83 -5.48
C LEU D 24 -1.51 15.00 -4.76
N ASN D 25 -0.23 15.25 -5.07
CA ASN D 25 0.61 16.18 -4.31
C ASN D 25 0.26 17.62 -4.65
N LYS D 26 -0.11 18.40 -3.61
CA LYS D 26 -0.32 19.84 -3.75
C LYS D 26 0.83 20.67 -3.16
N ASP D 27 1.86 20.05 -2.54
CA ASP D 27 2.90 20.80 -1.82
C ASP D 27 2.21 21.71 -0.80
N LEU D 28 2.59 22.99 -0.83
CA LEU D 28 2.21 23.93 0.21
C LEU D 28 0.76 24.37 0.08
N ALA D 29 0.09 23.97 -1.00
CA ALA D 29 -1.31 24.30 -1.16
C ALA D 29 -2.22 23.34 -0.39
N PHE D 30 -1.66 22.27 0.20
CA PHE D 30 -2.45 21.48 1.13
C PHE D 30 -2.83 22.28 2.38
N THR D 31 -4.13 22.37 2.70
CA THR D 31 -4.55 23.06 3.90
C THR D 31 -4.13 22.22 5.10
N LEU D 32 -4.19 22.85 6.29
CA LEU D 32 -3.85 22.21 7.54
C LEU D 32 -4.76 21.02 7.74
N GLU D 33 -6.04 21.17 7.38
CA GLU D 33 -6.98 20.09 7.64
C GLU D 33 -6.69 18.95 6.66
N GLU D 34 -6.31 19.30 5.43
CA GLU D 34 -5.96 18.30 4.43
C GLU D 34 -4.75 17.49 4.93
N ARG D 35 -3.74 18.21 5.43
CA ARG D 35 -2.49 17.59 5.86
C ARG D 35 -2.73 16.62 7.01
N GLN D 36 -3.48 17.06 8.02
CA GLN D 36 -3.76 16.23 9.18
C GLN D 36 -4.54 15.01 8.74
N GLN D 37 -5.52 15.19 7.84
CA GLN D 37 -6.38 14.10 7.43
C GLN D 37 -5.63 13.10 6.53
N LEU D 38 -4.59 13.59 5.83
CA LEU D 38 -3.85 12.76 4.90
C LEU D 38 -2.62 12.13 5.56
N ASN D 39 -2.46 12.33 6.87
CA ASN D 39 -1.35 11.81 7.66
C ASN D 39 -0.03 12.38 7.14
N ILE D 40 0.00 13.64 6.72
CA ILE D 40 1.26 14.19 6.20
C ILE D 40 1.65 15.45 6.96
N HIS D 41 0.90 15.80 8.01
CA HIS D 41 1.18 17.04 8.70
C HIS D 41 2.54 16.89 9.40
N GLY D 42 3.47 17.77 9.05
CA GLY D 42 4.82 17.70 9.56
C GLY D 42 5.82 17.51 8.43
N LEU D 43 5.35 16.93 7.32
CA LEU D 43 6.24 16.70 6.19
C LEU D 43 6.42 17.99 5.38
N LEU D 44 5.61 19.00 5.68
CA LEU D 44 5.68 20.25 4.91
C LEU D 44 5.97 21.38 5.89
N PRO D 45 6.60 22.49 5.44
CA PRO D 45 6.75 23.65 6.31
C PRO D 45 5.40 24.30 6.54
N PRO D 46 5.24 25.05 7.65
CA PRO D 46 3.93 25.43 8.14
C PRO D 46 3.37 26.75 7.59
N SER D 47 3.37 26.89 6.25
CA SER D 47 2.69 27.94 5.51
C SER D 47 1.75 27.32 4.49
N PHE D 48 0.67 28.05 4.21
CA PHE D 48 -0.40 27.58 3.34
C PHE D 48 -0.46 28.52 2.15
N ASN D 49 -0.23 27.96 0.96
CA ASN D 49 -0.06 28.77 -0.24
C ASN D 49 -1.29 28.53 -1.12
N SER D 50 -1.83 29.61 -1.69
CA SER D 50 -2.76 29.51 -2.81
C SER D 50 -1.95 29.11 -4.04
N GLN D 51 -2.66 28.62 -5.04
CA GLN D 51 -2.02 28.22 -6.28
C GLN D 51 -1.21 29.38 -6.86
N GLU D 52 -1.72 30.61 -6.68
CA GLU D 52 -1.10 31.79 -7.27
C GLU D 52 0.24 32.09 -6.58
N ILE D 53 0.32 31.86 -5.28
CA ILE D 53 1.59 32.03 -4.60
C ILE D 53 2.56 30.97 -5.14
N GLN D 54 2.09 29.73 -5.28
CA GLN D 54 2.91 28.66 -5.82
C GLN D 54 3.47 29.09 -7.18
N VAL D 55 2.62 29.72 -8.01
CA VAL D 55 3.02 30.09 -9.36
C VAL D 55 4.10 31.16 -9.29
N LEU D 56 3.98 32.09 -8.34
CA LEU D 56 4.93 33.17 -8.15
C LEU D 56 6.32 32.64 -7.80
N ARG D 57 6.40 31.68 -6.86
CA ARG D 57 7.66 31.02 -6.53
C ARG D 57 8.28 30.43 -7.80
N VAL D 58 7.51 29.62 -8.52
CA VAL D 58 8.07 28.90 -9.68
C VAL D 58 8.58 29.92 -10.70
N VAL D 59 7.75 30.92 -11.01
CA VAL D 59 8.12 31.90 -12.02
C VAL D 59 9.38 32.66 -11.60
N LYS D 60 9.50 33.02 -10.31
CA LYS D 60 10.70 33.69 -9.82
C LYS D 60 11.96 32.86 -10.08
N ASN D 61 11.90 31.54 -9.79
CA ASN D 61 13.02 30.67 -10.08
C ASN D 61 13.30 30.66 -11.58
N PHE D 62 12.23 30.53 -12.37
CA PHE D 62 12.34 30.39 -13.82
C PHE D 62 13.11 31.58 -14.42
N GLU D 63 12.83 32.78 -13.89
CA GLU D 63 13.42 33.98 -14.46
C GLU D 63 14.85 34.20 -13.99
N HIS D 64 15.28 33.51 -12.93
CA HIS D 64 16.65 33.67 -12.47
C HIS D 64 17.61 32.77 -13.23
N LEU D 65 17.09 31.75 -13.93
CA LEU D 65 17.92 30.79 -14.65
C LEU D 65 18.55 31.47 -15.88
N ASN D 66 19.59 30.84 -16.44
CA ASN D 66 20.42 31.50 -17.45
C ASN D 66 20.17 30.94 -18.84
N SER D 67 19.46 29.82 -18.94
CA SER D 67 19.21 29.30 -20.27
C SER D 67 17.82 28.70 -20.37
N ASP D 68 17.34 28.55 -21.62
CA ASP D 68 16.08 27.88 -21.87
C ASP D 68 16.19 26.42 -21.44
N PHE D 69 17.40 25.85 -21.59
CA PHE D 69 17.61 24.46 -21.22
C PHE D 69 17.35 24.30 -19.73
N ASP D 70 17.96 25.16 -18.92
CA ASP D 70 17.78 25.09 -17.47
C ASP D 70 16.31 25.27 -17.10
N ARG D 71 15.59 26.10 -17.87
CA ARG D 71 14.18 26.39 -17.64
C ARG D 71 13.38 25.12 -17.88
N TYR D 72 13.77 24.39 -18.93
CA TYR D 72 13.17 23.12 -19.28
C TYR D 72 13.34 22.18 -18.08
N LEU D 73 14.55 22.12 -17.52
CA LEU D 73 14.83 21.16 -16.45
C LEU D 73 14.00 21.51 -15.22
N LEU D 74 13.86 22.82 -14.92
CA LEU D 74 13.01 23.30 -13.83
C LEU D 74 11.54 22.90 -14.00
N LEU D 75 10.95 23.19 -15.16
CA LEU D 75 9.55 22.85 -15.37
C LEU D 75 9.35 21.34 -15.37
N MET D 76 10.33 20.58 -15.88
CA MET D 76 10.21 19.14 -15.95
C MET D 76 10.29 18.54 -14.55
N ASP D 77 11.14 19.11 -13.71
CA ASP D 77 11.18 18.78 -12.29
C ASP D 77 9.82 19.09 -11.64
N LEU D 78 9.23 20.24 -12.00
CA LEU D 78 7.89 20.59 -11.53
C LEU D 78 6.87 19.54 -11.99
N GLN D 79 6.87 19.17 -13.27
CA GLN D 79 5.87 18.23 -13.74
C GLN D 79 5.91 16.95 -12.91
N ASP D 80 7.11 16.55 -12.46
CA ASP D 80 7.25 15.29 -11.75
C ASP D 80 7.02 15.40 -10.25
N ARG D 81 6.53 16.56 -9.75
CA ARG D 81 6.25 16.64 -8.32
C ARG D 81 4.84 17.16 -8.06
N ASN D 82 4.32 18.00 -8.95
CA ASN D 82 2.99 18.55 -8.75
C ASN D 82 2.38 18.85 -10.11
N GLU D 83 1.56 17.92 -10.58
CA GLU D 83 1.05 17.96 -11.95
C GLU D 83 0.16 19.20 -12.16
N LYS D 84 -0.69 19.50 -11.19
CA LYS D 84 -1.67 20.56 -11.36
C LYS D 84 -0.93 21.88 -11.44
N LEU D 85 0.11 22.04 -10.60
CA LEU D 85 0.83 23.30 -10.54
C LEU D 85 1.62 23.46 -11.85
N PHE D 86 2.23 22.37 -12.32
CA PHE D 86 2.91 22.38 -13.60
C PHE D 86 2.02 22.94 -14.71
N TYR D 87 0.80 22.40 -14.83
CA TYR D 87 -0.14 22.83 -15.87
C TYR D 87 -0.71 24.22 -15.61
N ARG D 88 -0.84 24.62 -14.33
CA ARG D 88 -1.21 25.99 -14.01
C ARG D 88 -0.16 26.96 -14.55
N VAL D 89 1.12 26.66 -14.30
CA VAL D 89 2.24 27.46 -14.78
C VAL D 89 2.19 27.59 -16.29
N LEU D 90 2.19 26.44 -16.99
CA LEU D 90 2.13 26.38 -18.44
C LEU D 90 1.03 27.30 -18.98
N THR D 91 -0.21 27.10 -18.48
CA THR D 91 -1.37 27.79 -19.01
C THR D 91 -1.36 29.28 -18.64
N SER D 92 -0.61 29.67 -17.60
CA SER D 92 -0.57 31.07 -17.23
C SER D 92 0.08 31.89 -18.35
N ASP D 93 0.89 31.25 -19.20
CA ASP D 93 1.43 31.99 -20.34
C ASP D 93 1.92 31.00 -21.39
N ILE D 94 0.97 30.52 -22.17
CA ILE D 94 1.21 29.37 -23.03
C ILE D 94 2.27 29.72 -24.07
N GLU D 95 2.24 30.98 -24.55
CA GLU D 95 3.20 31.43 -25.55
C GLU D 95 4.60 31.49 -24.94
N LYS D 96 4.69 31.80 -23.65
CA LYS D 96 6.00 31.85 -23.03
C LYS D 96 6.53 30.45 -22.78
N PHE D 97 5.68 29.52 -22.29
CA PHE D 97 6.17 28.27 -21.74
C PHE D 97 6.21 27.16 -22.78
N MET D 98 5.33 27.24 -23.78
CA MET D 98 5.30 26.27 -24.87
C MET D 98 6.69 26.03 -25.46
N PRO D 99 7.46 27.08 -25.83
CA PRO D 99 8.77 26.88 -26.42
C PRO D 99 9.84 26.40 -25.43
N ILE D 100 9.50 26.33 -24.14
CA ILE D 100 10.41 25.77 -23.15
C ILE D 100 10.19 24.27 -23.02
N VAL D 101 8.93 23.84 -22.92
CA VAL D 101 8.64 22.43 -22.67
C VAL D 101 8.59 21.67 -23.98
N TYR D 102 8.36 22.38 -25.08
CA TYR D 102 8.38 21.76 -26.40
C TYR D 102 9.35 22.50 -27.32
N THR D 103 9.05 22.58 -28.63
CA THR D 103 10.02 23.08 -29.59
C THR D 103 10.21 24.59 -29.42
N PRO D 104 11.45 25.12 -29.54
CA PRO D 104 12.63 24.30 -29.90
C PRO D 104 13.42 23.67 -28.75
N THR D 105 13.13 24.03 -27.51
CA THR D 105 13.98 23.63 -26.38
C THR D 105 14.01 22.11 -26.21
N VAL D 106 12.89 21.44 -26.53
CA VAL D 106 12.80 20.00 -26.32
C VAL D 106 13.81 19.29 -27.23
N GLY D 107 14.21 19.96 -28.32
CA GLY D 107 15.20 19.38 -29.22
C GLY D 107 16.55 19.26 -28.51
N LEU D 108 16.98 20.33 -27.85
CA LEU D 108 18.19 20.26 -27.07
C LEU D 108 18.04 19.19 -25.97
N ALA D 109 16.86 19.13 -25.32
CA ALA D 109 16.60 18.14 -24.29
C ALA D 109 16.86 16.73 -24.80
N CYS D 110 16.33 16.41 -25.97
CA CYS D 110 16.53 15.09 -26.54
C CYS D 110 18.00 14.84 -26.89
N GLN D 111 18.71 15.83 -27.41
CA GLN D 111 20.10 15.60 -27.73
C GLN D 111 20.86 15.29 -26.45
N GLN D 112 20.38 15.85 -25.35
CA GLN D 112 21.11 15.79 -24.09
C GLN D 112 20.48 14.77 -23.15
N TYR D 113 19.41 14.10 -23.61
CA TYR D 113 18.56 13.35 -22.69
C TYR D 113 19.34 12.35 -21.85
N SER D 114 20.34 11.69 -22.44
CA SER D 114 21.09 10.65 -21.78
C SER D 114 21.98 11.25 -20.69
N LEU D 115 22.48 12.47 -20.91
CA LEU D 115 23.35 13.10 -19.93
C LEU D 115 22.52 13.60 -18.74
N VAL D 116 21.37 14.22 -19.02
CA VAL D 116 20.60 14.93 -18.01
C VAL D 116 19.53 14.02 -17.39
N PHE D 117 19.42 12.78 -17.84
CA PHE D 117 18.43 11.87 -17.29
C PHE D 117 18.40 11.90 -15.76
N ARG D 118 17.23 12.26 -15.22
CA ARG D 118 16.98 12.29 -13.77
C ARG D 118 15.86 11.28 -13.48
N LYS D 119 14.65 11.76 -13.15
CA LYS D 119 13.58 10.79 -12.91
C LYS D 119 12.91 10.43 -14.24
N PRO D 120 12.61 9.15 -14.47
CA PRO D 120 11.95 8.72 -15.71
C PRO D 120 10.58 9.37 -15.91
N ARG D 121 10.19 9.55 -17.17
CA ARG D 121 8.79 9.75 -17.50
C ARG D 121 8.45 8.84 -18.67
N GLY D 122 7.22 8.30 -18.68
CA GLY D 122 6.75 7.54 -19.83
C GLY D 122 7.24 6.09 -19.81
N LEU D 123 6.77 5.31 -20.78
CA LEU D 123 6.97 3.89 -20.77
C LEU D 123 7.94 3.53 -21.89
N PHE D 124 8.95 2.72 -21.55
CA PHE D 124 9.94 2.25 -22.52
C PHE D 124 9.64 0.80 -22.87
N ILE D 125 9.49 0.54 -24.18
CA ILE D 125 9.16 -0.78 -24.71
C ILE D 125 10.20 -1.13 -25.77
N THR D 126 10.90 -2.25 -25.58
CA THR D 126 11.97 -2.58 -26.50
C THR D 126 11.62 -3.77 -27.38
N ILE D 127 12.31 -3.86 -28.51
CA ILE D 127 12.19 -5.00 -29.41
C ILE D 127 12.40 -6.29 -28.61
N HIS D 128 13.22 -6.26 -27.57
CA HIS D 128 13.54 -7.44 -26.77
C HIS D 128 12.38 -7.82 -25.86
N ASP D 129 11.38 -6.95 -25.75
CA ASP D 129 10.15 -7.23 -25.01
C ASP D 129 9.12 -7.88 -25.93
N ARG D 130 9.53 -8.18 -27.17
CA ARG D 130 8.62 -8.80 -28.13
C ARG D 130 7.96 -10.04 -27.52
N GLY D 131 6.64 -10.14 -27.65
CA GLY D 131 5.91 -11.25 -27.04
C GLY D 131 5.45 -10.89 -25.62
N HIS D 132 6.04 -9.84 -25.02
CA HIS D 132 5.72 -9.50 -23.64
C HIS D 132 5.15 -8.09 -23.50
N ILE D 133 4.75 -7.45 -24.60
CA ILE D 133 4.32 -6.06 -24.52
C ILE D 133 3.23 -5.89 -23.46
N ALA D 134 2.25 -6.81 -23.42
CA ALA D 134 1.18 -6.76 -22.43
C ALA D 134 1.75 -6.59 -21.03
N SER D 135 2.78 -7.36 -20.68
CA SER D 135 3.29 -7.29 -19.32
C SER D 135 4.05 -5.98 -19.05
N VAL D 136 4.68 -5.41 -20.09
CA VAL D 136 5.33 -4.12 -19.89
C VAL D 136 4.29 -3.08 -19.49
N LEU D 137 3.14 -3.09 -20.17
CA LEU D 137 2.08 -2.12 -19.94
C LEU D 137 1.65 -2.13 -18.47
N ASN D 138 1.80 -3.28 -17.81
CA ASN D 138 1.26 -3.51 -16.47
C ASN D 138 2.06 -2.68 -15.48
N ALA D 139 3.27 -2.24 -15.86
CA ALA D 139 4.04 -1.40 -14.97
C ALA D 139 3.44 0.02 -14.86
N TRP D 140 2.64 0.43 -15.84
CA TRP D 140 2.13 1.79 -15.81
C TRP D 140 1.09 1.91 -14.69
N PRO D 141 1.27 2.85 -13.73
CA PRO D 141 0.38 2.94 -12.56
C PRO D 141 -1.02 3.51 -12.80
N GLU D 142 -1.36 3.82 -14.06
CA GLU D 142 -2.67 4.38 -14.36
C GLU D 142 -3.41 3.44 -15.30
N ASP D 143 -4.56 2.91 -14.86
CA ASP D 143 -5.25 1.93 -15.70
C ASP D 143 -6.11 2.60 -16.76
N VAL D 144 -6.55 3.84 -16.51
CA VAL D 144 -7.49 4.44 -17.46
C VAL D 144 -6.69 5.34 -18.40
N ILE D 145 -6.40 4.83 -19.62
CA ILE D 145 -5.59 5.55 -20.61
C ILE D 145 -6.44 5.84 -21.85
N LYS D 146 -6.44 7.11 -22.28
CA LYS D 146 -7.28 7.53 -23.39
C LYS D 146 -6.47 8.12 -24.56
N ALA D 147 -5.22 8.52 -24.28
CA ALA D 147 -4.35 9.07 -25.31
C ALA D 147 -2.90 8.60 -25.12
N ILE D 148 -2.31 8.13 -26.22
CA ILE D 148 -0.94 7.66 -26.24
C ILE D 148 -0.19 8.44 -27.31
N VAL D 149 1.02 8.90 -26.98
CA VAL D 149 1.92 9.37 -28.04
C VAL D 149 3.13 8.46 -28.07
N VAL D 150 3.41 7.90 -29.25
CA VAL D 150 4.48 6.93 -29.39
C VAL D 150 5.48 7.42 -30.45
N THR D 151 6.77 7.19 -30.17
CA THR D 151 7.88 7.39 -31.09
C THR D 151 8.81 6.18 -31.08
N ASP D 152 9.53 5.96 -32.19
CA ASP D 152 10.71 5.10 -32.20
C ASP D 152 11.97 5.96 -32.23
N GLY D 153 11.78 7.28 -32.23
CA GLY D 153 12.92 8.20 -32.14
C GLY D 153 13.78 8.23 -33.40
N GLU D 154 13.24 7.78 -34.54
CA GLU D 154 14.11 7.67 -35.70
C GLU D 154 14.16 8.99 -36.46
N ARG D 155 13.12 9.83 -36.32
CA ARG D 155 13.15 11.15 -36.94
C ARG D 155 12.62 12.17 -35.95
N ILE D 156 13.47 12.58 -34.99
CA ILE D 156 13.11 13.58 -34.00
C ILE D 156 13.36 14.97 -34.57
N LEU D 157 12.29 15.77 -34.72
CA LEU D 157 12.44 17.13 -35.22
C LEU D 157 13.32 17.10 -36.47
N GLY D 158 14.30 18.01 -36.51
CA GLY D 158 15.24 18.04 -37.62
C GLY D 158 16.59 17.48 -37.18
N LEU D 159 16.56 16.64 -36.14
CA LEU D 159 17.77 16.18 -35.46
C LEU D 159 17.98 14.69 -35.72
N GLY D 160 17.20 14.13 -36.66
CA GLY D 160 17.38 12.77 -37.11
C GLY D 160 17.14 11.73 -36.01
N ASP D 161 18.00 10.71 -36.00
CA ASP D 161 17.80 9.51 -35.22
C ASP D 161 18.41 9.69 -33.83
N LEU D 162 17.55 9.75 -32.80
CA LEU D 162 18.08 9.97 -31.47
C LEU D 162 17.79 8.77 -30.58
N GLY D 163 17.24 7.70 -31.17
CA GLY D 163 16.98 6.46 -30.48
C GLY D 163 16.13 6.72 -29.24
N CYS D 164 16.58 6.18 -28.09
CA CYS D 164 15.83 6.26 -26.84
C CYS D 164 15.80 7.69 -26.30
N ASN D 165 16.76 8.50 -26.72
CA ASN D 165 16.78 9.89 -26.30
C ASN D 165 15.53 10.62 -26.83
N GLY D 166 14.79 9.98 -27.75
CA GLY D 166 13.60 10.62 -28.30
C GLY D 166 12.40 10.68 -27.34
N MET D 167 12.56 10.18 -26.10
CA MET D 167 11.44 10.09 -25.16
C MET D 167 10.98 11.50 -24.83
N GLY D 168 11.87 12.48 -24.98
CA GLY D 168 11.50 13.87 -24.72
C GLY D 168 10.32 14.36 -25.56
N ILE D 169 10.19 13.84 -26.79
CA ILE D 169 9.14 14.25 -27.72
C ILE D 169 7.76 13.81 -27.21
N PRO D 170 7.48 12.50 -26.96
CA PRO D 170 6.19 12.08 -26.40
C PRO D 170 5.78 12.79 -25.10
N VAL D 171 6.72 12.92 -24.15
CA VAL D 171 6.50 13.66 -22.92
C VAL D 171 6.09 15.11 -23.20
N GLY D 172 6.91 15.85 -23.95
CA GLY D 172 6.61 17.26 -24.22
C GLY D 172 5.33 17.41 -25.03
N LYS D 173 5.12 16.51 -25.99
CA LYS D 173 3.92 16.53 -26.79
C LYS D 173 2.68 16.34 -25.91
N LEU D 174 2.71 15.39 -24.97
CA LEU D 174 1.53 15.17 -24.14
C LEU D 174 1.31 16.34 -23.20
N ALA D 175 2.37 17.05 -22.80
CA ALA D 175 2.16 18.24 -21.99
C ALA D 175 1.27 19.24 -22.73
N LEU D 176 1.45 19.30 -24.07
CA LEU D 176 0.72 20.24 -24.90
C LEU D 176 -0.70 19.72 -25.09
N TYR D 177 -0.86 18.41 -25.21
CA TYR D 177 -2.19 17.82 -25.22
C TYR D 177 -3.01 18.37 -24.06
N THR D 178 -2.40 18.42 -22.86
CA THR D 178 -3.06 18.87 -21.66
C THR D 178 -3.15 20.39 -21.63
N ALA D 179 -2.00 21.08 -21.72
CA ALA D 179 -1.98 22.52 -21.59
C ALA D 179 -2.89 23.17 -22.63
N CYS D 180 -2.83 22.67 -23.87
CA CYS D 180 -3.49 23.31 -25.00
C CYS D 180 -4.93 22.82 -25.19
N GLY D 181 -5.19 21.53 -24.93
CA GLY D 181 -6.46 20.95 -25.32
C GLY D 181 -7.27 20.39 -24.14
N GLY D 182 -6.69 20.51 -22.94
CA GLY D 182 -7.37 20.02 -21.73
C GLY D 182 -7.52 18.51 -21.67
N MET D 183 -6.64 17.74 -22.34
CA MET D 183 -6.61 16.31 -22.07
C MET D 183 -6.12 16.04 -20.65
N ASN D 184 -6.75 15.06 -19.97
CA ASN D 184 -6.37 14.66 -18.62
C ASN D 184 -4.99 13.98 -18.68
N PRO D 185 -3.94 14.55 -18.06
CA PRO D 185 -2.60 13.97 -18.13
C PRO D 185 -2.50 12.58 -17.48
N GLN D 186 -3.32 12.34 -16.45
CA GLN D 186 -3.40 11.03 -15.80
C GLN D 186 -3.88 9.94 -16.77
N GLU D 187 -4.59 10.36 -17.82
CA GLU D 187 -5.12 9.51 -18.88
C GLU D 187 -4.19 9.44 -20.09
N CYS D 188 -3.00 10.02 -20.00
CA CYS D 188 -2.10 10.04 -21.15
C CYS D 188 -0.84 9.23 -20.87
N LEU D 189 -0.34 8.56 -21.90
CA LEU D 189 0.78 7.66 -21.77
C LEU D 189 1.81 7.95 -22.87
N PRO D 190 2.98 8.55 -22.57
CA PRO D 190 4.03 8.70 -23.56
C PRO D 190 4.83 7.41 -23.64
N VAL D 191 5.10 6.96 -24.88
CA VAL D 191 5.75 5.68 -25.12
C VAL D 191 6.95 5.90 -26.04
N ILE D 192 8.07 5.22 -25.75
CA ILE D 192 9.09 5.11 -26.77
C ILE D 192 9.28 3.64 -27.09
N LEU D 193 9.34 3.33 -28.39
CA LEU D 193 9.72 2.02 -28.88
C LEU D 193 11.21 2.02 -29.22
N ASP D 194 11.98 1.21 -28.51
CA ASP D 194 13.42 1.14 -28.76
C ASP D 194 13.73 -0.16 -29.50
N VAL D 195 14.01 -0.01 -30.79
CA VAL D 195 14.41 -1.14 -31.60
C VAL D 195 15.89 -0.99 -31.96
N GLY D 196 16.55 -0.01 -31.33
CA GLY D 196 17.93 0.32 -31.62
C GLY D 196 18.11 1.73 -32.21
N THR D 197 19.35 2.11 -32.51
CA THR D 197 19.58 3.38 -33.16
C THR D 197 20.70 3.30 -34.20
N GLU D 198 20.63 4.19 -35.21
CA GLU D 198 21.64 4.30 -36.26
C GLU D 198 22.60 5.43 -35.90
N ASN D 199 22.34 6.08 -34.77
CA ASN D 199 23.11 7.24 -34.32
C ASN D 199 24.44 6.82 -33.71
N GLU D 200 25.51 7.13 -34.44
CA GLU D 200 26.81 6.60 -34.14
C GLU D 200 27.37 7.27 -32.88
N GLU D 201 27.04 8.54 -32.67
CA GLU D 201 27.57 9.21 -31.49
C GLU D 201 26.92 8.67 -30.22
N LEU D 202 25.64 8.29 -30.29
CA LEU D 202 25.01 7.71 -29.10
C LEU D 202 25.54 6.31 -28.87
N LEU D 203 25.76 5.58 -29.98
CA LEU D 203 26.18 4.19 -29.92
C LEU D 203 27.54 4.10 -29.23
N LYS D 204 28.26 5.22 -29.26
CA LYS D 204 29.64 5.32 -28.82
C LYS D 204 29.68 5.94 -27.43
N ASP D 205 28.56 6.55 -27.03
CA ASP D 205 28.50 7.34 -25.81
C ASP D 205 28.30 6.42 -24.60
N PRO D 206 29.17 6.51 -23.56
CA PRO D 206 29.02 5.66 -22.37
C PRO D 206 27.74 5.87 -21.57
N LEU D 207 27.09 7.02 -21.78
CA LEU D 207 25.98 7.41 -20.94
C LEU D 207 24.64 7.11 -21.60
N TYR D 208 24.65 6.65 -22.86
CA TYR D 208 23.42 6.47 -23.61
C TYR D 208 22.47 5.51 -22.89
N ILE D 209 21.17 5.88 -22.82
CA ILE D 209 20.22 5.20 -21.95
C ILE D 209 19.46 4.12 -22.71
N GLY D 210 19.62 4.08 -24.05
CA GLY D 210 18.84 3.17 -24.89
C GLY D 210 19.61 1.89 -25.25
N LEU D 211 19.00 1.04 -26.07
CA LEU D 211 19.64 -0.22 -26.47
C LEU D 211 20.86 0.08 -27.34
N ARG D 212 22.05 -0.33 -26.87
CA ARG D 212 23.27 -0.04 -27.60
C ARG D 212 23.38 -0.99 -28.79
N GLN D 213 22.53 -0.81 -29.81
CA GLN D 213 22.50 -1.67 -30.99
C GLN D 213 21.90 -0.89 -32.17
N ARG D 214 22.15 -1.39 -33.38
CA ARG D 214 21.59 -0.86 -34.61
C ARG D 214 20.11 -1.20 -34.68
N ARG D 215 19.35 -0.46 -35.49
CA ARG D 215 17.92 -0.63 -35.60
C ARG D 215 17.57 -1.98 -36.22
N VAL D 216 16.67 -2.71 -35.55
CA VAL D 216 16.02 -3.85 -36.17
C VAL D 216 15.08 -3.35 -37.28
N ARG D 217 15.23 -3.91 -38.49
CA ARG D 217 14.43 -3.57 -39.65
C ARG D 217 13.51 -4.73 -40.01
N GLY D 218 12.73 -4.55 -41.08
CA GLY D 218 12.03 -5.63 -41.74
C GLY D 218 10.83 -6.13 -40.95
N SER D 219 10.50 -7.41 -41.16
CA SER D 219 9.27 -7.98 -40.62
C SER D 219 9.35 -8.16 -39.10
N GLU D 220 10.57 -8.24 -38.55
CA GLU D 220 10.74 -8.27 -37.10
C GLU D 220 10.18 -6.97 -36.49
N TYR D 221 10.56 -5.84 -37.09
CA TYR D 221 10.03 -4.53 -36.75
C TYR D 221 8.51 -4.52 -36.89
N ASP D 222 8.03 -4.86 -38.09
CA ASP D 222 6.61 -4.82 -38.42
C ASP D 222 5.82 -5.65 -37.41
N ASP D 223 6.32 -6.84 -37.08
CA ASP D 223 5.62 -7.71 -36.13
C ASP D 223 5.61 -7.11 -34.73
N PHE D 224 6.69 -6.42 -34.35
CA PHE D 224 6.77 -5.72 -33.07
C PHE D 224 5.70 -4.64 -32.98
N LEU D 225 5.62 -3.79 -34.00
CA LEU D 225 4.64 -2.70 -34.05
C LEU D 225 3.22 -3.25 -34.01
N ASP D 226 2.98 -4.42 -34.62
CA ASP D 226 1.66 -5.02 -34.58
C ASP D 226 1.26 -5.41 -33.16
N GLU D 227 2.21 -5.97 -32.41
CA GLU D 227 1.90 -6.43 -31.07
C GLU D 227 1.57 -5.20 -30.23
N PHE D 228 2.32 -4.12 -30.48
CA PHE D 228 2.14 -2.90 -29.72
C PHE D 228 0.70 -2.42 -29.88
N MET D 229 0.25 -2.30 -31.15
CA MET D 229 -1.11 -1.84 -31.39
C MET D 229 -2.12 -2.76 -30.75
N GLU D 230 -1.91 -4.08 -30.82
CA GLU D 230 -2.79 -5.07 -30.19
C GLU D 230 -2.84 -4.90 -28.67
N ALA D 231 -1.66 -4.93 -28.02
CA ALA D 231 -1.56 -4.92 -26.57
C ALA D 231 -2.24 -3.67 -26.02
N VAL D 232 -1.88 -2.53 -26.60
CA VAL D 232 -2.33 -1.24 -26.13
C VAL D 232 -3.85 -1.12 -26.32
N SER D 233 -4.39 -1.50 -27.51
CA SER D 233 -5.82 -1.44 -27.77
C SER D 233 -6.59 -2.44 -26.90
N SER D 234 -5.96 -3.59 -26.65
CA SER D 234 -6.59 -4.63 -25.87
C SER D 234 -6.68 -4.24 -24.39
N LYS D 235 -5.61 -3.61 -23.87
CA LYS D 235 -5.62 -3.21 -22.46
C LYS D 235 -6.44 -1.94 -22.23
N TYR D 236 -6.34 -0.97 -23.14
CA TYR D 236 -6.96 0.32 -22.86
C TYR D 236 -8.25 0.48 -23.63
N GLY D 237 -8.56 -0.45 -24.54
CA GLY D 237 -9.78 -0.41 -25.35
C GLY D 237 -9.53 0.18 -26.75
N MET D 238 -10.51 0.02 -27.62
CA MET D 238 -10.35 0.38 -29.01
C MET D 238 -10.63 1.87 -29.19
N ASN D 239 -11.11 2.53 -28.13
CA ASN D 239 -11.34 3.97 -28.13
C ASN D 239 -10.09 4.75 -27.73
N CYS D 240 -9.06 4.03 -27.28
CA CYS D 240 -7.83 4.71 -26.88
C CYS D 240 -7.11 5.29 -28.10
N LEU D 241 -6.83 6.59 -28.03
CA LEU D 241 -6.18 7.30 -29.12
C LEU D 241 -4.68 6.99 -29.09
N ILE D 242 -4.13 6.69 -30.28
CA ILE D 242 -2.73 6.30 -30.46
C ILE D 242 -2.13 7.21 -31.52
N GLN D 243 -1.29 8.17 -31.11
CA GLN D 243 -0.72 9.14 -32.04
C GLN D 243 0.76 8.83 -32.27
N PHE D 244 1.11 8.55 -33.53
CA PHE D 244 2.49 8.32 -33.96
C PHE D 244 3.22 9.65 -34.09
N GLU D 245 4.47 9.71 -33.63
CA GLU D 245 5.28 10.93 -33.74
C GLU D 245 6.71 10.55 -34.05
N ASP D 246 7.29 11.26 -35.03
CA ASP D 246 8.73 11.29 -35.26
C ASP D 246 9.28 9.89 -35.56
N PHE D 247 8.49 9.12 -36.32
CA PHE D 247 9.01 7.96 -37.04
C PHE D 247 9.71 8.41 -38.33
N ALA D 248 10.60 7.56 -38.86
CA ALA D 248 11.18 7.83 -40.17
C ALA D 248 10.05 7.98 -41.19
N ASN D 249 10.37 8.65 -42.29
CA ASN D 249 9.37 9.02 -43.28
C ASN D 249 8.65 7.80 -43.87
N VAL D 250 9.40 6.79 -44.36
CA VAL D 250 8.71 5.68 -44.99
C VAL D 250 7.78 5.01 -43.97
N ASN D 251 8.33 4.70 -42.79
CA ASN D 251 7.58 4.16 -41.67
C ASN D 251 6.28 4.93 -41.37
N ALA D 252 6.37 6.27 -41.34
CA ALA D 252 5.25 7.07 -40.86
C ALA D 252 4.01 6.84 -41.73
N PHE D 253 4.17 7.03 -43.05
CA PHE D 253 3.09 6.87 -43.99
C PHE D 253 2.60 5.42 -43.99
N ARG D 254 3.56 4.49 -44.08
CA ARG D 254 3.32 3.06 -44.18
C ARG D 254 2.50 2.63 -42.95
N LEU D 255 2.99 3.04 -41.78
CA LEU D 255 2.31 2.62 -40.55
C LEU D 255 0.93 3.25 -40.45
N LEU D 256 0.80 4.52 -40.90
CA LEU D 256 -0.48 5.21 -40.84
C LEU D 256 -1.49 4.51 -41.74
N ASN D 257 -1.08 4.20 -42.99
CA ASN D 257 -1.94 3.48 -43.92
C ASN D 257 -2.32 2.11 -43.37
N LYS D 258 -1.37 1.43 -42.73
CA LYS D 258 -1.59 0.08 -42.25
C LYS D 258 -2.67 0.01 -41.17
N TYR D 259 -2.67 0.97 -40.21
CA TYR D 259 -3.46 0.80 -38.99
C TYR D 259 -4.69 1.70 -38.95
N ARG D 260 -4.69 2.77 -39.74
CA ARG D 260 -5.67 3.84 -39.58
C ARG D 260 -7.11 3.33 -39.67
N ASN D 261 -7.31 2.25 -40.43
CA ASN D 261 -8.64 1.71 -40.63
C ASN D 261 -9.08 0.84 -39.44
N GLN D 262 -8.16 0.22 -38.70
CA GLN D 262 -8.59 -0.60 -37.57
C GLN D 262 -8.49 0.11 -36.22
N TYR D 263 -7.57 1.06 -36.07
CA TYR D 263 -7.27 1.59 -34.76
C TYR D 263 -7.60 3.08 -34.72
N CYS D 264 -7.85 3.59 -33.52
CA CYS D 264 -8.05 5.01 -33.34
C CYS D 264 -6.70 5.72 -33.33
N THR D 265 -6.16 6.00 -34.54
CA THR D 265 -4.77 6.39 -34.68
C THR D 265 -4.59 7.46 -35.75
N PHE D 266 -3.58 8.30 -35.54
CA PHE D 266 -3.23 9.32 -36.51
C PHE D 266 -1.75 9.61 -36.33
N ASN D 267 -1.21 10.37 -37.28
CA ASN D 267 0.19 10.72 -37.21
C ASN D 267 0.24 12.22 -37.37
N ASP D 268 0.77 12.91 -36.36
CA ASP D 268 0.69 14.36 -36.35
C ASP D 268 1.65 14.97 -37.39
N ASP D 269 2.82 14.35 -37.57
CA ASP D 269 3.83 14.84 -38.51
C ASP D 269 3.24 14.97 -39.93
N ILE D 270 2.32 14.07 -40.30
CA ILE D 270 1.68 14.05 -41.61
C ILE D 270 0.37 14.87 -41.59
N GLN D 271 -0.58 14.45 -40.74
CA GLN D 271 -1.95 14.94 -40.78
C GLN D 271 -2.08 16.26 -40.03
N GLY D 272 -1.35 16.40 -38.91
CA GLY D 272 -1.41 17.63 -38.15
C GLY D 272 -0.85 18.78 -38.97
N THR D 273 0.25 18.48 -39.67
CA THR D 273 0.98 19.41 -40.50
C THR D 273 0.06 19.83 -41.67
N ALA D 274 -0.60 18.85 -42.28
CA ALA D 274 -1.49 19.14 -43.40
C ALA D 274 -2.56 20.11 -42.93
N SER D 275 -3.09 19.85 -41.73
CA SER D 275 -4.23 20.58 -41.26
C SER D 275 -3.85 22.04 -41.02
N VAL D 276 -2.76 22.28 -40.30
CA VAL D 276 -2.41 23.63 -39.94
C VAL D 276 -2.02 24.45 -41.17
N ALA D 277 -1.30 23.85 -42.13
CA ALA D 277 -0.92 24.59 -43.33
C ALA D 277 -2.17 24.96 -44.14
N VAL D 278 -3.17 24.09 -44.13
CA VAL D 278 -4.37 24.33 -44.92
C VAL D 278 -5.21 25.38 -44.22
N ALA D 279 -5.18 25.39 -42.87
CA ALA D 279 -5.86 26.43 -42.11
C ALA D 279 -5.28 27.78 -42.52
N GLY D 280 -3.96 27.83 -42.71
CA GLY D 280 -3.28 29.08 -43.05
C GLY D 280 -3.72 29.60 -44.42
N LEU D 281 -3.65 28.71 -45.42
CA LEU D 281 -4.15 28.92 -46.77
C LEU D 281 -5.57 29.50 -46.72
N LEU D 282 -6.46 28.79 -45.99
CA LEU D 282 -7.86 29.13 -45.90
C LEU D 282 -8.01 30.53 -45.31
N ALA D 283 -7.19 30.87 -44.31
CA ALA D 283 -7.15 32.20 -43.72
C ALA D 283 -6.74 33.25 -44.77
N ALA D 284 -5.77 32.89 -45.60
CA ALA D 284 -5.19 33.78 -46.60
C ALA D 284 -6.21 34.10 -47.70
N LEU D 285 -7.14 33.18 -47.97
CA LEU D 285 -8.14 33.38 -49.00
C LEU D 285 -9.08 34.51 -48.58
N ARG D 286 -9.14 34.78 -47.28
CA ARG D 286 -9.98 35.87 -46.81
C ARG D 286 -9.24 37.19 -46.98
N ILE D 287 -7.96 37.15 -47.37
CA ILE D 287 -7.25 38.37 -47.73
C ILE D 287 -7.27 38.56 -49.25
N THR D 288 -7.04 37.48 -49.99
CA THR D 288 -7.01 37.57 -51.44
C THR D 288 -8.43 37.60 -51.99
N LYS D 289 -9.40 37.34 -51.09
CA LYS D 289 -10.83 37.37 -51.39
C LYS D 289 -11.16 36.59 -52.66
N ASN D 290 -10.56 35.40 -52.81
CA ASN D 290 -10.91 34.55 -53.92
C ASN D 290 -10.93 33.08 -53.49
N LYS D 291 -11.22 32.19 -54.43
CA LYS D 291 -11.53 30.82 -54.11
C LYS D 291 -10.26 29.96 -54.21
N LEU D 292 -10.27 28.81 -53.53
CA LEU D 292 -9.10 27.97 -53.47
C LEU D 292 -8.81 27.45 -54.88
N SER D 293 -9.90 27.18 -55.62
CA SER D 293 -9.84 26.70 -56.99
C SER D 293 -9.16 27.72 -57.91
N ASP D 294 -8.96 28.95 -57.40
CA ASP D 294 -8.30 30.03 -58.14
C ASP D 294 -6.78 30.00 -57.96
N GLN D 295 -6.29 29.20 -56.99
CA GLN D 295 -4.90 29.25 -56.60
C GLN D 295 -4.08 28.37 -57.53
N THR D 296 -2.82 28.74 -57.66
CA THR D 296 -1.80 27.87 -58.22
C THR D 296 -0.74 27.75 -57.14
N ILE D 297 -0.51 26.53 -56.66
CA ILE D 297 0.32 26.29 -55.48
C ILE D 297 1.60 25.60 -55.91
N LEU D 298 2.72 26.11 -55.39
CA LEU D 298 4.02 25.56 -55.65
C LEU D 298 4.68 25.22 -54.32
N PHE D 299 5.03 23.94 -54.15
CA PHE D 299 5.73 23.47 -52.98
C PHE D 299 7.23 23.36 -53.25
N GLN D 300 8.04 24.07 -52.45
CA GLN D 300 9.46 23.76 -52.40
C GLN D 300 9.64 22.64 -51.39
N GLY D 301 9.87 21.43 -51.92
CA GLY D 301 9.85 20.18 -51.16
C GLY D 301 8.71 19.26 -51.58
N ALA D 302 8.87 17.96 -51.35
CA ALA D 302 7.86 16.99 -51.74
C ALA D 302 7.96 15.75 -50.86
N GLY D 303 8.24 16.01 -49.58
CA GLY D 303 8.40 14.96 -48.59
C GLY D 303 7.12 14.78 -47.78
N GLU D 304 7.26 14.45 -46.50
CA GLU D 304 6.13 14.20 -45.62
C GLU D 304 5.20 15.42 -45.58
N ALA D 305 5.80 16.60 -45.42
CA ALA D 305 4.99 17.78 -45.18
C ALA D 305 4.25 18.17 -46.47
N ALA D 306 4.98 18.25 -47.58
CA ALA D 306 4.39 18.70 -48.83
C ALA D 306 3.28 17.76 -49.28
N LEU D 307 3.52 16.45 -49.16
CA LEU D 307 2.56 15.52 -49.75
C LEU D 307 1.29 15.49 -48.92
N GLY D 308 1.43 15.71 -47.60
CA GLY D 308 0.27 15.65 -46.72
C GLY D 308 -0.59 16.90 -46.88
N ILE D 309 0.08 18.06 -46.99
CA ILE D 309 -0.60 19.32 -47.21
C ILE D 309 -1.34 19.24 -48.55
N ALA D 310 -0.63 18.75 -49.58
CA ALA D 310 -1.18 18.73 -50.93
C ALA D 310 -2.41 17.84 -50.99
N HIS D 311 -2.36 16.69 -50.31
CA HIS D 311 -3.48 15.76 -50.28
C HIS D 311 -4.71 16.42 -49.65
N LEU D 312 -4.47 17.23 -48.61
CA LEU D 312 -5.57 17.88 -47.95
C LEU D 312 -6.06 19.06 -48.79
N ILE D 313 -5.16 19.75 -49.50
CA ILE D 313 -5.62 20.79 -50.40
C ILE D 313 -6.57 20.18 -51.45
N VAL D 314 -6.18 19.04 -52.04
CA VAL D 314 -6.96 18.37 -53.06
C VAL D 314 -8.35 18.03 -52.51
N MET D 315 -8.39 17.50 -51.29
CA MET D 315 -9.66 17.20 -50.61
C MET D 315 -10.49 18.46 -50.49
N ALA D 316 -9.87 19.58 -50.07
CA ALA D 316 -10.60 20.83 -49.93
C ALA D 316 -11.07 21.35 -51.29
N LEU D 317 -10.30 21.04 -52.35
CA LEU D 317 -10.68 21.47 -53.68
C LEU D 317 -11.88 20.64 -54.15
N GLU D 318 -11.83 19.32 -53.91
CA GLU D 318 -12.96 18.43 -54.22
C GLU D 318 -14.21 18.81 -53.43
N LYS D 319 -14.05 19.27 -52.19
CA LYS D 319 -15.17 19.73 -51.40
C LYS D 319 -15.78 21.00 -52.01
N GLU D 320 -14.93 21.85 -52.62
CA GLU D 320 -15.43 23.07 -53.24
C GLU D 320 -16.17 22.73 -54.53
N GLY D 321 -15.77 21.65 -55.21
CA GLY D 321 -16.58 21.04 -56.25
C GLY D 321 -15.77 20.51 -57.44
N LEU D 322 -14.43 20.57 -57.38
CA LEU D 322 -13.62 20.22 -58.53
C LEU D 322 -13.28 18.72 -58.50
N PRO D 323 -13.51 17.97 -59.59
CA PRO D 323 -13.02 16.60 -59.68
C PRO D 323 -11.53 16.55 -59.34
N LYS D 324 -11.11 15.41 -58.78
CA LYS D 324 -9.75 15.21 -58.28
C LYS D 324 -8.73 15.50 -59.38
N GLU D 325 -9.01 15.01 -60.59
CA GLU D 325 -8.08 15.09 -61.71
C GLU D 325 -7.79 16.54 -62.08
N LYS D 326 -8.76 17.44 -61.86
CA LYS D 326 -8.62 18.86 -62.13
C LYS D 326 -7.97 19.61 -60.96
N ALA D 327 -8.26 19.18 -59.73
CA ALA D 327 -7.73 19.76 -58.51
C ALA D 327 -6.22 19.54 -58.43
N ILE D 328 -5.82 18.32 -58.78
CA ILE D 328 -4.45 17.88 -58.84
C ILE D 328 -3.62 18.84 -59.69
N LYS D 329 -4.24 19.39 -60.74
CA LYS D 329 -3.50 20.17 -61.71
C LYS D 329 -3.00 21.47 -61.09
N LYS D 330 -3.56 21.85 -59.92
CA LYS D 330 -3.33 23.13 -59.27
C LYS D 330 -2.07 23.12 -58.39
N ILE D 331 -1.37 21.99 -58.32
CA ILE D 331 -0.30 21.84 -57.35
C ILE D 331 0.95 21.34 -58.05
N TRP D 332 2.09 21.95 -57.71
CA TRP D 332 3.39 21.64 -58.27
C TRP D 332 4.38 21.43 -57.12
N LEU D 333 5.07 20.28 -57.13
CA LEU D 333 6.06 19.96 -56.12
C LEU D 333 7.45 20.08 -56.72
N VAL D 334 8.43 20.45 -55.89
CA VAL D 334 9.82 20.44 -56.32
C VAL D 334 10.62 19.64 -55.28
N ASP D 335 11.36 18.62 -55.71
CA ASP D 335 12.16 17.85 -54.77
C ASP D 335 13.64 18.17 -55.00
N SER D 336 14.53 17.37 -54.39
CA SER D 336 15.97 17.60 -54.43
C SER D 336 16.55 17.34 -55.82
N LYS D 337 15.76 16.66 -56.66
CA LYS D 337 16.13 16.42 -58.05
C LYS D 337 15.50 17.50 -58.92
N GLY D 338 14.63 18.32 -58.33
CA GLY D 338 14.02 19.43 -59.06
C GLY D 338 12.52 19.21 -59.28
N LEU D 339 11.94 19.99 -60.20
CA LEU D 339 10.50 20.01 -60.45
C LEU D 339 10.00 18.62 -60.75
N ILE D 340 8.84 18.28 -60.18
CA ILE D 340 8.27 16.96 -60.37
C ILE D 340 7.39 17.02 -61.61
N VAL D 341 7.69 16.14 -62.58
CA VAL D 341 6.97 16.06 -63.86
C VAL D 341 6.92 14.61 -64.34
N LYS D 342 6.00 14.32 -65.27
CA LYS D 342 5.83 13.01 -65.88
C LYS D 342 7.16 12.51 -66.46
N GLY D 343 7.42 11.21 -66.31
CA GLY D 343 8.56 10.58 -66.98
C GLY D 343 9.88 10.67 -66.20
N ARG D 344 9.98 11.63 -65.28
CA ARG D 344 11.23 11.97 -64.60
C ARG D 344 11.79 10.76 -63.86
N ALA D 345 13.13 10.68 -63.83
CA ALA D 345 13.84 9.71 -63.01
C ALA D 345 13.63 10.06 -61.54
N SER D 346 13.97 9.10 -60.66
CA SER D 346 13.77 9.26 -59.23
C SER D 346 12.39 9.84 -58.95
N LEU D 347 11.34 9.08 -59.28
CA LEU D 347 10.01 9.38 -58.80
C LEU D 347 9.47 8.19 -58.04
N THR D 348 9.12 8.40 -56.77
CA THR D 348 8.30 7.45 -56.02
C THR D 348 6.88 7.60 -56.52
N GLN D 349 6.07 6.57 -56.28
CA GLN D 349 4.73 6.50 -56.85
C GLN D 349 3.82 7.53 -56.19
N GLU D 350 4.25 8.05 -55.04
CA GLU D 350 3.48 9.05 -54.32
C GLU D 350 3.74 10.43 -54.94
N LYS D 351 4.98 10.70 -55.36
CA LYS D 351 5.25 11.94 -56.09
C LYS D 351 4.57 11.90 -57.46
N GLU D 352 4.40 10.68 -58.00
CA GLU D 352 3.78 10.44 -59.30
C GLU D 352 2.38 11.09 -59.38
N LYS D 353 1.75 11.31 -58.22
CA LYS D 353 0.38 11.77 -58.23
C LYS D 353 0.32 13.21 -58.74
N PHE D 354 1.46 13.91 -58.74
CA PHE D 354 1.48 15.31 -59.15
C PHE D 354 2.40 15.54 -60.35
N ALA D 355 2.77 14.46 -61.05
CA ALA D 355 3.72 14.53 -62.16
C ALA D 355 3.00 14.97 -63.43
N HIS D 356 2.88 16.29 -63.61
CA HIS D 356 2.13 16.78 -64.75
C HIS D 356 2.99 16.72 -66.00
N GLU D 357 2.32 16.97 -67.14
CA GLU D 357 3.00 17.09 -68.41
C GLU D 357 3.68 18.46 -68.46
N HIS D 358 5.01 18.43 -68.42
CA HIS D 358 5.82 19.63 -68.39
C HIS D 358 7.27 19.19 -68.53
N GLU D 359 8.15 20.11 -68.94
CA GLU D 359 9.55 19.77 -69.07
C GLU D 359 10.23 19.90 -67.70
N GLU D 360 11.20 19.01 -67.44
CA GLU D 360 12.03 19.09 -66.25
C GLU D 360 12.57 20.51 -66.06
N MET D 361 12.79 20.89 -64.80
CA MET D 361 13.48 22.13 -64.44
C MET D 361 14.16 21.87 -63.11
N LYS D 362 15.30 22.51 -62.84
CA LYS D 362 15.96 22.22 -61.58
C LYS D 362 16.24 23.49 -60.79
N ASN D 363 15.97 24.64 -61.40
CA ASN D 363 16.26 25.92 -60.78
C ASN D 363 14.95 26.49 -60.23
N LEU D 364 14.89 26.70 -58.90
CA LEU D 364 13.64 27.15 -58.27
C LEU D 364 13.19 28.48 -58.88
N GLU D 365 14.14 29.41 -59.04
CA GLU D 365 13.89 30.74 -59.57
C GLU D 365 13.17 30.67 -60.92
N ALA D 366 13.60 29.75 -61.79
CA ALA D 366 12.95 29.63 -63.09
C ALA D 366 11.65 28.82 -62.95
N ILE D 367 11.58 27.89 -62.01
CA ILE D 367 10.34 27.15 -61.80
C ILE D 367 9.23 28.14 -61.43
N VAL D 368 9.57 29.11 -60.56
CA VAL D 368 8.68 30.17 -60.10
C VAL D 368 8.21 31.01 -61.30
N GLN D 369 9.17 31.52 -62.09
CA GLN D 369 8.90 32.44 -63.19
C GLN D 369 8.07 31.73 -64.26
N GLU D 370 8.20 30.40 -64.31
CA GLU D 370 7.46 29.54 -65.20
C GLU D 370 6.05 29.25 -64.66
N ILE D 371 5.97 28.82 -63.39
CA ILE D 371 4.74 28.34 -62.80
C ILE D 371 3.83 29.53 -62.46
N LYS D 372 4.45 30.66 -62.09
CA LYS D 372 3.76 31.86 -61.62
C LYS D 372 2.70 31.50 -60.59
N PRO D 373 3.07 30.90 -59.43
CA PRO D 373 2.07 30.46 -58.45
C PRO D 373 1.54 31.66 -57.69
N THR D 374 0.31 31.54 -57.18
CA THR D 374 -0.25 32.54 -56.29
C THR D 374 0.12 32.22 -54.84
N ALA D 375 0.42 30.95 -54.55
CA ALA D 375 0.88 30.51 -53.24
C ALA D 375 2.16 29.70 -53.38
N LEU D 376 3.15 29.99 -52.53
CA LEU D 376 4.45 29.34 -52.57
C LEU D 376 4.72 28.78 -51.18
N ILE D 377 4.84 27.45 -51.07
CA ILE D 377 4.97 26.79 -49.78
C ILE D 377 6.33 26.11 -49.64
N GLY D 378 7.10 26.50 -48.60
CA GLY D 378 8.45 26.04 -48.34
C GLY D 378 8.52 24.98 -47.23
N VAL D 379 8.79 23.74 -47.63
CA VAL D 379 8.91 22.61 -46.72
C VAL D 379 10.04 21.72 -47.22
N ALA D 380 11.23 22.29 -47.43
CA ALA D 380 12.35 21.57 -48.01
C ALA D 380 13.55 21.57 -47.08
N ALA D 381 13.49 22.40 -46.03
CA ALA D 381 14.56 22.46 -45.03
C ALA D 381 15.84 23.07 -45.62
N ILE D 382 15.70 23.73 -46.77
CA ILE D 382 16.80 24.44 -47.42
C ILE D 382 16.71 25.93 -47.08
N GLY D 383 17.54 26.36 -46.11
CA GLY D 383 17.55 27.73 -45.64
C GLY D 383 17.79 28.73 -46.78
N GLY D 384 16.89 29.71 -46.93
CA GLY D 384 17.16 30.84 -47.81
C GLY D 384 16.74 30.60 -49.26
N ALA D 385 16.17 29.42 -49.54
CA ALA D 385 15.78 29.04 -50.90
C ALA D 385 14.82 30.05 -51.55
N PHE D 386 14.03 30.78 -50.75
CA PHE D 386 13.21 31.83 -51.31
C PHE D 386 14.06 33.08 -51.44
N SER D 387 14.79 33.16 -52.56
CA SER D 387 15.75 34.23 -52.79
C SER D 387 15.02 35.53 -53.12
N GLU D 388 15.75 36.63 -52.96
CA GLU D 388 15.25 37.96 -53.28
C GLU D 388 14.58 37.95 -54.66
N GLN D 389 15.17 37.21 -55.60
CA GLN D 389 14.67 37.14 -56.96
C GLN D 389 13.30 36.48 -56.98
N ILE D 390 13.16 35.34 -56.29
CA ILE D 390 11.91 34.60 -56.16
C ILE D 390 10.83 35.49 -55.54
N LEU D 391 11.18 36.20 -54.46
CA LEU D 391 10.27 37.05 -53.72
C LEU D 391 9.82 38.22 -54.60
N LYS D 392 10.77 38.78 -55.37
CA LYS D 392 10.52 39.86 -56.31
C LYS D 392 9.51 39.39 -57.36
N ASP D 393 9.70 38.16 -57.86
CA ASP D 393 8.78 37.59 -58.83
C ASP D 393 7.39 37.39 -58.22
N MET D 394 7.33 36.78 -57.03
CA MET D 394 6.06 36.52 -56.40
C MET D 394 5.22 37.79 -56.23
N ALA D 395 5.88 38.93 -55.95
CA ALA D 395 5.21 40.20 -55.73
C ALA D 395 4.83 40.83 -57.06
N ALA D 396 5.61 40.51 -58.11
CA ALA D 396 5.34 40.99 -59.45
C ALA D 396 4.10 40.30 -59.99
N PHE D 397 4.00 38.98 -59.73
CA PHE D 397 2.94 38.16 -60.31
C PHE D 397 1.66 38.23 -59.47
N ASN D 398 1.77 38.72 -58.22
CA ASN D 398 0.64 38.69 -57.31
C ASN D 398 0.50 40.02 -56.56
N GLU D 399 -0.70 40.58 -56.59
CA GLU D 399 -1.09 41.64 -55.69
C GLU D 399 -0.68 41.29 -54.26
N ARG D 400 -1.16 40.14 -53.75
CA ARG D 400 -0.83 39.68 -52.42
C ARG D 400 -0.30 38.24 -52.52
N PRO D 401 1.01 38.02 -52.75
CA PRO D 401 1.53 36.65 -52.88
C PRO D 401 1.44 35.94 -51.53
N ILE D 402 0.96 34.69 -51.54
CA ILE D 402 0.96 33.87 -50.33
C ILE D 402 2.30 33.14 -50.26
N ILE D 403 3.08 33.40 -49.19
CA ILE D 403 4.40 32.84 -49.01
C ILE D 403 4.50 32.23 -47.61
N PHE D 404 4.73 30.92 -47.58
CA PHE D 404 4.89 30.18 -46.34
C PHE D 404 6.32 29.64 -46.27
N ALA D 405 7.10 30.14 -45.30
CA ALA D 405 8.42 29.60 -44.99
C ALA D 405 8.30 28.67 -43.80
N LEU D 406 7.93 27.43 -44.05
CA LEU D 406 7.58 26.52 -42.97
C LEU D 406 8.77 25.77 -42.37
N SER D 407 9.96 25.83 -42.98
CA SER D 407 11.06 25.02 -42.51
C SER D 407 11.57 25.50 -41.14
N ASN D 408 12.05 24.53 -40.34
CA ASN D 408 12.40 24.76 -38.94
C ASN D 408 13.83 24.30 -38.67
N PRO D 409 14.61 24.92 -37.73
CA PRO D 409 14.21 26.15 -37.03
C PRO D 409 14.57 27.32 -37.94
N THR D 410 14.62 28.52 -37.35
CA THR D 410 14.79 29.79 -38.04
C THR D 410 15.83 29.68 -39.16
N SER D 411 16.95 29.02 -38.85
CA SER D 411 18.15 28.99 -39.69
C SER D 411 17.90 28.19 -40.97
N LYS D 412 16.77 27.49 -41.03
CA LYS D 412 16.45 26.63 -42.16
C LYS D 412 15.28 27.19 -42.97
N ALA D 413 14.78 28.35 -42.55
CA ALA D 413 13.64 29.01 -43.18
C ALA D 413 14.02 29.45 -44.59
N GLU D 414 13.07 29.23 -45.52
CA GLU D 414 13.19 29.60 -46.93
C GLU D 414 13.45 31.09 -47.07
N CYS D 415 12.89 31.89 -46.14
CA CYS D 415 13.25 33.29 -45.95
C CYS D 415 12.78 33.71 -44.56
N SER D 416 13.28 34.87 -44.10
CA SER D 416 12.82 35.47 -42.86
C SER D 416 11.61 36.36 -43.14
N ALA D 417 10.87 36.69 -42.08
CA ALA D 417 9.79 37.66 -42.17
C ALA D 417 10.35 38.98 -42.72
N GLU D 418 11.41 39.50 -42.09
CA GLU D 418 12.01 40.75 -42.51
C GLU D 418 12.20 40.78 -44.03
N GLN D 419 12.84 39.76 -44.58
CA GLN D 419 13.29 39.79 -45.97
C GLN D 419 12.08 39.75 -46.91
N CYS D 420 11.11 38.90 -46.56
CA CYS D 420 9.91 38.66 -47.32
C CYS D 420 9.10 39.95 -47.49
N TYR D 421 8.83 40.63 -46.36
CA TYR D 421 8.13 41.91 -46.33
C TYR D 421 8.92 43.02 -47.03
N LYS D 422 10.26 42.98 -46.94
CA LYS D 422 11.08 44.02 -47.56
C LYS D 422 10.95 43.91 -49.07
N ILE D 423 11.27 42.72 -49.59
CA ILE D 423 11.38 42.53 -51.02
C ILE D 423 9.98 42.57 -51.65
N THR D 424 8.95 42.07 -50.95
CA THR D 424 7.62 42.19 -51.52
C THR D 424 6.98 43.52 -51.11
N LYS D 425 7.79 44.45 -50.58
CA LYS D 425 7.29 45.77 -50.22
C LYS D 425 5.95 45.62 -49.51
N GLY D 426 5.91 44.70 -48.55
CA GLY D 426 4.89 44.67 -47.53
C GLY D 426 3.60 44.00 -47.97
N ARG D 427 3.55 43.40 -49.16
CA ARG D 427 2.25 42.86 -49.58
C ARG D 427 2.16 41.34 -49.49
N ALA D 428 3.28 40.68 -49.17
CA ALA D 428 3.27 39.23 -49.00
C ALA D 428 2.30 38.84 -47.87
N ILE D 429 1.55 37.77 -48.08
CA ILE D 429 0.84 37.12 -46.98
C ILE D 429 1.74 35.99 -46.47
N PHE D 430 2.23 36.16 -45.24
CA PHE D 430 3.36 35.38 -44.75
C PHE D 430 2.99 34.67 -43.46
N ALA D 431 3.43 33.42 -43.39
CA ALA D 431 3.47 32.67 -42.14
C ALA D 431 4.69 31.76 -42.20
N SER D 432 5.17 31.31 -41.04
CA SER D 432 6.37 30.50 -40.98
C SER D 432 6.15 29.34 -40.00
N GLY D 433 7.12 28.42 -40.00
CA GLY D 433 7.16 27.31 -39.07
C GLY D 433 7.72 27.76 -37.71
N SER D 434 8.81 28.53 -37.74
CA SER D 434 9.41 29.04 -36.51
C SER D 434 9.07 30.53 -36.36
N PRO D 435 8.98 31.06 -35.12
CA PRO D 435 8.50 32.43 -34.92
C PRO D 435 9.50 33.51 -35.35
N PHE D 436 8.99 34.54 -36.05
CA PHE D 436 9.76 35.76 -36.27
C PHE D 436 9.06 36.87 -35.52
N ASP D 437 9.86 37.86 -35.10
CA ASP D 437 9.36 39.07 -34.48
C ASP D 437 8.45 39.82 -35.46
N PRO D 438 7.51 40.64 -34.94
CA PRO D 438 6.75 41.56 -35.79
C PRO D 438 7.71 42.41 -36.63
N VAL D 439 7.23 42.84 -37.80
CA VAL D 439 8.07 43.56 -38.76
C VAL D 439 7.47 44.93 -39.04
N THR D 440 8.28 45.96 -38.81
CA THR D 440 7.82 47.32 -39.05
C THR D 440 8.28 47.78 -40.44
N LEU D 441 7.30 48.03 -41.32
CA LEU D 441 7.56 48.40 -42.70
C LEU D 441 8.01 49.86 -42.79
N PRO D 442 8.44 50.32 -43.99
CA PRO D 442 8.97 51.68 -44.12
C PRO D 442 7.92 52.78 -43.90
N ASN D 443 6.64 52.40 -44.01
CA ASN D 443 5.57 53.36 -43.81
C ASN D 443 5.23 53.48 -42.32
N GLY D 444 5.86 52.62 -41.50
CA GLY D 444 5.73 52.67 -40.05
C GLY D 444 4.61 51.76 -39.53
N GLN D 445 3.97 51.00 -40.41
CA GLN D 445 3.01 49.97 -39.99
C GLN D 445 3.76 48.67 -39.67
N THR D 446 3.23 47.92 -38.70
CA THR D 446 3.81 46.64 -38.30
C THR D 446 2.88 45.51 -38.70
N LEU D 447 3.48 44.45 -39.27
CA LEU D 447 2.80 43.20 -39.57
C LEU D 447 3.27 42.13 -38.59
N TYR D 448 2.39 41.16 -38.31
CA TYR D 448 2.64 40.16 -37.29
C TYR D 448 2.52 38.77 -37.91
N PRO D 449 3.56 38.26 -38.58
CA PRO D 449 3.43 36.94 -39.21
C PRO D 449 3.34 35.93 -38.08
N GLY D 450 2.40 34.99 -38.21
CA GLY D 450 2.25 33.96 -37.19
C GLY D 450 2.94 32.66 -37.59
N GLN D 451 2.77 31.62 -36.78
CA GLN D 451 3.43 30.36 -37.05
C GLN D 451 2.36 29.29 -37.25
N GLY D 452 2.45 28.58 -38.38
CA GLY D 452 1.71 27.36 -38.63
C GLY D 452 2.19 26.22 -37.72
N ASN D 453 1.90 26.37 -36.44
CA ASN D 453 2.29 25.47 -35.37
C ASN D 453 1.30 24.30 -35.28
N ASN D 454 1.81 23.08 -35.21
CA ASN D 454 1.01 21.86 -35.11
C ASN D 454 0.11 21.84 -33.86
N SER D 455 0.50 22.62 -32.84
CA SER D 455 -0.20 22.81 -31.58
C SER D 455 -1.63 23.33 -31.77
N TYR D 456 -1.87 24.05 -32.86
CA TYR D 456 -3.22 24.49 -33.18
C TYR D 456 -4.15 23.31 -33.46
N VAL D 457 -3.60 22.15 -33.84
CA VAL D 457 -4.40 21.07 -34.41
C VAL D 457 -4.51 19.89 -33.45
N PHE D 458 -3.40 19.27 -33.04
CA PHE D 458 -3.50 17.97 -32.40
C PHE D 458 -4.29 18.01 -31.07
N PRO D 459 -4.17 19.05 -30.21
CA PRO D 459 -4.85 19.03 -28.92
C PRO D 459 -6.37 18.96 -29.12
N GLY D 460 -6.88 19.74 -30.07
CA GLY D 460 -8.31 19.75 -30.33
C GLY D 460 -8.81 18.50 -31.04
N VAL D 461 -7.94 17.90 -31.87
CA VAL D 461 -8.35 16.67 -32.55
C VAL D 461 -8.51 15.61 -31.47
N ALA D 462 -7.51 15.52 -30.58
CA ALA D 462 -7.52 14.46 -29.58
C ALA D 462 -8.71 14.65 -28.65
N LEU D 463 -8.95 15.90 -28.20
CA LEU D 463 -10.09 16.18 -27.35
C LEU D 463 -11.40 15.72 -28.02
N GLY D 464 -11.59 16.09 -29.30
CA GLY D 464 -12.84 15.79 -29.99
C GLY D 464 -13.05 14.29 -30.14
N VAL D 465 -12.01 13.61 -30.67
CA VAL D 465 -12.07 12.19 -30.95
C VAL D 465 -12.45 11.40 -29.69
N VAL D 466 -11.73 11.66 -28.58
CA VAL D 466 -11.91 10.97 -27.31
C VAL D 466 -13.26 11.32 -26.68
N ALA D 467 -13.66 12.60 -26.71
CA ALA D 467 -14.92 13.03 -26.12
C ALA D 467 -16.13 12.28 -26.66
N CYS D 468 -16.20 12.05 -27.99
CA CYS D 468 -17.40 11.42 -28.57
C CYS D 468 -17.17 9.95 -28.91
N GLY D 469 -15.92 9.49 -28.80
CA GLY D 469 -15.62 8.07 -28.91
C GLY D 469 -15.51 7.60 -30.36
N LEU D 470 -14.95 8.46 -31.23
CA LEU D 470 -14.66 8.13 -32.62
C LEU D 470 -13.67 6.98 -32.61
N ARG D 471 -13.89 5.98 -33.47
CA ARG D 471 -13.07 4.79 -33.44
C ARG D 471 -11.94 4.86 -34.47
N GLN D 472 -12.07 5.77 -35.45
CA GLN D 472 -11.09 6.00 -36.49
C GLN D 472 -11.00 7.51 -36.69
N ILE D 473 -9.90 7.99 -37.27
CA ILE D 473 -9.75 9.42 -37.47
C ILE D 473 -9.55 9.65 -38.97
N THR D 474 -10.63 10.04 -39.71
CA THR D 474 -10.57 10.22 -41.15
C THR D 474 -9.73 11.45 -41.47
N ASP D 475 -9.36 11.62 -42.75
CA ASP D 475 -8.68 12.85 -43.11
C ASP D 475 -9.65 14.03 -43.08
N ASN D 476 -10.94 13.75 -43.15
CA ASN D 476 -11.93 14.82 -43.12
C ASN D 476 -11.91 15.59 -41.79
N ILE D 477 -11.55 14.90 -40.71
CA ILE D 477 -11.38 15.53 -39.41
C ILE D 477 -10.37 16.68 -39.54
N PHE D 478 -9.32 16.41 -40.31
CA PHE D 478 -8.23 17.36 -40.50
C PHE D 478 -8.68 18.54 -41.36
N LEU D 479 -9.54 18.27 -42.36
CA LEU D 479 -10.09 19.31 -43.20
C LEU D 479 -11.03 20.19 -42.37
N THR D 480 -11.92 19.55 -41.59
CA THR D 480 -12.86 20.27 -40.73
C THR D 480 -12.09 21.13 -39.74
N THR D 481 -11.03 20.53 -39.17
CA THR D 481 -10.17 21.23 -38.22
C THR D 481 -9.54 22.47 -38.87
N ALA D 482 -9.03 22.34 -40.11
CA ALA D 482 -8.41 23.49 -40.76
C ALA D 482 -9.42 24.64 -40.88
N GLU D 483 -10.65 24.30 -41.30
CA GLU D 483 -11.72 25.26 -41.45
C GLU D 483 -11.98 25.96 -40.12
N VAL D 484 -12.11 25.18 -39.04
CA VAL D 484 -12.39 25.76 -37.73
C VAL D 484 -11.32 26.78 -37.34
N ILE D 485 -10.04 26.45 -37.50
CA ILE D 485 -8.95 27.32 -37.05
C ILE D 485 -9.01 28.63 -37.83
N ALA D 486 -9.15 28.51 -39.17
CA ALA D 486 -9.28 29.66 -40.04
C ALA D 486 -10.43 30.58 -39.60
N GLN D 487 -11.56 29.99 -39.17
CA GLN D 487 -12.71 30.79 -38.74
C GLN D 487 -12.43 31.55 -37.45
N GLN D 488 -11.36 31.18 -36.71
CA GLN D 488 -11.08 31.83 -35.44
C GLN D 488 -10.27 33.10 -35.66
N VAL D 489 -9.74 33.30 -36.87
CA VAL D 489 -8.97 34.49 -37.15
C VAL D 489 -9.94 35.65 -37.41
N SER D 490 -9.83 36.73 -36.64
CA SER D 490 -10.67 37.92 -36.88
C SER D 490 -10.17 38.66 -38.13
N ASP D 491 -11.07 39.44 -38.77
CA ASP D 491 -10.65 40.24 -39.90
C ASP D 491 -9.51 41.18 -39.49
N LYS D 492 -9.61 41.73 -38.27
CA LYS D 492 -8.64 42.65 -37.72
C LYS D 492 -7.24 42.02 -37.69
N HIS D 493 -7.18 40.73 -37.33
CA HIS D 493 -5.97 39.91 -37.30
C HIS D 493 -5.37 39.77 -38.69
N LEU D 494 -6.23 39.47 -39.69
CA LEU D 494 -5.80 39.31 -41.06
C LEU D 494 -5.16 40.61 -41.58
N GLU D 495 -5.64 41.75 -41.09
CA GLU D 495 -5.16 43.07 -41.49
C GLU D 495 -3.80 43.33 -40.86
N GLU D 496 -3.52 42.63 -39.76
CA GLU D 496 -2.23 42.74 -39.09
C GLU D 496 -1.26 41.72 -39.68
N GLY D 497 -1.72 40.93 -40.65
CA GLY D 497 -0.88 39.93 -41.32
C GLY D 497 -0.79 38.58 -40.59
N ARG D 498 -1.70 38.33 -39.64
CA ARG D 498 -1.74 37.10 -38.86
C ARG D 498 -2.67 36.10 -39.53
N LEU D 499 -2.17 34.89 -39.83
CA LEU D 499 -3.00 33.88 -40.44
C LEU D 499 -3.61 32.93 -39.41
N TYR D 500 -3.23 33.11 -38.14
CA TYR D 500 -3.58 32.13 -37.12
C TYR D 500 -4.12 32.83 -35.88
N PRO D 501 -5.03 32.19 -35.13
CA PRO D 501 -5.55 32.80 -33.90
C PRO D 501 -4.39 32.85 -32.91
N PRO D 502 -4.46 33.70 -31.87
CA PRO D 502 -3.32 33.90 -30.96
C PRO D 502 -3.07 32.67 -30.10
N LEU D 503 -1.81 32.48 -29.76
CA LEU D 503 -1.38 31.32 -29.01
C LEU D 503 -2.02 31.30 -27.63
N ASN D 504 -2.25 32.48 -27.05
CA ASN D 504 -2.80 32.58 -25.69
C ASN D 504 -4.30 32.30 -25.67
N THR D 505 -4.90 32.05 -26.83
CA THR D 505 -6.30 31.65 -26.87
C THR D 505 -6.43 30.16 -27.21
N ILE D 506 -5.34 29.39 -27.11
CA ILE D 506 -5.29 28.11 -27.80
C ILE D 506 -6.33 27.14 -27.24
N ARG D 507 -6.62 27.25 -25.92
CA ARG D 507 -7.57 26.33 -25.33
C ARG D 507 -8.94 26.55 -25.94
N ASP D 508 -9.24 27.81 -26.28
CA ASP D 508 -10.52 28.12 -26.88
C ASP D 508 -10.59 27.53 -28.29
N VAL D 509 -9.50 27.66 -29.05
CA VAL D 509 -9.44 27.08 -30.38
C VAL D 509 -9.62 25.56 -30.30
N SER D 510 -9.01 24.92 -29.30
CA SER D 510 -9.09 23.47 -29.15
C SER D 510 -10.54 23.06 -28.85
N LEU D 511 -11.20 23.83 -27.97
CA LEU D 511 -12.60 23.61 -27.66
C LEU D 511 -13.45 23.65 -28.94
N LYS D 512 -13.24 24.69 -29.77
CA LYS D 512 -13.96 24.88 -31.03
C LYS D 512 -13.69 23.71 -31.99
N ILE D 513 -12.42 23.32 -32.15
CA ILE D 513 -12.10 22.16 -32.98
C ILE D 513 -12.85 20.92 -32.47
N ALA D 514 -12.87 20.71 -31.14
CA ALA D 514 -13.48 19.50 -30.61
C ALA D 514 -15.00 19.48 -30.76
N GLU D 515 -15.63 20.62 -30.47
CA GLU D 515 -17.06 20.86 -30.66
C GLU D 515 -17.49 20.39 -32.04
N LYS D 516 -16.77 20.86 -33.07
CA LYS D 516 -17.09 20.50 -34.44
C LYS D 516 -16.98 18.99 -34.66
N ILE D 517 -15.85 18.37 -34.25
CA ILE D 517 -15.69 16.93 -34.39
C ILE D 517 -16.90 16.20 -33.76
N VAL D 518 -17.29 16.65 -32.57
CA VAL D 518 -18.32 16.00 -31.77
C VAL D 518 -19.69 16.21 -32.43
N LYS D 519 -19.94 17.42 -32.93
CA LYS D 519 -21.19 17.70 -33.63
C LYS D 519 -21.29 16.79 -34.85
N ASP D 520 -20.25 16.79 -35.70
CA ASP D 520 -20.22 15.96 -36.89
C ASP D 520 -20.44 14.49 -36.55
N ALA D 521 -19.87 14.00 -35.45
CA ALA D 521 -19.87 12.55 -35.22
C ALA D 521 -21.26 12.04 -34.80
N TYR D 522 -22.02 12.86 -34.06
CA TYR D 522 -23.41 12.53 -33.73
C TYR D 522 -24.29 12.66 -34.97
N GLN D 523 -24.08 13.76 -35.73
CA GLN D 523 -24.77 14.07 -36.97
C GLN D 523 -24.73 12.88 -37.94
N GLU D 524 -23.58 12.17 -38.00
CA GLU D 524 -23.45 11.10 -38.96
C GLU D 524 -23.23 9.75 -38.29
N LYS D 525 -23.62 9.66 -37.00
CA LYS D 525 -23.74 8.42 -36.26
C LYS D 525 -22.40 7.67 -36.24
N THR D 526 -21.30 8.38 -36.01
CA THR D 526 -19.99 7.75 -35.94
C THR D 526 -19.49 7.77 -34.51
N ALA D 527 -20.10 8.62 -33.68
CA ALA D 527 -19.80 8.66 -32.25
C ALA D 527 -20.27 7.37 -31.59
N THR D 528 -19.63 7.01 -30.46
CA THR D 528 -19.94 5.76 -29.79
C THR D 528 -20.25 5.98 -28.31
N VAL D 529 -20.20 7.25 -27.86
CA VAL D 529 -20.49 7.63 -26.48
C VAL D 529 -21.96 8.00 -26.44
N TYR D 530 -22.77 7.24 -25.68
CA TYR D 530 -24.20 7.44 -25.63
C TYR D 530 -24.70 7.45 -24.18
N PRO D 531 -25.71 8.29 -23.84
CA PRO D 531 -26.55 8.97 -24.84
C PRO D 531 -25.91 10.25 -25.37
N GLU D 532 -26.44 10.76 -26.49
CA GLU D 532 -25.97 12.00 -27.10
C GLU D 532 -26.21 13.17 -26.15
N PRO D 533 -25.21 14.02 -25.86
CA PRO D 533 -25.43 15.22 -25.03
C PRO D 533 -26.34 16.21 -25.75
N GLN D 534 -27.14 16.94 -24.96
CA GLN D 534 -28.01 17.99 -25.46
C GLN D 534 -27.14 19.07 -26.08
N ASN D 535 -26.13 19.53 -25.32
CA ASN D 535 -25.31 20.68 -25.65
C ASN D 535 -23.86 20.23 -25.82
N LYS D 536 -23.40 20.22 -27.07
CA LYS D 536 -22.09 19.65 -27.38
C LYS D 536 -20.98 20.50 -26.78
N GLU D 537 -21.19 21.83 -26.78
CA GLU D 537 -20.30 22.80 -26.17
C GLU D 537 -20.04 22.42 -24.72
N ALA D 538 -21.10 22.30 -23.92
CA ALA D 538 -20.93 22.06 -22.50
C ALA D 538 -20.40 20.65 -22.25
N PHE D 539 -20.64 19.73 -23.20
CA PHE D 539 -20.22 18.35 -23.02
C PHE D 539 -18.69 18.25 -23.14
N VAL D 540 -18.14 18.95 -24.14
CA VAL D 540 -16.69 18.92 -24.36
C VAL D 540 -16.00 19.67 -23.22
N ARG D 541 -16.55 20.81 -22.82
CA ARG D 541 -16.03 21.55 -21.68
C ARG D 541 -15.94 20.64 -20.47
N SER D 542 -16.99 19.88 -20.18
CA SER D 542 -17.00 19.05 -18.99
C SER D 542 -15.91 17.99 -19.06
N GLN D 543 -15.35 17.74 -20.24
CA GLN D 543 -14.36 16.69 -20.38
C GLN D 543 -12.94 17.26 -20.25
N MET D 544 -12.80 18.59 -20.14
CA MET D 544 -11.51 19.25 -20.15
C MET D 544 -10.90 19.35 -18.74
N TYR D 545 -9.64 18.90 -18.62
CA TYR D 545 -8.88 18.96 -17.39
C TYR D 545 -8.67 20.42 -16.98
N SER D 546 -9.00 20.68 -15.72
CA SER D 546 -8.81 22.00 -15.12
C SER D 546 -7.46 22.03 -14.39
N THR D 547 -6.87 23.22 -14.21
CA THR D 547 -5.60 23.34 -13.51
C THR D 547 -5.89 23.61 -12.03
N ASP D 548 -7.17 23.71 -11.69
CA ASP D 548 -7.57 23.81 -10.29
C ASP D 548 -7.34 22.49 -9.57
N TYR D 549 -6.85 22.57 -8.33
CA TYR D 549 -6.75 21.40 -7.46
C TYR D 549 -8.10 20.74 -7.28
N ASP D 550 -8.08 19.41 -7.29
CA ASP D 550 -9.24 18.62 -6.86
C ASP D 550 -9.28 18.64 -5.35
N GLN D 551 -10.47 18.44 -4.79
CA GLN D 551 -10.55 18.07 -3.39
C GLN D 551 -10.41 16.55 -3.31
N ILE D 552 -9.66 16.08 -2.31
CA ILE D 552 -9.35 14.66 -2.18
C ILE D 552 -9.66 14.16 -0.78
N LEU D 553 -10.06 15.06 0.11
CA LEU D 553 -10.53 14.68 1.44
C LEU D 553 -11.74 13.75 1.32
N PRO D 554 -11.94 12.82 2.29
CA PRO D 554 -13.15 11.99 2.29
C PRO D 554 -14.36 12.92 2.32
N ASP D 555 -15.45 12.44 1.71
CA ASP D 555 -16.73 13.12 1.79
C ASP D 555 -17.32 12.87 3.18
N CYS D 556 -17.35 13.89 4.04
CA CYS D 556 -17.91 13.72 5.37
C CYS D 556 -19.26 14.45 5.47
N TYR D 557 -20.23 13.80 6.10
CA TYR D 557 -21.61 14.26 6.24
C TYR D 557 -22.29 13.42 7.33
N SER D 558 -23.17 14.04 8.12
CA SER D 558 -23.78 13.32 9.22
C SER D 558 -25.08 12.63 8.79
N TRP D 559 -25.57 11.72 9.63
CA TRP D 559 -26.91 11.15 9.57
C TRP D 559 -27.73 11.74 10.74
N PRO D 560 -29.09 11.75 10.66
CA PRO D 560 -29.92 12.09 11.83
C PRO D 560 -29.40 11.37 13.07
N GLU D 561 -29.51 12.04 14.22
CA GLU D 561 -28.82 11.61 15.42
C GLU D 561 -29.29 10.23 15.86
N GLU D 562 -30.56 9.91 15.56
CA GLU D 562 -31.21 8.71 16.05
C GLU D 562 -30.55 7.44 15.48
N VAL D 563 -30.19 7.50 14.19
CA VAL D 563 -29.64 6.35 13.49
C VAL D 563 -28.11 6.32 13.60
N GLN D 564 -27.49 7.46 13.91
CA GLN D 564 -26.04 7.65 13.97
C GLN D 564 -25.53 7.23 15.35
N LYS D 565 -26.47 7.17 16.31
CA LYS D 565 -26.19 6.88 17.71
C LYS D 565 -25.52 5.52 17.84
N ILE D 566 -24.46 5.43 18.64
CA ILE D 566 -23.89 4.15 19.03
C ILE D 566 -24.88 3.43 19.94
N GLN D 567 -25.23 2.18 19.59
CA GLN D 567 -26.27 1.41 20.27
C GLN D 567 -25.66 0.60 21.41
N THR D 568 -26.24 0.75 22.62
CA THR D 568 -25.90 -0.05 23.79
C THR D 568 -27.12 -0.85 24.26
N LYS D 569 -27.06 -1.34 25.50
CA LYS D 569 -28.19 -1.99 26.15
C LYS D 569 -28.49 -1.30 27.49
#